data_3ZWV
#
_entry.id   3ZWV
#
_cell.length_a   61.146
_cell.length_b   76.481
_cell.length_c   141.366
_cell.angle_alpha   88.09
_cell.angle_beta   90.88
_cell.angle_gamma   91.02
#
_symmetry.space_group_name_H-M   'P 1'
#
loop_
_entity.id
_entity.type
_entity.pdbx_description
1 polymer 'ADP-RIBOSYL CYCLASE'
2 non-polymer '[(2R,3S,4R,5R)-5-(6-amino-9H-purin-9-yl)-3,4-dihydroxytetrahydrofuran-2-yl]methyl [(2R,3R,4R)-4-fluoro-3-hydroxytetrahydrofuran-2-yl]methyl dihydrogen diphosphate'
3 water water
#
_entity_poly.entity_id   1
_entity_poly.type   'polypeptide(L)'
_entity_poly.pdbx_seq_one_letter_code
;AAIVPTRELENVFLGRCKDYEITRYLDILPRVRSDCSALWKDFFKAFSFKNPCDLDLGSYKDFFTSAQQQLPKNKVMFWS
GVYDEAHDYANTGRKYITLEDTLPGYMLNSLVWCGQRANPGFNEKVCPDFKTCPVQARESFWGMASSSYAHSAEGEVTYM
VDGSNPKVPAYRPDSFFGKYELPNLTNKVTRVKVIVLHRLGEKIIEKCGAGSLLDLEKLVKAKHFAFDCVENPRAVLFLL
CSDNPNARECRLAKRFYRIA
;
_entity_poly.pdbx_strand_id   A,B,C,D,E,F,G,H
#
loop_
_chem_comp.id
_chem_comp.type
_chem_comp.name
_chem_comp.formula
AVU non-polymer '[(2R,3S,4R,5R)-5-(6-amino-9H-purin-9-yl)-3,4-dihydroxytetrahydrofuran-2-yl]methyl [(2R,3R,4R)-4-fluoro-3-hydroxytetrahydrofuran-2-yl]methyl dihydrogen diphosphate' 'C15 H22 F N5 O12 P2'
#
# COMPACT_ATOMS: atom_id res chain seq x y z
N ILE A 3 -42.68 -18.59 -8.55
CA ILE A 3 -43.10 -19.94 -9.03
C ILE A 3 -42.00 -20.59 -9.90
N VAL A 4 -41.82 -21.90 -9.74
CA VAL A 4 -40.62 -22.60 -10.25
C VAL A 4 -40.78 -23.23 -11.66
N PRO A 5 -40.07 -22.72 -12.68
CA PRO A 5 -40.23 -23.28 -14.03
C PRO A 5 -39.62 -24.70 -14.17
N THR A 6 -40.26 -25.56 -14.96
CA THR A 6 -39.66 -26.83 -15.38
C THR A 6 -38.22 -26.63 -15.85
N ARG A 7 -37.32 -27.46 -15.36
CA ARG A 7 -35.95 -27.44 -15.76
C ARG A 7 -35.83 -28.05 -17.14
N GLU A 8 -34.79 -27.67 -17.89
CA GLU A 8 -34.47 -28.31 -19.19
C GLU A 8 -35.70 -28.47 -20.10
N LEU A 9 -36.45 -27.37 -20.21
CA LEU A 9 -37.72 -27.32 -20.88
C LEU A 9 -37.65 -27.92 -22.28
N GLU A 10 -36.59 -27.54 -22.98
CA GLU A 10 -36.39 -27.98 -24.35
C GLU A 10 -36.21 -29.49 -24.40
N ASN A 11 -35.33 -30.01 -23.55
CA ASN A 11 -35.04 -31.43 -23.61
C ASN A 11 -36.28 -32.23 -23.12
N VAL A 12 -37.06 -31.67 -22.19
CA VAL A 12 -38.29 -32.34 -21.75
C VAL A 12 -39.27 -32.38 -22.89
N PHE A 13 -39.51 -31.22 -23.53
CA PHE A 13 -40.39 -31.11 -24.71
C PHE A 13 -40.00 -32.10 -25.77
N LEU A 14 -38.69 -32.13 -26.07
CA LEU A 14 -38.14 -32.88 -27.17
C LEU A 14 -38.24 -34.36 -26.87
N GLY A 15 -37.84 -34.75 -25.67
CA GLY A 15 -37.91 -36.14 -25.23
C GLY A 15 -39.36 -36.59 -25.17
N ARG A 16 -40.21 -35.76 -24.59
CA ARG A 16 -41.64 -36.08 -24.66
C ARG A 16 -42.17 -36.30 -26.09
N CYS A 17 -41.69 -35.47 -27.03
CA CYS A 17 -42.33 -35.42 -28.34
C CYS A 17 -41.89 -36.60 -29.18
N LYS A 18 -40.62 -36.96 -29.05
CA LYS A 18 -40.10 -38.12 -29.69
C LYS A 18 -40.73 -39.41 -29.12
N ASP A 19 -40.98 -39.44 -27.83
CA ASP A 19 -41.51 -40.71 -27.24
C ASP A 19 -42.97 -40.86 -27.73
N TYR A 20 -43.73 -39.78 -27.62
CA TYR A 20 -45.09 -39.78 -28.15
C TYR A 20 -45.07 -40.20 -29.61
N GLU A 21 -44.18 -39.59 -30.39
CA GLU A 21 -44.15 -39.78 -31.86
C GLU A 21 -44.00 -41.25 -32.23
N ILE A 22 -43.01 -41.90 -31.64
CA ILE A 22 -42.66 -43.26 -32.02
C ILE A 22 -43.47 -44.30 -31.28
N THR A 23 -43.97 -43.95 -30.09
CA THR A 23 -44.60 -45.03 -29.24
C THR A 23 -45.97 -44.81 -28.60
N ARG A 24 -46.59 -43.65 -28.80
CA ARG A 24 -47.75 -43.34 -27.92
C ARG A 24 -49.02 -43.21 -28.72
N TYR A 25 -50.06 -43.84 -28.20
CA TYR A 25 -51.36 -43.83 -28.80
C TYR A 25 -51.40 -44.27 -30.23
N LEU A 26 -50.56 -45.22 -30.61
CA LEU A 26 -50.38 -45.57 -32.03
C LEU A 26 -51.66 -46.03 -32.74
N ASP A 27 -52.49 -46.80 -32.06
CA ASP A 27 -53.69 -47.31 -32.77
C ASP A 27 -54.93 -46.46 -32.50
N ILE A 28 -54.71 -45.26 -31.96
CA ILE A 28 -55.73 -44.44 -31.31
C ILE A 28 -55.75 -43.02 -31.88
N LEU A 29 -54.58 -42.48 -32.23
CA LEU A 29 -54.37 -41.12 -32.59
C LEU A 29 -53.23 -41.08 -33.63
N PRO A 30 -53.42 -40.27 -34.70
CA PRO A 30 -52.59 -40.06 -35.88
C PRO A 30 -51.31 -39.38 -35.53
N ARG A 31 -50.22 -39.65 -36.25
CA ARG A 31 -49.02 -38.83 -36.07
C ARG A 31 -49.23 -37.47 -36.81
N VAL A 32 -48.48 -36.44 -36.41
CA VAL A 32 -48.51 -35.18 -37.12
C VAL A 32 -47.40 -35.17 -38.18
N ARG A 33 -47.58 -34.38 -39.24
CA ARG A 33 -46.56 -34.29 -40.29
C ARG A 33 -45.23 -33.75 -39.73
N SER A 34 -45.32 -32.76 -38.86
CA SER A 34 -44.16 -31.96 -38.51
C SER A 34 -43.25 -32.62 -37.46
N ASP A 35 -41.95 -32.49 -37.64
CA ASP A 35 -41.05 -33.15 -36.71
C ASP A 35 -40.81 -32.33 -35.46
N CYS A 36 -40.34 -33.03 -34.44
CA CYS A 36 -40.18 -32.52 -33.07
C CYS A 36 -39.39 -31.21 -33.05
N SER A 37 -38.22 -31.23 -33.67
CA SER A 37 -37.39 -30.05 -33.90
C SER A 37 -38.25 -28.85 -34.39
N ALA A 38 -39.00 -29.03 -35.48
CA ALA A 38 -39.86 -27.91 -35.96
C ALA A 38 -40.86 -27.43 -34.90
N LEU A 39 -41.42 -28.38 -34.13
CA LEU A 39 -42.49 -28.07 -33.19
C LEU A 39 -41.95 -27.31 -31.96
N TRP A 40 -40.68 -27.53 -31.63
CA TRP A 40 -40.05 -26.77 -30.57
C TRP A 40 -40.06 -25.33 -30.95
N LYS A 41 -39.60 -25.09 -32.19
CA LYS A 41 -39.49 -23.75 -32.76
C LYS A 41 -40.78 -22.95 -32.66
N ASP A 42 -41.91 -23.54 -33.05
CA ASP A 42 -43.20 -22.83 -33.09
C ASP A 42 -43.67 -22.54 -31.68
N PHE A 43 -43.22 -23.39 -30.77
CA PHE A 43 -43.63 -23.35 -29.41
C PHE A 43 -42.78 -22.25 -28.77
N PHE A 44 -41.48 -22.30 -29.01
CA PHE A 44 -40.55 -21.33 -28.45
C PHE A 44 -40.93 -19.93 -28.90
N LYS A 45 -41.09 -19.74 -30.21
CA LYS A 45 -41.21 -18.38 -30.78
C LYS A 45 -42.40 -17.69 -30.15
N ALA A 46 -43.33 -18.50 -29.63
CA ALA A 46 -44.62 -17.95 -29.20
C ALA A 46 -44.52 -17.08 -27.95
N PHE A 47 -43.68 -17.49 -27.00
CA PHE A 47 -43.52 -16.79 -25.73
C PHE A 47 -42.12 -16.19 -25.57
N SER A 48 -41.18 -16.66 -26.37
CA SER A 48 -39.81 -16.18 -26.36
C SER A 48 -39.64 -14.69 -26.69
N PHE A 49 -38.73 -14.05 -25.95
CA PHE A 49 -38.31 -12.66 -26.17
C PHE A 49 -39.48 -11.68 -26.12
N LYS A 50 -40.36 -11.94 -25.15
CA LYS A 50 -41.50 -11.10 -24.82
C LYS A 50 -41.65 -11.17 -23.30
N ASN A 51 -42.03 -10.05 -22.68
CA ASN A 51 -42.42 -10.07 -21.27
C ASN A 51 -43.40 -11.26 -21.06
N PRO A 52 -43.40 -11.88 -19.85
CA PRO A 52 -44.37 -12.96 -19.65
C PRO A 52 -45.82 -12.58 -19.99
N CYS A 53 -46.38 -11.60 -19.30
CA CYS A 53 -47.78 -11.22 -19.56
C CYS A 53 -48.04 -10.68 -20.98
N ASP A 54 -46.98 -10.51 -21.76
CA ASP A 54 -47.17 -10.14 -23.16
C ASP A 54 -47.44 -11.40 -24.00
N LEU A 55 -48.67 -11.89 -23.90
CA LEU A 55 -49.14 -13.05 -24.64
C LEU A 55 -50.64 -12.86 -24.84
N ASP A 56 -51.17 -13.35 -25.96
CA ASP A 56 -52.62 -13.30 -26.19
C ASP A 56 -53.14 -14.60 -26.79
N LEU A 57 -54.45 -14.67 -26.94
CA LEU A 57 -55.10 -15.84 -27.51
C LEU A 57 -54.30 -16.39 -28.68
N GLY A 58 -53.75 -15.52 -29.51
CA GLY A 58 -53.09 -16.00 -30.71
C GLY A 58 -51.59 -16.26 -30.59
N SER A 59 -51.02 -16.19 -29.40
CA SER A 59 -49.57 -16.39 -29.36
C SER A 59 -49.15 -17.79 -29.83
N TYR A 60 -49.91 -18.83 -29.50
CA TYR A 60 -49.48 -20.20 -29.80
C TYR A 60 -50.19 -20.84 -31.03
N LYS A 61 -50.75 -20.01 -31.89
CA LYS A 61 -51.58 -20.48 -32.98
C LYS A 61 -50.75 -21.30 -33.96
N ASP A 62 -49.46 -20.99 -34.11
CA ASP A 62 -48.65 -21.72 -35.09
C ASP A 62 -48.24 -23.08 -34.57
N PHE A 63 -47.86 -23.12 -33.31
CA PHE A 63 -47.68 -24.35 -32.58
C PHE A 63 -48.87 -25.27 -32.80
N PHE A 64 -50.07 -24.79 -32.49
CA PHE A 64 -51.30 -25.63 -32.56
C PHE A 64 -51.70 -26.08 -33.93
N THR A 65 -51.51 -25.24 -34.92
CA THR A 65 -51.71 -25.68 -36.32
C THR A 65 -50.86 -26.87 -36.63
N SER A 66 -49.57 -26.78 -36.32
CA SER A 66 -48.63 -27.88 -36.56
C SER A 66 -48.90 -29.11 -35.72
N ALA A 67 -49.38 -28.92 -34.50
CA ALA A 67 -49.46 -30.01 -33.53
C ALA A 67 -50.87 -30.61 -33.38
N GLN A 68 -51.87 -30.00 -34.04
CA GLN A 68 -53.26 -30.49 -33.94
C GLN A 68 -53.40 -31.78 -34.74
N GLN A 69 -53.96 -32.80 -34.12
CA GLN A 69 -54.21 -34.06 -34.80
C GLN A 69 -55.69 -34.04 -35.03
N GLN A 70 -56.19 -34.81 -36.00
CA GLN A 70 -57.64 -35.13 -36.05
C GLN A 70 -57.96 -36.18 -34.97
N LEU A 71 -59.22 -36.15 -34.54
CA LEU A 71 -59.64 -36.76 -33.32
C LEU A 71 -60.73 -37.71 -33.65
N PRO A 72 -60.65 -38.92 -33.09
CA PRO A 72 -61.54 -40.01 -33.47
C PRO A 72 -62.94 -39.69 -33.07
N LYS A 73 -63.86 -40.07 -33.93
CA LYS A 73 -65.24 -39.66 -33.85
C LYS A 73 -65.85 -40.36 -32.65
N ASN A 74 -66.71 -39.63 -31.91
CA ASN A 74 -67.44 -40.13 -30.72
C ASN A 74 -66.60 -40.34 -29.43
N LYS A 75 -65.34 -39.90 -29.48
CA LYS A 75 -64.36 -40.29 -28.50
C LYS A 75 -63.90 -39.16 -27.59
N VAL A 76 -64.10 -37.91 -28.01
CA VAL A 76 -63.52 -36.78 -27.28
C VAL A 76 -64.34 -36.46 -26.02
N MET A 77 -63.63 -36.05 -24.99
CA MET A 77 -64.27 -35.84 -23.71
C MET A 77 -63.73 -34.55 -23.25
N PHE A 78 -64.57 -33.77 -22.62
CA PHE A 78 -64.14 -32.50 -22.05
C PHE A 78 -64.56 -32.69 -20.64
N TRP A 79 -64.03 -31.87 -19.72
CA TRP A 79 -64.33 -32.03 -18.29
C TRP A 79 -64.31 -30.66 -17.63
N SER A 80 -65.10 -30.45 -16.60
CA SER A 80 -64.91 -29.22 -15.87
C SER A 80 -65.04 -29.49 -14.40
N GLY A 81 -63.95 -29.25 -13.67
CA GLY A 81 -63.92 -29.40 -12.22
C GLY A 81 -63.71 -30.81 -11.69
N VAL A 82 -63.56 -31.80 -12.59
CA VAL A 82 -63.41 -33.24 -12.19
C VAL A 82 -62.33 -33.97 -12.95
N TYR A 83 -61.17 -33.33 -13.01
CA TYR A 83 -60.00 -33.84 -13.69
C TYR A 83 -59.71 -35.32 -13.49
N ASP A 84 -59.58 -35.74 -12.25
CA ASP A 84 -59.04 -37.09 -12.01
C ASP A 84 -60.03 -38.18 -12.44
N GLU A 85 -61.32 -37.98 -12.06
CA GLU A 85 -62.40 -38.86 -12.42
C GLU A 85 -62.54 -39.02 -13.93
N ALA A 86 -62.55 -37.88 -14.65
CA ALA A 86 -62.70 -37.90 -16.08
C ALA A 86 -61.52 -38.64 -16.69
N HIS A 87 -60.32 -38.30 -16.25
CA HIS A 87 -59.14 -39.01 -16.76
C HIS A 87 -59.17 -40.49 -16.45
N ASP A 88 -59.53 -40.84 -15.22
CA ASP A 88 -59.73 -42.27 -14.86
C ASP A 88 -60.78 -42.96 -15.74
N TYR A 89 -61.91 -42.28 -15.92
CA TYR A 89 -62.94 -42.90 -16.69
C TYR A 89 -62.52 -43.00 -18.15
N ALA A 90 -61.82 -41.98 -18.68
CA ALA A 90 -61.41 -42.07 -20.10
C ALA A 90 -60.35 -43.14 -20.37
N ASN A 91 -59.51 -43.36 -19.36
CA ASN A 91 -58.63 -44.54 -19.31
C ASN A 91 -57.53 -44.55 -20.37
N THR A 92 -56.72 -43.49 -20.38
CA THR A 92 -55.59 -43.32 -21.28
C THR A 92 -55.95 -43.65 -22.69
N GLY A 93 -57.03 -43.07 -23.16
CA GLY A 93 -57.43 -43.20 -24.53
C GLY A 93 -58.17 -44.48 -24.92
N ARG A 94 -58.49 -45.36 -23.99
CA ARG A 94 -59.17 -46.57 -24.37
C ARG A 94 -60.71 -46.38 -24.50
N LYS A 95 -61.29 -45.59 -23.60
CA LYS A 95 -62.70 -45.39 -23.63
C LYS A 95 -62.96 -44.03 -24.27
N TYR A 96 -62.26 -42.99 -23.80
CA TYR A 96 -62.36 -41.66 -24.39
C TYR A 96 -60.96 -41.15 -24.51
N ILE A 97 -60.84 -40.10 -25.32
CA ILE A 97 -59.63 -39.29 -25.47
C ILE A 97 -59.77 -37.99 -24.66
N THR A 98 -58.74 -37.60 -23.93
CA THR A 98 -58.73 -36.25 -23.35
C THR A 98 -57.61 -35.41 -24.01
N LEU A 99 -57.58 -34.13 -23.70
CA LEU A 99 -56.56 -33.26 -24.21
C LEU A 99 -55.18 -33.84 -23.89
N GLU A 100 -55.04 -34.48 -22.72
CA GLU A 100 -53.69 -34.86 -22.32
C GLU A 100 -53.16 -36.09 -22.96
N ASP A 101 -54.06 -36.77 -23.68
CA ASP A 101 -53.77 -37.86 -24.62
C ASP A 101 -53.26 -37.32 -25.96
N THR A 102 -53.61 -36.08 -26.28
CA THR A 102 -53.10 -35.51 -27.53
C THR A 102 -51.63 -35.03 -27.40
N LEU A 103 -50.94 -34.96 -28.53
CA LEU A 103 -49.55 -34.61 -28.59
C LEU A 103 -49.25 -33.34 -27.75
N PRO A 104 -49.92 -32.22 -28.07
CA PRO A 104 -49.62 -31.02 -27.29
C PRO A 104 -50.02 -31.19 -25.85
N GLY A 105 -51.15 -31.83 -25.59
CA GLY A 105 -51.52 -32.05 -24.21
C GLY A 105 -50.46 -32.89 -23.51
N TYR A 106 -50.07 -33.99 -24.14
CA TYR A 106 -49.05 -34.88 -23.57
C TYR A 106 -47.66 -34.18 -23.36
N MET A 107 -47.23 -33.39 -24.33
CA MET A 107 -45.98 -32.67 -24.25
C MET A 107 -45.85 -31.62 -23.12
N LEU A 108 -46.90 -30.85 -22.90
CA LEU A 108 -46.78 -29.78 -21.95
C LEU A 108 -47.44 -30.02 -20.64
N ASN A 109 -48.16 -31.13 -20.48
CA ASN A 109 -48.82 -31.45 -19.20
C ASN A 109 -47.91 -31.25 -17.99
N SER A 110 -48.37 -30.42 -17.05
CA SER A 110 -47.62 -30.14 -15.83
C SER A 110 -46.51 -29.17 -16.01
N LEU A 111 -46.10 -28.89 -17.22
CA LEU A 111 -44.86 -28.12 -17.35
C LEU A 111 -45.12 -26.65 -17.05
N VAL A 112 -44.07 -25.94 -16.66
CA VAL A 112 -44.17 -24.55 -16.22
C VAL A 112 -43.05 -23.80 -16.95
N TRP A 113 -43.42 -22.69 -17.62
CA TRP A 113 -42.45 -21.94 -18.41
C TRP A 113 -42.92 -20.51 -18.73
N CYS A 114 -41.97 -19.66 -19.13
CA CYS A 114 -42.24 -18.24 -19.38
C CYS A 114 -41.10 -17.54 -20.15
N GLY A 115 -41.47 -16.57 -20.96
CA GLY A 115 -40.45 -15.74 -21.64
C GLY A 115 -39.81 -14.63 -20.81
N GLN A 116 -38.61 -14.21 -21.23
CA GLN A 116 -38.05 -12.90 -20.84
C GLN A 116 -37.51 -12.17 -22.08
N ARG A 117 -37.26 -10.87 -21.91
CA ARG A 117 -36.81 -10.00 -23.00
C ARG A 117 -35.37 -10.29 -23.32
N ALA A 118 -34.57 -10.52 -22.28
CA ALA A 118 -33.11 -10.72 -22.42
C ALA A 118 -32.77 -12.18 -22.68
N ASN A 119 -31.60 -12.43 -23.25
CA ASN A 119 -31.14 -13.78 -23.53
C ASN A 119 -31.15 -14.70 -22.30
N PRO A 120 -31.45 -16.00 -22.49
CA PRO A 120 -31.76 -16.64 -23.77
C PRO A 120 -33.24 -16.55 -24.20
N GLY A 121 -34.01 -15.66 -23.60
CA GLY A 121 -35.39 -15.37 -24.04
C GLY A 121 -36.44 -16.08 -23.21
N PHE A 122 -35.98 -16.98 -22.34
CA PHE A 122 -36.83 -17.65 -21.38
C PHE A 122 -36.16 -17.64 -20.01
N ASN A 123 -36.98 -17.75 -18.97
CA ASN A 123 -36.51 -17.71 -17.59
C ASN A 123 -36.43 -19.13 -17.03
N GLU A 124 -35.22 -19.63 -16.84
CA GLU A 124 -35.02 -20.95 -16.25
C GLU A 124 -35.09 -20.93 -14.71
N LYS A 125 -35.16 -19.73 -14.13
CA LYS A 125 -35.13 -19.56 -12.66
C LYS A 125 -36.44 -19.22 -11.97
N VAL A 126 -37.27 -18.37 -12.56
CA VAL A 126 -38.54 -17.98 -11.91
C VAL A 126 -39.64 -17.54 -12.91
N CYS A 127 -40.91 -17.83 -12.59
CA CYS A 127 -42.06 -17.41 -13.41
C CYS A 127 -43.17 -16.83 -12.52
N PRO A 128 -43.74 -15.68 -12.92
CA PRO A 128 -44.65 -14.89 -12.07
C PRO A 128 -45.88 -15.66 -11.62
N ASP A 129 -46.51 -15.23 -10.53
CA ASP A 129 -47.78 -15.85 -10.15
C ASP A 129 -48.78 -15.51 -11.24
N PHE A 130 -48.97 -16.45 -12.16
CA PHE A 130 -49.79 -16.23 -13.35
C PHE A 130 -51.22 -15.84 -13.01
N LYS A 131 -51.60 -15.99 -11.73
CA LYS A 131 -52.83 -15.40 -11.24
C LYS A 131 -52.72 -13.87 -11.23
N THR A 132 -51.52 -13.35 -11.54
CA THR A 132 -51.29 -11.90 -11.62
C THR A 132 -51.23 -11.29 -13.05
N CYS A 133 -51.12 -12.15 -14.08
CA CYS A 133 -51.14 -11.72 -15.49
C CYS A 133 -52.58 -11.48 -16.00
N PRO A 134 -52.75 -10.64 -17.05
CA PRO A 134 -54.09 -10.47 -17.60
C PRO A 134 -54.67 -11.77 -18.14
N VAL A 135 -55.98 -11.95 -18.01
CA VAL A 135 -56.69 -13.14 -18.49
C VAL A 135 -56.13 -13.72 -19.77
N GLN A 136 -56.28 -12.96 -20.86
CA GLN A 136 -55.90 -13.41 -22.19
C GLN A 136 -54.46 -13.96 -22.20
N ALA A 137 -53.60 -13.43 -21.33
CA ALA A 137 -52.20 -13.84 -21.23
C ALA A 137 -51.98 -15.09 -20.38
N ARG A 138 -52.70 -15.24 -19.27
CA ARG A 138 -52.58 -16.43 -18.43
C ARG A 138 -53.21 -17.66 -19.11
N GLU A 139 -54.22 -17.39 -19.94
CA GLU A 139 -54.94 -18.48 -20.63
C GLU A 139 -54.55 -18.51 -22.12
N SER A 140 -53.44 -17.85 -22.43
CA SER A 140 -52.89 -17.86 -23.76
C SER A 140 -52.54 -19.28 -24.26
N PHE A 141 -51.95 -20.12 -23.40
CA PHE A 141 -51.56 -21.46 -23.84
C PHE A 141 -52.64 -22.56 -23.78
N TRP A 142 -53.32 -22.72 -22.65
CA TRP A 142 -54.32 -23.76 -22.58
C TRP A 142 -55.60 -23.29 -23.23
N GLY A 143 -55.79 -21.96 -23.23
CA GLY A 143 -56.81 -21.27 -24.04
C GLY A 143 -56.80 -21.79 -25.46
N MET A 144 -55.66 -21.64 -26.14
CA MET A 144 -55.50 -22.09 -27.56
C MET A 144 -55.61 -23.57 -27.75
N ALA A 145 -55.00 -24.33 -26.83
CA ALA A 145 -55.13 -25.76 -26.77
C ALA A 145 -56.58 -26.15 -26.72
N SER A 146 -57.34 -25.59 -25.80
CA SER A 146 -58.76 -26.00 -25.65
C SER A 146 -59.58 -25.70 -26.90
N SER A 147 -59.33 -24.51 -27.51
CA SER A 147 -60.07 -24.10 -28.70
C SER A 147 -59.80 -25.06 -29.83
N SER A 148 -58.52 -25.36 -30.00
CA SER A 148 -58.05 -26.18 -31.10
C SER A 148 -58.57 -27.61 -30.96
N TYR A 149 -58.31 -28.25 -29.81
CA TYR A 149 -58.98 -29.52 -29.40
C TYR A 149 -60.50 -29.57 -29.72
N ALA A 150 -61.25 -28.65 -29.13
CA ALA A 150 -62.69 -28.51 -29.45
C ALA A 150 -62.97 -28.46 -30.97
N HIS A 151 -62.18 -27.64 -31.69
CA HIS A 151 -62.34 -27.49 -33.12
C HIS A 151 -62.11 -28.81 -33.85
N SER A 152 -61.33 -29.71 -33.24
CA SER A 152 -61.00 -30.94 -33.92
C SER A 152 -61.96 -32.10 -33.58
N ALA A 153 -62.87 -31.84 -32.65
CA ALA A 153 -63.79 -32.87 -32.14
C ALA A 153 -64.84 -33.22 -33.19
N GLU A 154 -65.17 -34.50 -33.27
CA GLU A 154 -66.11 -35.03 -34.26
C GLU A 154 -67.13 -36.01 -33.63
N GLY A 155 -68.38 -35.93 -34.06
CA GLY A 155 -69.39 -36.92 -33.62
C GLY A 155 -69.99 -36.57 -32.26
N GLU A 156 -70.14 -37.54 -31.38
CA GLU A 156 -70.63 -37.22 -30.04
C GLU A 156 -69.40 -36.89 -29.16
N VAL A 157 -69.53 -35.84 -28.34
CA VAL A 157 -68.54 -35.45 -27.36
C VAL A 157 -69.17 -35.65 -25.99
N THR A 158 -68.35 -36.06 -25.03
CA THR A 158 -68.78 -36.16 -23.66
C THR A 158 -68.29 -34.99 -22.77
N TYR A 159 -69.17 -34.46 -21.92
CA TYR A 159 -68.71 -33.43 -20.98
C TYR A 159 -68.97 -33.89 -19.56
N MET A 160 -67.90 -34.17 -18.79
CA MET A 160 -68.10 -34.58 -17.43
C MET A 160 -67.98 -33.34 -16.53
N VAL A 161 -68.87 -33.19 -15.55
CA VAL A 161 -68.99 -31.97 -14.73
C VAL A 161 -69.16 -32.31 -13.23
N ASP A 162 -68.79 -31.38 -12.34
CA ASP A 162 -68.99 -31.56 -10.92
C ASP A 162 -70.43 -31.15 -10.55
N GLY A 163 -71.18 -32.07 -9.93
CA GLY A 163 -72.56 -31.76 -9.53
C GLY A 163 -72.75 -31.54 -8.05
N SER A 164 -71.64 -31.52 -7.31
CA SER A 164 -71.63 -31.44 -5.85
C SER A 164 -70.80 -30.25 -5.40
N ASN A 165 -70.70 -29.25 -6.25
CA ASN A 165 -69.97 -28.04 -5.88
C ASN A 165 -70.87 -26.83 -5.59
N PRO A 166 -71.10 -26.53 -4.31
CA PRO A 166 -72.01 -25.40 -4.07
C PRO A 166 -71.49 -24.04 -4.60
N LYS A 167 -70.17 -23.89 -4.79
CA LYS A 167 -69.58 -22.56 -5.15
C LYS A 167 -69.41 -22.33 -6.65
N VAL A 168 -69.54 -23.42 -7.42
CA VAL A 168 -69.15 -23.43 -8.83
C VAL A 168 -70.15 -24.23 -9.64
N PRO A 169 -71.02 -23.55 -10.41
CA PRO A 169 -71.94 -24.25 -11.34
C PRO A 169 -71.24 -25.27 -12.27
N ALA A 170 -71.87 -26.42 -12.44
CA ALA A 170 -71.47 -27.46 -13.39
C ALA A 170 -71.17 -26.90 -14.78
N TYR A 171 -72.05 -26.06 -15.28
CA TYR A 171 -71.73 -25.25 -16.45
C TYR A 171 -71.64 -23.74 -16.12
N ARG A 172 -70.52 -23.10 -16.50
CA ARG A 172 -70.42 -21.63 -16.53
C ARG A 172 -69.84 -21.12 -17.86
N PRO A 173 -70.26 -19.93 -18.34
CA PRO A 173 -69.68 -19.39 -19.57
C PRO A 173 -68.20 -18.95 -19.47
N ASP A 174 -67.69 -18.87 -18.24
CA ASP A 174 -66.31 -18.43 -18.05
C ASP A 174 -65.36 -19.56 -17.66
N SER A 175 -65.85 -20.79 -17.61
CA SER A 175 -64.94 -21.93 -17.46
C SER A 175 -64.14 -22.09 -18.76
N PHE A 176 -63.09 -22.89 -18.73
CA PHE A 176 -62.41 -23.22 -19.98
C PHE A 176 -63.38 -23.82 -21.00
N PHE A 177 -64.21 -24.74 -20.54
CA PHE A 177 -65.26 -25.21 -21.39
C PHE A 177 -66.12 -24.08 -21.99
N GLY A 178 -66.57 -23.17 -21.14
CA GLY A 178 -67.56 -22.17 -21.60
C GLY A 178 -66.96 -21.12 -22.52
N LYS A 179 -65.72 -20.76 -22.22
CA LYS A 179 -64.98 -19.73 -22.96
C LYS A 179 -64.33 -20.33 -24.20
N TYR A 180 -63.76 -21.53 -24.13
CA TYR A 180 -62.92 -21.94 -25.27
C TYR A 180 -63.32 -23.20 -26.04
N GLU A 181 -64.16 -24.04 -25.46
CA GLU A 181 -64.44 -25.32 -26.06
C GLU A 181 -65.84 -25.29 -26.63
N LEU A 182 -66.83 -25.07 -25.77
CA LEU A 182 -68.17 -25.10 -26.27
C LEU A 182 -68.27 -24.17 -27.48
N PRO A 183 -67.77 -22.91 -27.39
CA PRO A 183 -68.01 -22.03 -28.55
C PRO A 183 -67.29 -22.45 -29.82
N ASN A 184 -66.25 -23.28 -29.70
CA ASN A 184 -65.44 -23.70 -30.85
C ASN A 184 -65.84 -25.08 -31.41
N LEU A 185 -66.92 -25.62 -30.87
CA LEU A 185 -67.50 -26.87 -31.36
C LEU A 185 -68.06 -26.61 -32.75
N THR A 186 -67.56 -27.32 -33.75
CA THR A 186 -68.00 -27.14 -35.11
C THR A 186 -69.17 -28.09 -35.40
N ASN A 187 -69.77 -27.98 -36.59
CA ASN A 187 -70.83 -28.91 -36.99
C ASN A 187 -70.32 -30.32 -37.35
N LYS A 188 -69.04 -30.60 -37.03
CA LYS A 188 -68.51 -31.96 -37.12
C LYS A 188 -69.11 -32.73 -35.96
N VAL A 189 -69.31 -32.02 -34.83
CA VAL A 189 -70.01 -32.51 -33.63
C VAL A 189 -71.51 -32.63 -33.88
N THR A 190 -72.09 -33.70 -33.32
CA THR A 190 -73.49 -34.02 -33.50
C THR A 190 -74.24 -34.00 -32.18
N ARG A 191 -73.55 -34.21 -31.09
CA ARG A 191 -74.23 -34.40 -29.80
C ARG A 191 -73.32 -34.05 -28.64
N VAL A 192 -73.89 -33.52 -27.57
CA VAL A 192 -73.11 -33.29 -26.36
C VAL A 192 -73.75 -34.19 -25.31
N LYS A 193 -72.98 -35.11 -24.73
CA LYS A 193 -73.47 -36.06 -23.74
C LYS A 193 -72.88 -35.60 -22.46
N VAL A 194 -73.71 -35.19 -21.52
CA VAL A 194 -73.22 -34.65 -20.27
C VAL A 194 -73.24 -35.78 -19.24
N ILE A 195 -72.11 -35.99 -18.57
CA ILE A 195 -72.04 -36.80 -17.35
C ILE A 195 -71.88 -35.90 -16.10
N VAL A 196 -72.85 -36.00 -15.20
CA VAL A 196 -72.86 -35.32 -13.92
C VAL A 196 -72.32 -36.20 -12.79
N LEU A 197 -71.21 -35.74 -12.18
CA LEU A 197 -70.57 -36.43 -11.06
C LEU A 197 -71.08 -35.98 -9.73
N HIS A 198 -71.85 -36.83 -9.06
CA HIS A 198 -72.23 -36.55 -7.71
C HIS A 198 -71.25 -37.25 -6.82
N ARG A 199 -70.20 -36.54 -6.39
CA ARG A 199 -69.22 -37.11 -5.47
C ARG A 199 -69.89 -37.88 -4.31
N LEU A 200 -69.29 -39.02 -3.94
CA LEU A 200 -69.85 -39.89 -2.88
C LEU A 200 -69.94 -39.16 -1.55
N GLY A 201 -71.15 -39.08 -0.99
CA GLY A 201 -71.32 -38.56 0.37
C GLY A 201 -71.15 -37.06 0.43
N GLU A 202 -71.57 -36.38 -0.63
CA GLU A 202 -71.71 -34.94 -0.63
C GLU A 202 -73.17 -34.54 -1.03
N LYS A 203 -73.56 -33.34 -0.71
CA LYS A 203 -74.84 -32.80 -1.15
C LYS A 203 -74.92 -32.80 -2.70
N ILE A 204 -76.02 -33.27 -3.26
CA ILE A 204 -76.22 -33.11 -4.68
C ILE A 204 -76.57 -31.64 -4.96
N ILE A 205 -75.82 -31.00 -5.83
CA ILE A 205 -76.06 -29.60 -6.02
C ILE A 205 -76.71 -29.44 -7.36
N GLU A 206 -76.10 -29.99 -8.37
CA GLU A 206 -76.75 -29.87 -9.65
C GLU A 206 -77.37 -31.19 -10.12
N LYS A 207 -78.34 -31.07 -11.02
CA LYS A 207 -79.06 -32.21 -11.54
C LYS A 207 -79.40 -31.90 -12.97
N CYS A 208 -79.51 -32.98 -13.75
CA CYS A 208 -79.92 -32.88 -15.15
C CYS A 208 -81.27 -32.11 -15.27
N GLY A 209 -81.32 -31.14 -16.19
CA GLY A 209 -82.57 -30.41 -16.50
C GLY A 209 -82.94 -29.21 -15.60
N ALA A 210 -82.03 -28.80 -14.73
CA ALA A 210 -82.25 -27.66 -13.89
C ALA A 210 -80.94 -26.85 -13.84
N GLY A 211 -81.06 -25.58 -13.44
CA GLY A 211 -79.92 -24.73 -13.18
C GLY A 211 -79.03 -24.59 -14.40
N SER A 212 -77.74 -24.82 -14.22
CA SER A 212 -76.78 -24.44 -15.25
C SER A 212 -76.90 -25.44 -16.35
N LEU A 213 -77.29 -26.65 -15.97
CA LEU A 213 -77.47 -27.73 -16.92
C LEU A 213 -78.56 -27.43 -17.96
N LEU A 214 -79.66 -26.82 -17.52
CA LEU A 214 -80.71 -26.40 -18.43
C LEU A 214 -80.14 -25.27 -19.27
N ASP A 215 -79.33 -24.42 -18.66
CA ASP A 215 -78.67 -23.38 -19.40
C ASP A 215 -77.82 -24.07 -20.49
N LEU A 216 -77.05 -25.09 -20.10
CA LEU A 216 -76.19 -25.81 -21.05
C LEU A 216 -77.00 -26.40 -22.19
N GLU A 217 -77.98 -27.23 -21.81
CA GLU A 217 -78.95 -27.82 -22.74
C GLU A 217 -79.54 -26.84 -23.80
N LYS A 218 -79.95 -25.65 -23.37
CA LYS A 218 -80.44 -24.61 -24.29
C LYS A 218 -79.39 -24.17 -25.31
N LEU A 219 -78.18 -23.84 -24.86
CA LEU A 219 -77.06 -23.50 -25.75
C LEU A 219 -76.75 -24.59 -26.77
N VAL A 220 -76.80 -25.84 -26.33
CA VAL A 220 -76.36 -26.95 -27.16
C VAL A 220 -77.32 -27.16 -28.33
N LYS A 221 -78.60 -27.12 -27.99
CA LYS A 221 -79.67 -27.26 -28.98
C LYS A 221 -79.72 -26.06 -29.93
N ALA A 222 -79.31 -24.89 -29.45
CA ALA A 222 -79.28 -23.71 -30.32
C ALA A 222 -78.26 -23.90 -31.44
N LYS A 223 -77.14 -24.57 -31.12
CA LYS A 223 -76.07 -24.85 -32.07
C LYS A 223 -76.45 -26.07 -32.94
N HIS A 224 -77.70 -26.52 -32.79
CA HIS A 224 -78.26 -27.72 -33.44
C HIS A 224 -77.52 -29.08 -33.21
N PHE A 225 -76.87 -29.26 -32.06
CA PHE A 225 -76.48 -30.59 -31.64
C PHE A 225 -77.63 -31.22 -30.83
N ALA A 226 -77.68 -32.55 -30.82
CA ALA A 226 -78.48 -33.35 -29.90
C ALA A 226 -77.87 -33.27 -28.52
N PHE A 227 -78.64 -33.64 -27.52
CA PHE A 227 -78.17 -33.45 -26.16
C PHE A 227 -78.69 -34.52 -25.24
N ASP A 228 -77.84 -35.00 -24.37
CA ASP A 228 -78.36 -35.81 -23.28
C ASP A 228 -77.51 -35.64 -22.01
N CYS A 229 -77.96 -36.26 -20.94
CA CYS A 229 -77.40 -35.96 -19.64
C CYS A 229 -77.71 -37.14 -18.71
N VAL A 230 -76.73 -37.68 -17.97
CA VAL A 230 -77.00 -38.61 -16.90
C VAL A 230 -76.21 -38.24 -15.66
N GLU A 231 -76.61 -38.77 -14.53
CA GLU A 231 -75.95 -38.48 -13.28
C GLU A 231 -75.44 -39.81 -12.77
N ASN A 232 -74.15 -39.86 -12.43
CA ASN A 232 -73.52 -41.10 -11.95
C ASN A 232 -73.96 -42.40 -12.71
N PRO A 233 -73.75 -42.44 -14.03
CA PRO A 233 -74.00 -43.72 -14.70
C PRO A 233 -73.14 -44.78 -14.03
N ARG A 234 -73.55 -46.04 -14.12
CA ARG A 234 -72.99 -47.06 -13.24
C ARG A 234 -71.48 -47.19 -13.45
N ALA A 235 -71.02 -46.97 -14.69
CA ALA A 235 -69.63 -47.29 -15.00
C ALA A 235 -68.76 -46.24 -14.33
N VAL A 236 -69.31 -45.03 -14.21
CA VAL A 236 -68.69 -43.98 -13.46
C VAL A 236 -68.78 -44.24 -11.94
N LEU A 237 -69.96 -44.61 -11.44
CA LEU A 237 -70.19 -44.92 -10.03
C LEU A 237 -69.16 -45.93 -9.52
N PHE A 238 -69.02 -47.01 -10.26
CA PHE A 238 -68.15 -48.13 -9.90
C PHE A 238 -66.74 -47.66 -9.74
N LEU A 239 -66.31 -46.78 -10.65
CA LEU A 239 -65.04 -46.12 -10.57
C LEU A 239 -64.83 -45.33 -9.25
N LEU A 240 -65.77 -44.45 -8.89
CA LEU A 240 -65.77 -43.75 -7.60
C LEU A 240 -65.81 -44.71 -6.39
N CYS A 241 -66.52 -45.81 -6.53
CA CYS A 241 -66.65 -46.72 -5.41
C CYS A 241 -65.33 -47.47 -5.17
N SER A 242 -64.49 -47.62 -6.19
CA SER A 242 -63.19 -48.29 -5.99
C SER A 242 -62.33 -47.47 -5.04
N ASP A 243 -62.42 -46.15 -5.16
CA ASP A 243 -61.75 -45.32 -4.17
C ASP A 243 -62.45 -45.23 -2.85
N ASN A 244 -63.77 -45.38 -2.81
CA ASN A 244 -64.44 -45.32 -1.51
C ASN A 244 -65.44 -46.46 -1.26
N PRO A 245 -64.92 -47.70 -1.13
CA PRO A 245 -65.76 -48.89 -1.21
C PRO A 245 -66.84 -48.93 -0.14
N ASN A 246 -66.64 -48.24 0.96
CA ASN A 246 -67.65 -48.33 1.99
C ASN A 246 -68.70 -47.20 2.02
N ALA A 247 -68.69 -46.31 1.01
CA ALA A 247 -69.71 -45.28 0.85
C ALA A 247 -71.09 -45.88 0.68
N ARG A 248 -72.08 -45.17 1.23
CA ARG A 248 -73.46 -45.66 1.27
C ARG A 248 -73.92 -46.07 -0.13
N GLU A 249 -73.46 -45.31 -1.12
CA GLU A 249 -74.04 -45.48 -2.44
C GLU A 249 -73.35 -46.57 -3.25
N CYS A 250 -72.43 -47.30 -2.61
CA CYS A 250 -71.74 -48.42 -3.24
C CYS A 250 -72.12 -49.72 -2.57
N ARG A 251 -73.22 -49.70 -1.82
CA ARG A 251 -73.72 -50.93 -1.19
C ARG A 251 -74.13 -51.90 -2.31
N LEU A 252 -73.82 -53.17 -2.14
CA LEU A 252 -74.22 -54.19 -3.11
C LEU A 252 -75.21 -55.18 -2.51
N ALA A 253 -75.98 -55.79 -3.41
CA ALA A 253 -76.90 -56.88 -3.11
C ALA A 253 -76.37 -57.92 -2.09
N LYS A 254 -77.31 -58.58 -1.42
CA LYS A 254 -76.99 -59.71 -0.54
C LYS A 254 -75.96 -60.61 -1.21
N ARG A 255 -76.10 -60.96 -2.39
N ILE B 3 -41.86 -59.40 -37.08
CA ILE B 3 -41.47 -58.57 -35.88
C ILE B 3 -40.47 -57.44 -36.19
N VAL B 4 -40.90 -56.18 -36.04
CA VAL B 4 -40.06 -55.00 -36.35
C VAL B 4 -39.57 -54.16 -35.13
N PRO B 5 -38.24 -54.02 -34.98
CA PRO B 5 -37.62 -53.21 -33.93
C PRO B 5 -38.17 -51.80 -33.92
N THR B 6 -38.25 -51.23 -32.74
CA THR B 6 -38.60 -49.81 -32.55
C THR B 6 -37.63 -48.88 -33.30
N ARG B 7 -38.18 -47.89 -34.03
CA ARG B 7 -37.44 -46.81 -34.72
C ARG B 7 -36.67 -46.05 -33.66
N GLU B 8 -35.48 -45.57 -34.02
CA GLU B 8 -34.71 -44.59 -33.21
C GLU B 8 -34.61 -44.98 -31.77
N LEU B 9 -34.18 -46.22 -31.50
CA LEU B 9 -34.20 -46.74 -30.16
C LEU B 9 -33.54 -45.78 -29.15
N GLU B 10 -32.36 -45.24 -29.49
CA GLU B 10 -31.62 -44.37 -28.59
C GLU B 10 -32.41 -43.12 -28.20
N ASN B 11 -32.93 -42.42 -29.20
CA ASN B 11 -33.72 -41.23 -29.02
C ASN B 11 -34.95 -41.52 -28.13
N VAL B 12 -35.63 -42.60 -28.44
CA VAL B 12 -36.77 -43.01 -27.65
C VAL B 12 -36.34 -43.23 -26.23
N PHE B 13 -35.30 -44.03 -26.05
CA PHE B 13 -34.71 -44.33 -24.72
C PHE B 13 -34.33 -43.04 -23.94
N LEU B 14 -33.62 -42.15 -24.62
CA LEU B 14 -33.09 -40.93 -23.99
C LEU B 14 -34.20 -39.95 -23.70
N GLY B 15 -35.20 -39.89 -24.58
CA GLY B 15 -36.28 -38.98 -24.30
C GLY B 15 -37.14 -39.47 -23.11
N ARG B 16 -37.34 -40.77 -23.01
CA ARG B 16 -38.18 -41.33 -21.95
C ARG B 16 -37.45 -41.11 -20.67
N CYS B 17 -36.15 -41.42 -20.69
CA CYS B 17 -35.30 -41.18 -19.54
C CYS B 17 -35.36 -39.76 -18.99
N LYS B 18 -35.25 -38.81 -19.89
CA LYS B 18 -35.15 -37.42 -19.55
C LYS B 18 -36.49 -36.96 -19.07
N ASP B 19 -37.56 -37.30 -19.81
CA ASP B 19 -38.93 -37.07 -19.36
C ASP B 19 -39.08 -37.60 -17.96
N TYR B 20 -38.71 -38.87 -17.72
CA TYR B 20 -38.89 -39.43 -16.39
C TYR B 20 -38.12 -38.64 -15.32
N GLU B 21 -36.78 -38.55 -15.47
CA GLU B 21 -35.91 -37.78 -14.56
C GLU B 21 -36.57 -36.48 -14.08
N ILE B 22 -36.90 -35.61 -15.03
CA ILE B 22 -37.43 -34.31 -14.72
C ILE B 22 -38.90 -34.22 -14.27
N THR B 23 -39.77 -35.12 -14.78
CA THR B 23 -41.19 -34.93 -14.49
C THR B 23 -42.05 -36.10 -14.02
N ARG B 24 -41.56 -37.33 -14.06
CA ARG B 24 -42.38 -38.48 -13.70
C ARG B 24 -42.09 -39.05 -12.32
N TYR B 25 -43.14 -39.23 -11.51
CA TYR B 25 -43.06 -39.97 -10.23
C TYR B 25 -42.24 -39.26 -9.16
N LEU B 26 -42.16 -37.93 -9.33
CA LEU B 26 -41.35 -37.05 -8.44
C LEU B 26 -41.57 -37.34 -6.93
N ASP B 27 -42.81 -37.56 -6.52
CA ASP B 27 -43.03 -37.71 -5.09
C ASP B 27 -43.15 -39.18 -4.67
N ILE B 28 -42.98 -40.06 -5.63
CA ILE B 28 -43.30 -41.46 -5.48
C ILE B 28 -42.05 -42.34 -5.54
N LEU B 29 -41.15 -42.06 -6.47
CA LEU B 29 -39.92 -42.83 -6.63
C LEU B 29 -38.69 -41.94 -6.73
N PRO B 30 -37.56 -42.38 -6.20
CA PRO B 30 -36.31 -41.62 -6.22
C PRO B 30 -35.70 -41.50 -7.55
N ARG B 31 -34.95 -40.44 -7.76
CA ARG B 31 -34.09 -40.27 -8.90
C ARG B 31 -32.94 -41.24 -8.73
N VAL B 32 -32.30 -41.64 -9.82
CA VAL B 32 -31.11 -42.50 -9.79
C VAL B 32 -29.92 -41.61 -9.94
N ARG B 33 -28.76 -42.09 -9.52
CA ARG B 33 -27.48 -41.35 -9.65
C ARG B 33 -27.11 -41.07 -11.09
N SER B 34 -27.08 -42.12 -11.93
CA SER B 34 -26.57 -42.00 -13.31
C SER B 34 -27.34 -41.04 -14.22
N ASP B 35 -26.64 -40.31 -15.08
CA ASP B 35 -27.35 -39.58 -16.12
C ASP B 35 -27.86 -40.49 -17.29
N CYS B 36 -28.59 -39.91 -18.22
CA CYS B 36 -29.25 -40.67 -19.23
C CYS B 36 -28.28 -41.27 -20.26
N SER B 37 -27.19 -40.55 -20.58
CA SER B 37 -26.09 -41.05 -21.43
C SER B 37 -25.39 -42.24 -20.86
N ALA B 38 -25.05 -42.18 -19.58
CA ALA B 38 -24.45 -43.34 -18.90
C ALA B 38 -25.42 -44.57 -18.91
N LEU B 39 -26.70 -44.30 -18.76
CA LEU B 39 -27.68 -45.39 -18.78
C LEU B 39 -27.79 -46.00 -20.18
N TRP B 40 -27.89 -45.14 -21.18
CA TRP B 40 -27.87 -45.63 -22.53
C TRP B 40 -26.62 -46.54 -22.74
N LYS B 41 -25.44 -46.12 -22.30
CA LYS B 41 -24.23 -46.86 -22.61
C LYS B 41 -24.24 -48.21 -21.93
N ASP B 42 -24.66 -48.24 -20.68
CA ASP B 42 -24.84 -49.51 -19.97
C ASP B 42 -25.88 -50.45 -20.67
N PHE B 43 -26.96 -49.86 -21.22
CA PHE B 43 -28.00 -50.59 -21.92
C PHE B 43 -27.50 -51.13 -23.23
N PHE B 44 -26.92 -50.23 -24.03
CA PHE B 44 -26.59 -50.52 -25.41
C PHE B 44 -25.52 -51.59 -25.50
N LYS B 45 -24.57 -51.58 -24.60
CA LYS B 45 -23.50 -52.58 -24.61
C LYS B 45 -23.95 -54.01 -24.24
N ALA B 46 -25.09 -54.16 -23.55
CA ALA B 46 -25.54 -55.51 -23.21
C ALA B 46 -25.88 -56.37 -24.44
N PHE B 47 -26.32 -55.76 -25.53
CA PHE B 47 -26.76 -56.47 -26.70
C PHE B 47 -26.06 -56.11 -28.00
N SER B 48 -25.44 -54.93 -28.05
CA SER B 48 -24.92 -54.38 -29.28
C SER B 48 -23.80 -55.24 -29.85
N PHE B 49 -23.72 -55.29 -31.19
CA PHE B 49 -22.57 -55.96 -31.91
C PHE B 49 -22.43 -57.47 -31.64
N LYS B 50 -23.57 -58.09 -31.37
CA LYS B 50 -23.63 -59.52 -31.11
C LYS B 50 -24.82 -60.04 -31.85
N ASN B 51 -24.84 -61.33 -32.15
CA ASN B 51 -26.02 -61.93 -32.74
C ASN B 51 -27.16 -61.74 -31.77
N PRO B 52 -28.38 -61.68 -32.29
CA PRO B 52 -29.51 -61.33 -31.46
C PRO B 52 -29.83 -62.36 -30.37
N CYS B 53 -29.30 -63.57 -30.48
CA CYS B 53 -29.49 -64.62 -29.47
C CYS B 53 -28.28 -64.79 -28.54
N ASP B 54 -27.32 -63.91 -28.67
CA ASP B 54 -26.10 -63.98 -27.88
C ASP B 54 -26.21 -63.11 -26.61
N LEU B 55 -26.99 -63.57 -25.64
CA LEU B 55 -27.17 -62.82 -24.39
C LEU B 55 -27.37 -63.90 -23.37
N ASP B 56 -27.35 -63.54 -22.11
CA ASP B 56 -27.51 -64.49 -21.04
C ASP B 56 -28.00 -63.64 -19.88
N LEU B 57 -28.17 -64.21 -18.69
CA LEU B 57 -28.77 -63.42 -17.60
C LEU B 57 -27.92 -62.27 -17.02
N GLY B 58 -26.62 -62.28 -17.29
CA GLY B 58 -25.75 -61.22 -16.84
C GLY B 58 -25.62 -60.08 -17.85
N SER B 59 -26.21 -60.22 -19.02
CA SER B 59 -25.96 -59.20 -20.02
C SER B 59 -26.31 -57.77 -19.57
N TYR B 60 -27.42 -57.58 -18.86
CA TYR B 60 -27.98 -56.23 -18.60
C TYR B 60 -27.72 -55.79 -17.18
N LYS B 61 -26.88 -56.55 -16.49
CA LYS B 61 -26.64 -56.35 -15.08
C LYS B 61 -26.20 -54.93 -14.75
N ASP B 62 -25.18 -54.44 -15.43
CA ASP B 62 -24.73 -53.10 -15.20
C ASP B 62 -25.83 -52.08 -15.45
N PHE B 63 -26.62 -52.31 -16.48
CA PHE B 63 -27.73 -51.40 -16.74
C PHE B 63 -28.64 -51.42 -15.50
N PHE B 64 -28.85 -52.60 -14.96
CA PHE B 64 -29.81 -52.71 -13.87
C PHE B 64 -29.31 -52.15 -12.55
N THR B 65 -28.01 -52.30 -12.30
CA THR B 65 -27.44 -51.73 -11.13
C THR B 65 -27.58 -50.19 -11.14
N SER B 66 -27.21 -49.57 -12.25
CA SER B 66 -27.38 -48.18 -12.46
C SER B 66 -28.80 -47.63 -12.32
N ALA B 67 -29.73 -48.30 -13.00
CA ALA B 67 -31.13 -47.83 -13.14
C ALA B 67 -32.09 -48.20 -11.99
N GLN B 68 -31.66 -49.12 -11.15
CA GLN B 68 -32.43 -49.57 -10.01
C GLN B 68 -32.60 -48.46 -8.97
N GLN B 69 -33.86 -48.14 -8.70
CA GLN B 69 -34.29 -47.21 -7.67
C GLN B 69 -34.51 -47.98 -6.36
N GLN B 70 -34.40 -47.30 -5.22
CA GLN B 70 -35.03 -47.78 -3.98
C GLN B 70 -36.54 -47.67 -4.18
N LEU B 71 -37.27 -48.62 -3.61
CA LEU B 71 -38.72 -48.80 -3.80
C LEU B 71 -39.44 -48.58 -2.50
N PRO B 72 -40.59 -47.91 -2.54
CA PRO B 72 -41.23 -47.58 -1.26
C PRO B 72 -41.79 -48.79 -0.53
N LYS B 73 -41.61 -48.79 0.78
CA LYS B 73 -41.88 -49.94 1.63
C LYS B 73 -43.38 -50.22 1.59
N ASN B 74 -43.77 -51.46 1.40
CA ASN B 74 -45.20 -51.85 1.35
C ASN B 74 -45.93 -51.58 0.05
N LYS B 75 -45.28 -50.99 -0.93
CA LYS B 75 -46.04 -50.55 -2.09
C LYS B 75 -45.88 -51.38 -3.36
N VAL B 76 -44.99 -52.36 -3.31
CA VAL B 76 -44.60 -53.11 -4.48
C VAL B 76 -45.62 -54.18 -4.81
N MET B 77 -46.11 -54.11 -6.06
CA MET B 77 -47.11 -55.01 -6.64
C MET B 77 -46.46 -55.94 -7.66
N PHE B 78 -46.79 -57.21 -7.57
CA PHE B 78 -46.47 -58.22 -8.58
C PHE B 78 -47.80 -58.78 -9.14
N TRP B 79 -47.72 -59.54 -10.22
CA TRP B 79 -48.93 -59.98 -10.91
C TRP B 79 -48.62 -61.01 -11.99
N SER B 80 -49.62 -61.83 -12.35
CA SER B 80 -49.44 -62.91 -13.35
C SER B 80 -50.73 -63.11 -14.08
N GLY B 81 -50.72 -62.85 -15.38
CA GLY B 81 -51.91 -63.09 -16.22
C GLY B 81 -53.01 -62.05 -16.03
N VAL B 82 -52.79 -61.05 -15.18
CA VAL B 82 -53.81 -60.00 -15.02
C VAL B 82 -53.23 -58.60 -15.27
N TYR B 83 -52.35 -58.46 -16.25
CA TYR B 83 -51.68 -57.17 -16.54
C TYR B 83 -52.57 -55.93 -16.36
N ASP B 84 -53.66 -55.89 -17.10
CA ASP B 84 -54.41 -54.62 -17.15
C ASP B 84 -55.04 -54.26 -15.80
N GLU B 85 -55.52 -55.29 -15.09
CA GLU B 85 -56.20 -55.16 -13.80
C GLU B 85 -55.26 -54.78 -12.69
N ALA B 86 -54.09 -55.41 -12.63
CA ALA B 86 -53.07 -54.96 -11.68
C ALA B 86 -52.67 -53.52 -11.94
N HIS B 87 -52.42 -53.21 -13.18
CA HIS B 87 -51.96 -51.84 -13.44
C HIS B 87 -53.05 -50.84 -13.15
N ASP B 88 -54.30 -51.19 -13.40
CA ASP B 88 -55.38 -50.26 -13.14
C ASP B 88 -55.61 -50.05 -11.64
N TYR B 89 -55.48 -51.12 -10.85
CA TYR B 89 -55.61 -51.00 -9.44
C TYR B 89 -54.40 -50.27 -8.82
N ALA B 90 -53.19 -50.61 -9.26
CA ALA B 90 -51.98 -49.92 -8.84
C ALA B 90 -52.07 -48.43 -9.12
N ASN B 91 -52.80 -48.06 -10.16
CA ASN B 91 -53.13 -46.68 -10.48
C ASN B 91 -51.92 -45.76 -10.65
N THR B 92 -50.99 -46.16 -11.50
CA THR B 92 -49.90 -45.27 -11.92
C THR B 92 -49.21 -44.70 -10.69
N GLY B 93 -49.12 -45.55 -9.69
CA GLY B 93 -48.25 -45.32 -8.54
C GLY B 93 -48.84 -44.64 -7.34
N ARG B 94 -50.08 -44.19 -7.49
CA ARG B 94 -50.86 -43.67 -6.41
C ARG B 94 -51.20 -44.76 -5.35
N LYS B 95 -51.59 -45.96 -5.74
CA LYS B 95 -51.80 -47.01 -4.71
C LYS B 95 -50.64 -48.01 -4.65
N TYR B 96 -50.21 -48.56 -5.78
CA TYR B 96 -49.05 -49.45 -5.80
C TYR B 96 -48.07 -49.06 -6.89
N ILE B 97 -46.84 -49.49 -6.69
CA ILE B 97 -45.79 -49.46 -7.66
C ILE B 97 -45.77 -50.77 -8.46
N THR B 98 -45.70 -50.66 -9.78
CA THR B 98 -45.39 -51.84 -10.65
C THR B 98 -44.02 -51.64 -11.35
N LEU B 99 -43.52 -52.65 -12.06
CA LEU B 99 -42.28 -52.53 -12.84
C LEU B 99 -42.28 -51.34 -13.81
N GLU B 100 -43.38 -51.22 -14.53
CA GLU B 100 -43.63 -50.17 -15.50
C GLU B 100 -43.51 -48.75 -14.95
N ASP B 101 -43.72 -48.52 -13.65
CA ASP B 101 -43.54 -47.16 -13.07
C ASP B 101 -42.07 -46.88 -12.77
N THR B 102 -41.31 -47.94 -12.48
CA THR B 102 -39.88 -47.72 -12.33
C THR B 102 -39.18 -47.26 -13.62
N LEU B 103 -38.05 -46.56 -13.43
CA LEU B 103 -37.21 -46.01 -14.53
C LEU B 103 -36.90 -46.99 -15.69
N PRO B 104 -36.32 -48.15 -15.41
CA PRO B 104 -36.05 -49.02 -16.58
C PRO B 104 -37.29 -49.63 -17.21
N GLY B 105 -38.36 -49.88 -16.41
CA GLY B 105 -39.56 -50.53 -16.94
C GLY B 105 -40.28 -49.52 -17.78
N TYR B 106 -40.35 -48.31 -17.27
CA TYR B 106 -40.83 -47.14 -18.00
C TYR B 106 -40.09 -46.87 -19.34
N MET B 107 -38.78 -46.85 -19.31
CA MET B 107 -38.01 -46.57 -20.51
C MET B 107 -38.12 -47.68 -21.54
N LEU B 108 -38.16 -48.94 -21.09
CA LEU B 108 -38.15 -50.02 -22.08
C LEU B 108 -39.54 -50.62 -22.39
N ASN B 109 -40.57 -50.22 -21.64
CA ASN B 109 -41.93 -50.70 -21.99
C ASN B 109 -42.38 -50.79 -23.46
N SER B 110 -42.77 -51.99 -23.89
CA SER B 110 -43.18 -52.25 -25.28
C SER B 110 -42.08 -52.08 -26.34
N LEU B 111 -40.87 -51.66 -25.97
CA LEU B 111 -39.87 -51.52 -27.01
C LEU B 111 -39.40 -52.88 -27.53
N VAL B 112 -39.02 -52.91 -28.80
CA VAL B 112 -38.44 -54.11 -29.44
C VAL B 112 -37.04 -53.75 -29.97
N TRP B 113 -36.03 -54.52 -29.54
CA TRP B 113 -34.64 -54.31 -30.00
C TRP B 113 -33.86 -55.61 -30.09
N CYS B 114 -32.79 -55.62 -30.87
CA CYS B 114 -31.84 -56.73 -30.89
C CYS B 114 -30.52 -56.38 -31.53
N GLY B 115 -29.50 -57.13 -31.12
CA GLY B 115 -28.17 -57.07 -31.72
C GLY B 115 -28.14 -57.62 -33.13
N GLN B 116 -27.14 -57.16 -33.89
CA GLN B 116 -26.57 -57.90 -35.02
C GLN B 116 -25.11 -57.62 -34.90
N ARG B 117 -24.27 -58.44 -35.54
CA ARG B 117 -22.82 -58.21 -35.59
C ARG B 117 -22.38 -57.02 -36.44
N ALA B 118 -23.00 -56.86 -37.61
CA ALA B 118 -22.64 -55.76 -38.51
C ALA B 118 -23.18 -54.39 -38.07
N ASN B 119 -22.36 -53.35 -38.21
CA ASN B 119 -22.79 -51.99 -37.98
C ASN B 119 -24.20 -51.70 -38.51
N PRO B 120 -25.00 -50.89 -37.80
CA PRO B 120 -24.59 -50.01 -36.73
C PRO B 120 -24.63 -50.67 -35.36
N GLY B 121 -24.62 -52.00 -35.32
CA GLY B 121 -24.57 -52.75 -34.06
C GLY B 121 -25.91 -53.36 -33.63
N PHE B 122 -26.97 -52.98 -34.33
CA PHE B 122 -28.35 -53.39 -34.00
C PHE B 122 -29.15 -53.42 -35.28
N ASN B 123 -30.19 -54.22 -35.27
CA ASN B 123 -31.01 -54.46 -36.44
C ASN B 123 -32.07 -53.38 -36.53
N GLU B 124 -32.43 -52.99 -37.75
CA GLU B 124 -33.39 -51.91 -37.95
C GLU B 124 -34.45 -52.45 -38.90
N LYS B 125 -34.55 -53.77 -38.92
CA LYS B 125 -35.39 -54.41 -39.91
C LYS B 125 -36.27 -55.46 -39.27
N VAL B 126 -35.68 -56.29 -38.43
CA VAL B 126 -36.36 -57.50 -37.97
C VAL B 126 -35.61 -58.06 -36.77
N CYS B 127 -36.34 -58.64 -35.82
CA CYS B 127 -35.72 -59.39 -34.69
C CYS B 127 -36.24 -60.83 -34.64
N PRO B 128 -35.42 -61.78 -34.19
CA PRO B 128 -35.90 -63.18 -34.21
C PRO B 128 -37.12 -63.37 -33.35
N ASP B 129 -37.94 -64.34 -33.67
CA ASP B 129 -38.92 -64.73 -32.70
C ASP B 129 -38.16 -65.14 -31.43
N PHE B 130 -38.68 -64.75 -30.29
CA PHE B 130 -38.08 -65.12 -29.03
C PHE B 130 -37.93 -66.62 -28.86
N LYS B 131 -38.88 -67.39 -29.42
CA LYS B 131 -38.86 -68.87 -29.38
C LYS B 131 -37.60 -69.47 -29.99
N THR B 132 -36.87 -68.71 -30.79
CA THR B 132 -35.72 -69.32 -31.45
C THR B 132 -34.49 -69.23 -30.60
N CYS B 133 -34.45 -68.32 -29.62
CA CYS B 133 -33.22 -68.08 -28.85
C CYS B 133 -33.20 -68.98 -27.61
N PRO B 134 -32.00 -69.29 -27.06
CA PRO B 134 -32.03 -70.07 -25.83
C PRO B 134 -32.72 -69.26 -24.71
N VAL B 135 -33.33 -69.90 -23.73
CA VAL B 135 -34.14 -69.19 -22.75
C VAL B 135 -33.36 -68.06 -22.03
N GLN B 136 -32.07 -68.30 -21.74
CA GLN B 136 -31.27 -67.29 -21.10
C GLN B 136 -31.12 -66.03 -21.91
N ALA B 137 -31.09 -66.14 -23.23
CA ALA B 137 -31.02 -64.94 -24.11
C ALA B 137 -32.38 -64.35 -24.21
N ARG B 138 -33.40 -65.18 -24.35
CA ARG B 138 -34.80 -64.76 -24.58
C ARG B 138 -35.25 -63.97 -23.39
N GLU B 139 -34.75 -64.38 -22.24
CA GLU B 139 -35.29 -63.82 -21.02
C GLU B 139 -34.24 -62.88 -20.39
N SER B 140 -33.23 -62.51 -21.15
CA SER B 140 -32.14 -61.75 -20.55
C SER B 140 -32.60 -60.40 -20.02
N PHE B 141 -33.42 -59.69 -20.78
CA PHE B 141 -33.84 -58.40 -20.29
C PHE B 141 -34.91 -58.49 -19.19
N TRP B 142 -36.07 -59.09 -19.46
CA TRP B 142 -37.15 -58.96 -18.49
C TRP B 142 -36.87 -59.89 -17.28
N GLY B 143 -36.24 -61.01 -17.50
CA GLY B 143 -35.62 -61.81 -16.43
C GLY B 143 -34.81 -60.98 -15.42
N MET B 144 -33.76 -60.30 -15.89
CA MET B 144 -32.99 -59.41 -15.01
C MET B 144 -33.86 -58.26 -14.38
N ALA B 145 -34.78 -57.66 -15.17
CA ALA B 145 -35.54 -56.56 -14.69
C ALA B 145 -36.45 -57.06 -13.55
N SER B 146 -36.97 -58.27 -13.72
CA SER B 146 -37.85 -58.90 -12.71
C SER B 146 -37.13 -59.15 -11.39
N SER B 147 -35.93 -59.72 -11.50
CA SER B 147 -35.04 -59.96 -10.35
C SER B 147 -34.61 -58.70 -9.68
N SER B 148 -34.24 -57.71 -10.45
CA SER B 148 -33.75 -56.50 -9.83
C SER B 148 -34.88 -55.86 -9.02
N TYR B 149 -36.01 -55.67 -9.65
CA TYR B 149 -37.18 -55.11 -9.04
C TYR B 149 -37.58 -55.89 -7.80
N ALA B 150 -37.71 -57.21 -7.90
CA ALA B 150 -38.09 -58.01 -6.67
C ALA B 150 -37.10 -57.83 -5.55
N HIS B 151 -35.81 -57.84 -5.90
CA HIS B 151 -34.72 -57.83 -4.89
C HIS B 151 -34.79 -56.52 -4.09
N SER B 152 -35.54 -55.53 -4.57
CA SER B 152 -35.52 -54.19 -3.99
C SER B 152 -36.75 -53.92 -3.16
N ALA B 153 -37.67 -54.86 -3.16
CA ALA B 153 -38.90 -54.73 -2.42
C ALA B 153 -38.70 -54.79 -0.86
N GLU B 154 -39.36 -53.88 -0.15
CA GLU B 154 -39.29 -53.94 1.32
C GLU B 154 -40.68 -53.98 1.83
N GLY B 155 -40.86 -54.56 3.02
CA GLY B 155 -42.17 -54.53 3.69
C GLY B 155 -43.19 -55.49 3.09
N GLU B 156 -44.42 -55.02 2.98
CA GLU B 156 -45.47 -55.85 2.40
C GLU B 156 -45.36 -55.80 0.89
N VAL B 157 -45.63 -56.93 0.25
CA VAL B 157 -45.70 -57.01 -1.19
C VAL B 157 -47.06 -57.61 -1.54
N THR B 158 -47.63 -57.15 -2.65
CA THR B 158 -48.99 -57.58 -3.05
C THR B 158 -48.84 -58.42 -4.32
N TYR B 159 -49.70 -59.39 -4.57
CA TYR B 159 -49.48 -60.23 -5.75
C TYR B 159 -50.82 -60.51 -6.32
N MET B 160 -51.11 -59.98 -7.51
CA MET B 160 -52.40 -60.26 -8.12
C MET B 160 -52.34 -61.38 -9.16
N VAL B 161 -53.31 -62.30 -9.11
CA VAL B 161 -53.32 -63.44 -10.01
C VAL B 161 -54.69 -63.68 -10.67
N ASP B 162 -54.70 -64.48 -11.76
CA ASP B 162 -55.90 -64.97 -12.42
C ASP B 162 -56.38 -66.20 -11.73
N GLY B 163 -57.59 -66.16 -11.19
CA GLY B 163 -58.15 -67.34 -10.57
C GLY B 163 -59.28 -67.91 -11.38
N SER B 164 -59.33 -67.53 -12.65
CA SER B 164 -60.36 -68.07 -13.54
C SER B 164 -59.84 -68.52 -14.92
N ASN B 165 -58.55 -68.82 -14.98
CA ASN B 165 -57.95 -69.43 -16.14
C ASN B 165 -57.92 -70.93 -15.98
N PRO B 166 -58.65 -71.65 -16.84
CA PRO B 166 -58.71 -73.09 -16.61
C PRO B 166 -57.41 -73.80 -17.03
N LYS B 167 -56.71 -73.21 -18.00
CA LYS B 167 -55.46 -73.72 -18.56
C LYS B 167 -54.25 -73.48 -17.61
N VAL B 168 -54.12 -72.23 -17.17
CA VAL B 168 -52.97 -71.74 -16.42
C VAL B 168 -53.32 -71.52 -14.94
N PRO B 169 -52.66 -72.27 -14.03
CA PRO B 169 -52.84 -72.01 -12.60
C PRO B 169 -52.51 -70.58 -12.16
N ALA B 170 -53.32 -70.05 -11.24
CA ALA B 170 -53.10 -68.77 -10.57
C ALA B 170 -51.62 -68.53 -10.28
N TYR B 171 -51.04 -69.41 -9.46
CA TYR B 171 -49.56 -69.48 -9.26
C TYR B 171 -48.84 -70.62 -10.02
N ARG B 172 -47.69 -70.31 -10.64
CA ARG B 172 -46.79 -71.34 -11.30
C ARG B 172 -45.32 -70.95 -11.11
N PRO B 173 -44.45 -71.93 -10.76
CA PRO B 173 -43.02 -71.68 -10.65
C PRO B 173 -42.42 -71.23 -11.97
N ASP B 174 -43.06 -71.60 -13.06
CA ASP B 174 -42.51 -71.36 -14.38
C ASP B 174 -42.95 -69.95 -14.90
N SER B 175 -43.76 -69.23 -14.13
CA SER B 175 -44.07 -67.85 -14.49
C SER B 175 -42.87 -66.94 -14.13
N PHE B 176 -42.92 -65.72 -14.61
CA PHE B 176 -41.89 -64.73 -14.34
C PHE B 176 -41.81 -64.46 -12.83
N PHE B 177 -42.97 -64.36 -12.22
CA PHE B 177 -43.02 -64.32 -10.76
C PHE B 177 -42.37 -65.54 -10.12
N GLY B 178 -42.68 -66.72 -10.68
CA GLY B 178 -42.22 -67.96 -10.13
C GLY B 178 -40.75 -68.12 -10.33
N LYS B 179 -40.21 -67.53 -11.39
CA LYS B 179 -38.78 -67.73 -11.77
C LYS B 179 -37.86 -66.67 -11.20
N TYR B 180 -38.36 -65.43 -11.09
CA TYR B 180 -37.45 -64.30 -10.88
C TYR B 180 -37.81 -63.48 -9.68
N GLU B 181 -39.03 -63.61 -9.21
CA GLU B 181 -39.52 -62.60 -8.29
C GLU B 181 -39.60 -63.14 -6.89
N LEU B 182 -40.45 -64.12 -6.67
CA LEU B 182 -40.59 -64.69 -5.36
C LEU B 182 -39.27 -65.21 -4.84
N PRO B 183 -38.51 -66.02 -5.63
CA PRO B 183 -37.22 -66.50 -5.07
C PRO B 183 -36.28 -65.38 -4.78
N ASN B 184 -36.46 -64.22 -5.40
CA ASN B 184 -35.48 -63.13 -5.15
C ASN B 184 -35.86 -62.10 -4.03
N LEU B 185 -36.90 -62.41 -3.27
CA LEU B 185 -37.42 -61.52 -2.26
C LEU B 185 -36.58 -61.66 -1.00
N THR B 186 -36.19 -60.54 -0.43
CA THR B 186 -35.16 -60.54 0.58
C THR B 186 -35.85 -60.44 1.91
N ASN B 187 -35.09 -60.65 2.99
CA ASN B 187 -35.60 -60.68 4.36
C ASN B 187 -36.09 -59.31 4.83
N LYS B 188 -35.94 -58.28 4.00
CA LYS B 188 -36.64 -57.00 4.16
C LYS B 188 -38.17 -57.08 3.88
N VAL B 189 -38.57 -58.04 3.05
CA VAL B 189 -40.00 -58.32 2.81
C VAL B 189 -40.63 -58.98 4.04
N THR B 190 -41.84 -58.56 4.39
CA THR B 190 -42.44 -59.02 5.67
C THR B 190 -43.65 -59.92 5.41
N ARG B 191 -44.27 -59.73 4.27
CA ARG B 191 -45.59 -60.26 4.02
C ARG B 191 -45.90 -60.24 2.52
N VAL B 192 -46.56 -61.30 2.07
CA VAL B 192 -47.03 -61.47 0.70
C VAL B 192 -48.53 -61.55 0.79
N LYS B 193 -49.19 -60.51 0.26
CA LYS B 193 -50.62 -60.36 0.28
C LYS B 193 -51.09 -60.76 -1.11
N VAL B 194 -51.82 -61.86 -1.23
CA VAL B 194 -52.29 -62.25 -2.56
C VAL B 194 -53.68 -61.64 -2.79
N ILE B 195 -53.93 -61.16 -4.02
CA ILE B 195 -55.26 -60.77 -4.45
C ILE B 195 -55.59 -61.65 -5.65
N VAL B 196 -56.69 -62.41 -5.55
CA VAL B 196 -57.09 -63.34 -6.59
C VAL B 196 -58.21 -62.70 -7.43
N LEU B 197 -58.03 -62.61 -8.74
CA LEU B 197 -59.05 -62.07 -9.58
C LEU B 197 -59.90 -63.20 -10.17
N HIS B 198 -61.21 -63.14 -9.87
CA HIS B 198 -62.24 -63.99 -10.44
C HIS B 198 -63.02 -63.22 -11.50
N ARG B 199 -62.62 -63.30 -12.75
CA ARG B 199 -63.18 -62.51 -13.84
C ARG B 199 -64.71 -62.66 -13.90
N LEU B 200 -65.37 -61.52 -14.07
CA LEU B 200 -66.83 -61.46 -13.99
C LEU B 200 -67.45 -62.36 -15.07
N GLY B 201 -68.43 -63.17 -14.67
CA GLY B 201 -69.13 -64.07 -15.60
C GLY B 201 -68.43 -65.37 -15.98
N GLU B 202 -67.23 -65.61 -15.45
CA GLU B 202 -66.47 -66.82 -15.71
C GLU B 202 -66.52 -67.81 -14.55
N LYS B 203 -66.32 -69.10 -14.83
CA LYS B 203 -66.16 -70.13 -13.80
C LYS B 203 -65.01 -69.76 -12.86
N ILE B 204 -65.24 -69.90 -11.55
CA ILE B 204 -64.16 -69.72 -10.60
C ILE B 204 -63.33 -70.99 -10.70
N ILE B 205 -62.01 -70.82 -10.82
CA ILE B 205 -61.14 -71.97 -11.00
C ILE B 205 -60.26 -72.24 -9.80
N GLU B 206 -59.78 -71.17 -9.17
CA GLU B 206 -58.86 -71.30 -8.05
C GLU B 206 -59.32 -70.46 -6.88
N LYS B 207 -59.06 -70.94 -5.65
CA LYS B 207 -59.39 -70.16 -4.44
C LYS B 207 -58.25 -70.09 -3.46
N CYS B 208 -58.33 -69.12 -2.55
CA CYS B 208 -57.42 -69.01 -1.42
C CYS B 208 -57.51 -70.30 -0.63
N GLY B 209 -56.37 -70.89 -0.29
CA GLY B 209 -56.34 -72.16 0.47
C GLY B 209 -56.43 -73.48 -0.27
N ALA B 210 -56.37 -73.44 -1.60
CA ALA B 210 -56.52 -74.62 -2.45
C ALA B 210 -55.57 -74.60 -3.64
N GLY B 211 -55.46 -75.73 -4.33
CA GLY B 211 -54.71 -75.78 -5.58
C GLY B 211 -53.32 -75.12 -5.56
N SER B 212 -53.07 -74.20 -6.49
CA SER B 212 -51.71 -73.64 -6.59
C SER B 212 -51.46 -72.53 -5.53
N LEU B 213 -52.56 -71.98 -5.02
CA LEU B 213 -52.51 -70.98 -3.95
C LEU B 213 -52.07 -71.54 -2.63
N LEU B 214 -52.31 -72.84 -2.45
CA LEU B 214 -51.91 -73.55 -1.27
C LEU B 214 -50.43 -73.76 -1.41
N ASP B 215 -49.98 -74.15 -2.60
CA ASP B 215 -48.53 -74.24 -2.85
C ASP B 215 -47.83 -72.92 -2.57
N LEU B 216 -48.43 -71.80 -3.00
CA LEU B 216 -47.83 -70.48 -2.77
C LEU B 216 -47.70 -70.14 -1.30
N GLU B 217 -48.82 -70.28 -0.61
CA GLU B 217 -48.86 -70.15 0.83
C GLU B 217 -47.66 -70.84 1.48
N LYS B 218 -47.43 -72.12 1.14
CA LYS B 218 -46.37 -72.89 1.76
C LYS B 218 -45.02 -72.31 1.38
N LEU B 219 -44.88 -71.97 0.10
CA LEU B 219 -43.64 -71.38 -0.42
C LEU B 219 -43.27 -70.15 0.36
N VAL B 220 -44.26 -69.35 0.65
CA VAL B 220 -44.06 -68.08 1.30
C VAL B 220 -43.70 -68.22 2.78
N LYS B 221 -44.44 -69.05 3.52
CA LYS B 221 -44.12 -69.27 4.91
C LYS B 221 -42.69 -69.80 5.02
N ALA B 222 -42.31 -70.72 4.16
CA ALA B 222 -40.94 -71.20 4.19
C ALA B 222 -39.89 -70.08 3.93
N LYS B 223 -40.28 -68.98 3.27
CA LYS B 223 -39.36 -67.85 3.15
C LYS B 223 -39.37 -67.05 4.45
N HIS B 224 -40.22 -67.48 5.37
CA HIS B 224 -40.46 -66.75 6.60
C HIS B 224 -41.21 -65.42 6.44
N PHE B 225 -42.03 -65.31 5.41
CA PHE B 225 -42.94 -64.17 5.29
C PHE B 225 -44.29 -64.55 5.83
N ALA B 226 -45.09 -63.54 6.11
CA ALA B 226 -46.50 -63.73 6.42
C ALA B 226 -47.30 -63.71 5.13
N PHE B 227 -48.51 -64.27 5.17
CA PHE B 227 -49.29 -64.56 3.98
C PHE B 227 -50.76 -64.29 4.18
N ASP B 228 -51.34 -63.48 3.30
CA ASP B 228 -52.77 -63.43 3.27
C ASP B 228 -53.26 -63.42 1.86
N CYS B 229 -54.54 -63.74 1.72
CA CYS B 229 -55.11 -63.99 0.42
C CYS B 229 -56.52 -63.54 0.49
N VAL B 230 -56.97 -62.89 -0.58
CA VAL B 230 -58.32 -62.41 -0.66
C VAL B 230 -58.79 -62.50 -2.11
N GLU B 231 -60.04 -62.93 -2.29
CA GLU B 231 -60.73 -63.02 -3.59
C GLU B 231 -61.60 -61.78 -3.89
N ASN B 232 -61.38 -61.16 -5.05
CA ASN B 232 -62.11 -59.93 -5.44
C ASN B 232 -62.45 -59.01 -4.31
N PRO B 233 -61.43 -58.42 -3.68
CA PRO B 233 -61.72 -57.39 -2.71
C PRO B 233 -62.47 -56.27 -3.41
N ARG B 234 -63.22 -55.49 -2.62
CA ARG B 234 -64.23 -54.59 -3.13
C ARG B 234 -63.66 -53.52 -4.07
N ALA B 235 -62.58 -52.86 -3.63
CA ALA B 235 -61.85 -51.94 -4.51
C ALA B 235 -61.44 -52.51 -5.85
N VAL B 236 -61.06 -53.77 -5.90
CA VAL B 236 -60.79 -54.41 -7.19
C VAL B 236 -62.10 -54.75 -7.91
N LEU B 237 -63.01 -55.46 -7.20
CA LEU B 237 -64.38 -55.68 -7.70
C LEU B 237 -64.96 -54.43 -8.44
N PHE B 238 -64.94 -53.27 -7.78
CA PHE B 238 -65.46 -52.05 -8.40
C PHE B 238 -64.81 -51.65 -9.73
N LEU B 239 -63.48 -51.75 -9.83
CA LEU B 239 -62.77 -51.60 -11.13
C LEU B 239 -63.24 -52.59 -12.16
N LEU B 240 -63.37 -53.84 -11.80
CA LEU B 240 -63.90 -54.86 -12.74
C LEU B 240 -65.34 -54.47 -13.21
N CYS B 241 -66.17 -54.02 -12.27
CA CYS B 241 -67.53 -53.63 -12.62
C CYS B 241 -67.65 -52.34 -13.47
N SER B 242 -66.75 -51.34 -13.38
CA SER B 242 -66.89 -50.22 -14.34
C SER B 242 -66.83 -50.66 -15.78
N ASP B 243 -66.00 -51.67 -16.04
CA ASP B 243 -65.86 -52.11 -17.41
C ASP B 243 -66.88 -53.14 -17.82
N ASN B 244 -67.75 -53.56 -16.89
CA ASN B 244 -68.83 -54.53 -17.17
C ASN B 244 -69.99 -54.39 -16.18
N PRO B 245 -70.71 -53.28 -16.29
CA PRO B 245 -71.65 -52.94 -15.21
C PRO B 245 -72.89 -53.85 -15.11
N ASN B 246 -73.11 -54.71 -16.10
CA ASN B 246 -74.33 -55.51 -16.14
C ASN B 246 -74.08 -56.88 -15.54
N ALA B 247 -72.83 -57.15 -15.17
CA ALA B 247 -72.47 -58.44 -14.59
C ALA B 247 -73.23 -58.73 -13.31
N ARG B 248 -73.64 -59.98 -13.16
CA ARG B 248 -74.29 -60.42 -11.95
C ARG B 248 -73.52 -60.01 -10.68
N GLU B 249 -72.18 -60.07 -10.72
CA GLU B 249 -71.36 -59.72 -9.55
C GLU B 249 -71.48 -58.25 -9.12
N CYS B 250 -71.77 -57.36 -10.06
CA CYS B 250 -71.90 -55.91 -9.83
C CYS B 250 -73.33 -55.48 -9.57
N ARG B 251 -74.09 -56.27 -8.83
CA ARG B 251 -75.52 -55.94 -8.57
C ARG B 251 -75.73 -55.13 -7.28
N LEU B 252 -76.59 -54.11 -7.34
CA LEU B 252 -76.96 -53.27 -6.16
C LEU B 252 -78.26 -53.69 -5.43
N ALA B 253 -78.69 -52.83 -4.49
CA ALA B 253 -79.86 -53.00 -3.60
C ALA B 253 -79.49 -53.40 -2.15
N LYS B 254 -78.40 -53.02 -1.65
N ILE C 3 -10.37 -52.96 -4.79
CA ILE C 3 -10.00 -51.57 -4.39
C ILE C 3 -8.49 -51.32 -4.22
N VAL C 4 -8.11 -50.04 -4.14
CA VAL C 4 -6.73 -49.61 -4.30
C VAL C 4 -6.26 -48.97 -3.00
N PRO C 5 -5.18 -49.50 -2.41
CA PRO C 5 -4.65 -48.91 -1.17
C PRO C 5 -4.08 -47.50 -1.41
N THR C 6 -3.79 -46.76 -0.36
CA THR C 6 -3.15 -45.46 -0.52
C THR C 6 -1.68 -45.69 -0.83
N ARG C 7 -1.14 -44.97 -1.81
CA ARG C 7 0.30 -45.13 -2.13
C ARG C 7 1.17 -44.46 -1.08
N GLU C 8 2.37 -45.04 -0.84
CA GLU C 8 3.37 -44.49 0.08
C GLU C 8 2.71 -44.15 1.41
N LEU C 9 2.10 -45.21 1.96
CA LEU C 9 1.31 -45.16 3.16
C LEU C 9 2.06 -44.52 4.29
N GLU C 10 3.31 -44.95 4.48
CA GLU C 10 4.12 -44.46 5.59
C GLU C 10 4.43 -42.97 5.42
N ASN C 11 4.87 -42.61 4.23
CA ASN C 11 5.11 -41.20 3.92
C ASN C 11 3.88 -40.30 4.18
N VAL C 12 2.70 -40.74 3.78
CA VAL C 12 1.51 -39.94 3.95
C VAL C 12 1.15 -39.75 5.42
N PHE C 13 1.23 -40.84 6.16
CA PHE C 13 0.99 -40.86 7.56
C PHE C 13 2.05 -40.04 8.24
N LEU C 14 3.32 -40.22 7.88
CA LEU C 14 4.41 -39.39 8.49
C LEU C 14 4.31 -37.89 8.19
N GLY C 15 3.81 -37.55 7.01
CA GLY C 15 3.68 -36.15 6.62
C GLY C 15 2.53 -35.52 7.35
N ARG C 16 1.42 -36.27 7.51
CA ARG C 16 0.23 -35.67 8.17
C ARG C 16 0.53 -35.55 9.63
N CYS C 17 1.31 -36.48 10.15
CA CYS C 17 1.62 -36.48 11.56
C CYS C 17 2.48 -35.25 11.89
N LYS C 18 3.47 -35.00 11.06
CA LYS C 18 4.32 -33.84 11.24
C LYS C 18 3.56 -32.51 11.11
N ASP C 19 2.78 -32.38 10.05
CA ASP C 19 1.95 -31.18 9.81
C ASP C 19 1.03 -30.93 10.99
N TYR C 20 0.28 -31.96 11.37
CA TYR C 20 -0.54 -31.86 12.57
C TYR C 20 0.25 -31.37 13.76
N GLU C 21 1.29 -32.12 14.11
CA GLU C 21 2.04 -31.83 15.29
C GLU C 21 2.44 -30.37 15.34
N ILE C 22 3.02 -29.89 14.25
CA ILE C 22 3.61 -28.58 14.33
C ILE C 22 2.65 -27.47 14.17
N THR C 23 1.58 -27.72 13.39
CA THR C 23 0.72 -26.60 12.89
C THR C 23 -0.82 -26.70 13.00
N ARG C 24 -1.35 -27.81 13.49
CA ARG C 24 -2.80 -28.01 13.41
C ARG C 24 -3.47 -28.05 14.77
N TYR C 25 -4.55 -27.28 14.88
CA TYR C 25 -5.36 -27.25 16.07
C TYR C 25 -4.58 -26.80 17.27
N LEU C 26 -3.62 -25.92 17.03
CA LEU C 26 -2.62 -25.67 18.06
C LEU C 26 -3.27 -25.09 19.30
N ASP C 27 -4.32 -24.30 19.10
CA ASP C 27 -4.91 -23.69 20.30
C ASP C 27 -6.09 -24.46 20.86
N ILE C 28 -6.39 -25.64 20.29
CA ILE C 28 -7.64 -26.35 20.57
C ILE C 28 -7.46 -27.79 21.08
N LEU C 29 -6.34 -28.41 20.71
CA LEU C 29 -6.08 -29.77 21.04
C LEU C 29 -4.59 -29.93 21.44
N PRO C 30 -4.33 -30.70 22.53
CA PRO C 30 -2.97 -31.00 23.03
C PRO C 30 -2.14 -31.79 22.02
N ARG C 31 -0.82 -31.55 21.97
CA ARG C 31 0.12 -32.46 21.30
C ARG C 31 0.33 -33.69 22.19
N VAL C 32 0.54 -34.84 21.56
CA VAL C 32 0.90 -36.05 22.28
C VAL C 32 2.40 -36.20 22.58
N ARG C 33 2.69 -37.17 23.44
CA ARG C 33 4.00 -37.43 24.02
C ARG C 33 4.89 -37.97 22.90
N SER C 34 4.39 -38.96 22.16
CA SER C 34 5.15 -39.70 21.13
C SER C 34 5.52 -38.96 19.84
N ASP C 35 6.71 -39.23 19.33
CA ASP C 35 7.09 -38.64 18.09
C ASP C 35 6.39 -39.49 17.03
N CYS C 36 6.44 -38.99 15.80
CA CYS C 36 5.69 -39.53 14.69
C CYS C 36 6.24 -40.94 14.23
N SER C 37 7.54 -41.10 14.26
CA SER C 37 8.17 -42.41 14.00
C SER C 37 7.54 -43.48 14.91
N ALA C 38 7.42 -43.18 16.20
CA ALA C 38 6.82 -44.14 17.14
C ALA C 38 5.34 -44.36 16.90
N LEU C 39 4.61 -43.35 16.42
CA LEU C 39 3.19 -43.59 16.21
C LEU C 39 3.02 -44.43 14.97
N TRP C 40 3.90 -44.26 13.99
CA TRP C 40 3.89 -45.17 12.84
C TRP C 40 4.11 -46.59 13.30
N LYS C 41 5.09 -46.82 14.15
CA LYS C 41 5.41 -48.17 14.58
C LYS C 41 4.26 -48.82 15.32
N ASP C 42 3.62 -48.11 16.25
CA ASP C 42 2.45 -48.67 16.91
C ASP C 42 1.30 -48.96 15.90
N PHE C 43 1.22 -48.14 14.86
CA PHE C 43 0.16 -48.26 13.88
C PHE C 43 0.43 -49.43 12.92
N PHE C 44 1.69 -49.49 12.47
CA PHE C 44 2.11 -50.48 11.50
C PHE C 44 1.91 -51.83 12.08
N LYS C 45 2.48 -52.07 13.28
CA LYS C 45 2.48 -53.42 13.83
C LYS C 45 1.05 -53.88 14.07
N ALA C 46 0.12 -52.93 14.17
CA ALA C 46 -1.27 -53.30 14.43
C ALA C 46 -1.87 -54.17 13.32
N PHE C 47 -1.50 -53.93 12.06
CA PHE C 47 -2.09 -54.69 10.93
C PHE C 47 -1.09 -55.49 10.09
N SER C 48 0.20 -55.16 10.24
CA SER C 48 1.25 -55.71 9.37
C SER C 48 1.47 -57.24 9.56
N PHE C 49 1.91 -57.87 8.47
CA PHE C 49 2.21 -59.33 8.38
C PHE C 49 1.05 -60.22 8.84
N LYS C 50 -0.16 -59.85 8.46
CA LYS C 50 -1.37 -60.60 8.79
C LYS C 50 -2.33 -60.56 7.62
N ASN C 51 -3.33 -61.43 7.67
CA ASN C 51 -4.48 -61.35 6.78
C ASN C 51 -5.32 -60.15 7.15
N PRO C 52 -5.76 -59.39 6.14
CA PRO C 52 -6.61 -58.21 6.29
C PRO C 52 -7.92 -58.42 7.04
N CYS C 53 -8.32 -59.68 7.23
CA CYS C 53 -9.49 -60.00 8.05
C CYS C 53 -9.08 -60.83 9.24
N ASP C 54 -7.82 -60.61 9.66
CA ASP C 54 -7.29 -61.14 10.91
C ASP C 54 -7.11 -59.96 11.89
N LEU C 55 -8.20 -59.23 12.16
CA LEU C 55 -8.13 -58.02 12.96
C LEU C 55 -9.36 -57.95 13.83
N ASP C 56 -9.13 -57.50 15.05
CA ASP C 56 -10.17 -57.41 16.06
C ASP C 56 -10.20 -56.00 16.68
N LEU C 57 -11.18 -55.80 17.56
CA LEU C 57 -11.36 -54.53 18.17
C LEU C 57 -10.03 -54.14 18.83
N GLY C 58 -9.22 -55.15 19.16
CA GLY C 58 -7.98 -54.90 19.90
C GLY C 58 -6.76 -54.52 19.08
N SER C 59 -6.74 -54.83 17.81
CA SER C 59 -5.50 -54.62 17.03
C SER C 59 -4.89 -53.21 17.15
N TYR C 60 -5.73 -52.18 17.16
CA TYR C 60 -5.20 -50.82 17.15
C TYR C 60 -5.19 -50.18 18.55
N LYS C 61 -5.25 -50.97 19.60
CA LYS C 61 -5.41 -50.37 20.91
C LYS C 61 -4.16 -49.58 21.28
N ASP C 62 -2.99 -50.21 21.16
CA ASP C 62 -1.73 -49.55 21.46
C ASP C 62 -1.65 -48.32 20.59
N PHE C 63 -2.08 -48.44 19.33
CA PHE C 63 -2.04 -47.25 18.45
C PHE C 63 -2.80 -46.15 19.14
N PHE C 64 -4.03 -46.45 19.55
CA PHE C 64 -4.91 -45.38 20.06
C PHE C 64 -4.53 -44.84 21.41
N THR C 65 -3.92 -45.68 22.25
CA THR C 65 -3.39 -45.25 23.51
C THR C 65 -2.32 -44.17 23.33
N SER C 66 -1.38 -44.38 22.41
CA SER C 66 -0.33 -43.40 22.22
C SER C 66 -0.82 -42.13 21.57
N ALA C 67 -1.94 -42.24 20.87
CA ALA C 67 -2.41 -41.22 19.95
C ALA C 67 -3.56 -40.40 20.50
N GLN C 68 -4.09 -40.80 21.65
CA GLN C 68 -5.30 -40.17 22.16
C GLN C 68 -4.94 -38.86 22.83
N GLN C 69 -5.71 -37.85 22.49
CA GLN C 69 -5.66 -36.59 23.07
C GLN C 69 -6.86 -36.41 23.98
N GLN C 70 -6.64 -35.64 25.05
CA GLN C 70 -7.69 -35.07 25.91
C GLN C 70 -8.52 -34.07 25.09
N LEU C 71 -9.84 -34.11 25.29
CA LEU C 71 -10.76 -33.40 24.44
C LEU C 71 -11.46 -32.28 25.17
N PRO C 72 -11.62 -31.16 24.47
CA PRO C 72 -12.15 -29.98 25.12
C PRO C 72 -13.60 -30.18 25.50
N LYS C 73 -13.90 -29.80 26.73
CA LYS C 73 -15.15 -30.00 27.46
C LYS C 73 -16.30 -29.35 26.69
N ASN C 74 -17.36 -30.11 26.50
CA ASN C 74 -18.55 -29.62 25.81
C ASN C 74 -18.48 -29.61 24.31
N LYS C 75 -17.35 -29.91 23.72
CA LYS C 75 -17.27 -29.61 22.30
C LYS C 75 -17.32 -30.80 21.34
N VAL C 76 -17.54 -31.98 21.87
CA VAL C 76 -17.36 -33.21 21.12
C VAL C 76 -18.63 -33.53 20.36
N MET C 77 -18.47 -33.95 19.13
CA MET C 77 -19.57 -34.04 18.24
C MET C 77 -19.59 -35.42 17.60
N PHE C 78 -20.76 -36.07 17.60
CA PHE C 78 -20.95 -37.33 16.92
C PHE C 78 -22.03 -37.15 15.88
N TRP C 79 -22.11 -38.07 14.93
CA TRP C 79 -23.03 -37.90 13.83
C TRP C 79 -23.38 -39.23 13.26
N SER C 80 -24.53 -39.35 12.61
CA SER C 80 -24.84 -40.59 11.83
C SER C 80 -25.53 -40.18 10.55
N GLY C 81 -24.99 -40.58 9.40
CA GLY C 81 -25.67 -40.34 8.14
C GLY C 81 -25.76 -38.91 7.63
N VAL C 82 -25.10 -37.97 8.32
CA VAL C 82 -25.00 -36.60 7.80
C VAL C 82 -23.57 -36.11 7.89
N TYR C 83 -22.64 -36.90 7.39
CA TYR C 83 -21.23 -36.55 7.49
C TYR C 83 -20.99 -35.15 7.09
N ASP C 84 -21.43 -34.77 5.89
CA ASP C 84 -21.01 -33.46 5.39
C ASP C 84 -21.53 -32.31 6.28
N GLU C 85 -22.78 -32.41 6.73
CA GLU C 85 -23.32 -31.23 7.38
C GLU C 85 -22.83 -31.06 8.83
N ALA C 86 -22.59 -32.18 9.53
CA ALA C 86 -22.09 -32.13 10.90
C ALA C 86 -20.68 -31.55 10.83
N HIS C 87 -19.85 -32.02 9.91
CA HIS C 87 -18.59 -31.37 9.69
C HIS C 87 -18.66 -29.92 9.32
N ASP C 88 -19.58 -29.53 8.47
CA ASP C 88 -19.63 -28.09 8.17
C ASP C 88 -20.08 -27.30 9.41
N TYR C 89 -20.96 -27.89 10.20
CA TYR C 89 -21.48 -27.15 11.33
C TYR C 89 -20.37 -27.08 12.38
N ALA C 90 -19.61 -28.16 12.54
CA ALA C 90 -18.57 -28.18 13.58
C ALA C 90 -17.43 -27.21 13.20
N ASN C 91 -17.23 -27.10 11.89
CA ASN C 91 -16.44 -26.00 11.30
C ASN C 91 -14.96 -26.06 11.69
N THR C 92 -14.30 -27.13 11.31
CA THR C 92 -12.91 -27.44 11.71
C THR C 92 -12.55 -27.02 13.13
N GLY C 93 -13.32 -27.50 14.10
CA GLY C 93 -12.99 -27.26 15.47
C GLY C 93 -13.30 -25.86 15.95
N ARG C 94 -13.90 -25.02 15.14
CA ARG C 94 -14.22 -23.70 15.65
C ARG C 94 -15.50 -23.71 16.48
N LYS C 95 -16.40 -24.63 16.18
CA LYS C 95 -17.64 -24.73 16.91
C LYS C 95 -17.64 -26.06 17.69
N TYR C 96 -17.40 -27.17 17.03
CA TYR C 96 -17.25 -28.43 17.73
C TYR C 96 -16.03 -29.13 17.24
N ILE C 97 -15.65 -30.13 18.00
CA ILE C 97 -14.65 -31.09 17.56
C ILE C 97 -15.32 -32.32 16.93
N THR C 98 -14.82 -32.80 15.79
CA THR C 98 -15.17 -34.16 15.36
C THR C 98 -13.92 -35.04 15.37
N LEU C 99 -14.09 -36.29 14.98
CA LEU C 99 -13.03 -37.26 15.13
C LEU C 99 -11.90 -36.97 14.16
N GLU C 100 -12.23 -36.27 13.07
CA GLU C 100 -11.29 -36.00 11.99
C GLU C 100 -10.38 -34.81 12.26
N ASP C 101 -10.76 -34.03 13.28
CA ASP C 101 -9.91 -33.02 13.88
C ASP C 101 -8.89 -33.60 14.83
N THR C 102 -9.16 -34.76 15.45
CA THR C 102 -8.15 -35.38 16.36
C THR C 102 -7.00 -36.01 15.60
N LEU C 103 -5.84 -36.16 16.23
CA LEU C 103 -4.62 -36.62 15.55
C LEU C 103 -4.80 -37.92 14.79
N PRO C 104 -5.48 -38.92 15.38
CA PRO C 104 -5.68 -40.18 14.61
C PRO C 104 -6.69 -40.06 13.47
N GLY C 105 -7.83 -39.42 13.70
CA GLY C 105 -8.76 -39.15 12.59
C GLY C 105 -8.05 -38.33 11.53
N TYR C 106 -7.20 -37.40 11.94
CA TYR C 106 -6.54 -36.57 10.92
C TYR C 106 -5.59 -37.41 10.08
N MET C 107 -4.79 -38.26 10.70
CA MET C 107 -3.72 -38.92 9.99
C MET C 107 -4.25 -40.03 9.06
N LEU C 108 -5.37 -40.64 9.39
CA LEU C 108 -5.93 -41.75 8.61
C LEU C 108 -7.20 -41.41 7.81
N ASN C 109 -7.82 -40.26 8.05
CA ASN C 109 -9.06 -39.99 7.30
C ASN C 109 -8.86 -40.21 5.81
N SER C 110 -9.82 -40.90 5.22
CA SER C 110 -9.86 -41.34 3.82
C SER C 110 -8.80 -42.35 3.32
N LEU C 111 -7.92 -42.87 4.17
CA LEU C 111 -6.81 -43.66 3.64
C LEU C 111 -7.23 -45.09 3.58
N VAL C 112 -6.58 -45.86 2.73
CA VAL C 112 -6.91 -47.25 2.58
C VAL C 112 -5.60 -48.05 2.69
N TRP C 113 -5.59 -49.02 3.62
CA TRP C 113 -4.42 -49.85 3.78
C TRP C 113 -4.86 -51.22 4.18
N CYS C 114 -4.06 -52.23 3.87
CA CYS C 114 -4.23 -53.57 4.45
C CYS C 114 -2.91 -54.32 4.68
N GLY C 115 -2.89 -55.18 5.70
CA GLY C 115 -1.78 -56.11 5.90
C GLY C 115 -1.77 -57.31 4.96
N GLN C 116 -0.59 -57.92 4.78
CA GLN C 116 -0.45 -59.16 4.03
C GLN C 116 0.65 -59.97 4.69
N ARG C 117 0.43 -61.29 4.79
CA ARG C 117 1.22 -62.17 5.67
C ARG C 117 2.69 -62.28 5.27
N ALA C 118 3.01 -61.84 4.06
CA ALA C 118 4.37 -61.87 3.53
C ALA C 118 4.90 -60.47 3.24
N ASN C 119 6.21 -60.36 3.05
CA ASN C 119 6.89 -59.07 2.94
C ASN C 119 6.31 -58.13 1.89
N PRO C 120 6.19 -56.84 2.21
CA PRO C 120 6.70 -56.21 3.43
C PRO C 120 5.67 -56.02 4.55
N GLY C 121 4.70 -56.93 4.64
CA GLY C 121 3.68 -56.91 5.71
C GLY C 121 2.38 -56.23 5.32
N PHE C 122 2.40 -55.54 4.19
CA PHE C 122 1.24 -54.78 3.75
C PHE C 122 1.21 -54.77 2.24
N ASN C 123 0.00 -54.69 1.72
CA ASN C 123 -0.23 -54.79 0.29
C ASN C 123 -0.38 -53.41 -0.28
N GLU C 124 0.63 -52.97 -1.03
CA GLU C 124 0.63 -51.63 -1.62
C GLU C 124 -0.27 -51.53 -2.87
N LYS C 125 -0.72 -52.69 -3.36
CA LYS C 125 -1.31 -52.84 -4.69
C LYS C 125 -2.82 -52.98 -4.69
N VAL C 126 -3.31 -53.84 -3.82
CA VAL C 126 -4.68 -54.26 -3.86
C VAL C 126 -5.09 -54.51 -2.43
N CYS C 127 -6.28 -54.05 -2.07
CA CYS C 127 -6.84 -54.43 -0.78
C CYS C 127 -8.12 -55.18 -0.94
N PRO C 128 -8.37 -56.15 -0.04
CA PRO C 128 -9.65 -56.81 0.05
C PRO C 128 -10.76 -55.80 -0.02
N ASP C 129 -11.89 -56.21 -0.56
CA ASP C 129 -13.11 -55.45 -0.38
C ASP C 129 -13.67 -55.86 0.98
N PHE C 130 -13.68 -54.90 1.91
CA PHE C 130 -14.20 -55.12 3.26
C PHE C 130 -15.73 -55.27 3.21
N LYS C 131 -16.15 -56.51 2.98
CA LYS C 131 -17.54 -56.87 2.73
C LYS C 131 -17.53 -58.39 2.78
N THR C 132 -16.42 -58.93 3.29
CA THR C 132 -16.16 -60.37 3.30
C THR C 132 -15.50 -60.82 4.59
N CYS C 133 -14.80 -59.87 5.24
CA CYS C 133 -14.23 -60.08 6.58
C CYS C 133 -15.35 -60.02 7.58
N PRO C 134 -15.23 -60.78 8.68
CA PRO C 134 -16.18 -60.73 9.80
C PRO C 134 -16.37 -59.28 10.35
N VAL C 135 -17.48 -59.01 11.05
CA VAL C 135 -17.77 -57.62 11.47
C VAL C 135 -16.65 -56.97 12.24
N GLN C 136 -16.08 -57.72 13.18
CA GLN C 136 -15.05 -57.18 14.08
C GLN C 136 -13.77 -56.66 13.35
N ALA C 137 -13.41 -57.27 12.22
CA ALA C 137 -12.19 -56.94 11.48
C ALA C 137 -12.38 -55.78 10.50
N ARG C 138 -13.63 -55.51 10.14
CA ARG C 138 -13.94 -54.37 9.31
C ARG C 138 -13.96 -53.08 10.14
N GLU C 139 -14.18 -53.21 11.44
CA GLU C 139 -14.35 -52.02 12.21
C GLU C 139 -13.14 -51.85 13.11
N SER C 140 -12.21 -52.80 12.99
CA SER C 140 -11.03 -52.81 13.83
C SER C 140 -10.41 -51.43 14.08
N PHE C 141 -10.30 -50.64 13.01
CA PHE C 141 -9.69 -49.33 13.15
C PHE C 141 -10.70 -48.28 13.59
N TRP C 142 -11.67 -47.97 12.75
CA TRP C 142 -12.60 -46.92 13.10
C TRP C 142 -13.48 -47.26 14.31
N GLY C 143 -13.69 -48.55 14.53
CA GLY C 143 -14.27 -49.04 15.81
C GLY C 143 -13.49 -48.59 17.04
N MET C 144 -12.18 -48.77 17.01
CA MET C 144 -11.33 -48.44 18.14
C MET C 144 -11.23 -46.93 18.27
N ALA C 145 -11.02 -46.26 17.14
CA ALA C 145 -11.01 -44.81 17.09
C ALA C 145 -12.25 -44.25 17.74
N SER C 146 -13.42 -44.75 17.34
CA SER C 146 -14.66 -44.24 17.91
C SER C 146 -14.72 -44.46 19.39
N SER C 147 -14.37 -45.67 19.88
CA SER C 147 -14.43 -45.93 21.31
C SER C 147 -13.45 -45.07 22.06
N SER C 148 -12.21 -45.02 21.55
CA SER C 148 -11.15 -44.23 22.15
C SER C 148 -11.56 -42.74 22.17
N TYR C 149 -12.25 -42.27 21.15
CA TYR C 149 -12.58 -40.84 21.05
C TYR C 149 -13.77 -40.59 21.96
N ALA C 150 -14.78 -41.42 21.81
CA ALA C 150 -15.96 -41.34 22.69
C ALA C 150 -15.56 -41.34 24.15
N HIS C 151 -14.56 -42.17 24.51
CA HIS C 151 -14.11 -42.33 25.90
C HIS C 151 -13.46 -41.06 26.42
N SER C 152 -12.97 -40.20 25.53
CA SER C 152 -12.36 -38.96 25.96
C SER C 152 -13.38 -37.82 26.06
N ALA C 153 -14.64 -38.05 25.69
CA ALA C 153 -15.59 -36.94 25.72
C ALA C 153 -15.94 -36.61 27.15
N GLU C 154 -16.11 -35.30 27.42
CA GLU C 154 -16.44 -34.72 28.74
C GLU C 154 -17.47 -33.62 28.64
N GLY C 155 -18.41 -33.62 29.56
CA GLY C 155 -19.43 -32.56 29.59
C GLY C 155 -20.55 -32.88 28.62
N GLU C 156 -21.04 -31.89 27.88
CA GLU C 156 -22.13 -32.11 26.90
C GLU C 156 -21.53 -32.67 25.63
N VAL C 157 -22.27 -33.50 24.90
CA VAL C 157 -21.84 -34.03 23.60
C VAL C 157 -22.97 -33.81 22.62
N THR C 158 -22.63 -33.57 21.36
CA THR C 158 -23.64 -33.28 20.41
C THR C 158 -23.73 -34.43 19.40
N TYR C 159 -24.96 -34.89 19.16
CA TYR C 159 -25.15 -35.97 18.18
C TYR C 159 -26.08 -35.55 17.08
N MET C 160 -25.56 -35.41 15.86
CA MET C 160 -26.40 -35.01 14.75
C MET C 160 -26.79 -36.26 13.96
N VAL C 161 -28.10 -36.38 13.69
CA VAL C 161 -28.74 -37.49 12.94
C VAL C 161 -29.60 -37.03 11.73
N ASP C 162 -29.81 -37.92 10.75
CA ASP C 162 -30.69 -37.74 9.58
C ASP C 162 -32.15 -38.10 9.96
N GLY C 163 -33.09 -37.18 9.76
CA GLY C 163 -34.49 -37.45 10.03
C GLY C 163 -35.27 -37.47 8.74
N SER C 164 -34.58 -37.71 7.63
CA SER C 164 -35.24 -37.69 6.33
C SER C 164 -34.91 -38.90 5.50
N ASN C 165 -34.41 -39.94 6.17
CA ASN C 165 -34.14 -41.19 5.47
C ASN C 165 -35.30 -42.17 5.63
N PRO C 166 -36.09 -42.40 4.55
CA PRO C 166 -37.12 -43.42 4.64
C PRO C 166 -36.58 -44.82 5.01
N LYS C 167 -35.32 -45.12 4.66
CA LYS C 167 -34.78 -46.50 4.85
C LYS C 167 -33.94 -46.78 6.10
N VAL C 168 -33.33 -45.72 6.63
CA VAL C 168 -32.36 -45.82 7.73
C VAL C 168 -32.85 -44.93 8.84
N PRO C 169 -33.00 -45.49 10.05
CA PRO C 169 -33.49 -44.71 11.18
C PRO C 169 -32.41 -43.74 11.77
N ALA C 170 -32.85 -42.64 12.38
CA ALA C 170 -31.96 -41.65 13.00
C ALA C 170 -30.94 -42.25 14.01
N TYR C 171 -31.45 -42.99 14.99
CA TYR C 171 -30.60 -43.82 15.86
C TYR C 171 -30.73 -45.29 15.46
N ARG C 172 -29.59 -45.97 15.34
CA ARG C 172 -29.56 -47.41 15.14
C ARG C 172 -28.63 -48.04 16.15
N PRO C 173 -29.13 -48.99 16.95
CA PRO C 173 -28.25 -49.62 17.95
C PRO C 173 -27.02 -50.23 17.28
N ASP C 174 -27.10 -50.43 15.97
CA ASP C 174 -25.99 -51.02 15.21
C ASP C 174 -25.14 -50.02 14.37
N SER C 175 -25.36 -48.71 14.53
CA SER C 175 -24.40 -47.73 13.98
C SER C 175 -23.12 -47.81 14.80
N PHE C 176 -22.01 -47.31 14.26
CA PHE C 176 -20.82 -47.18 15.09
C PHE C 176 -21.13 -46.24 16.28
N PHE C 177 -22.06 -45.29 16.08
CA PHE C 177 -22.62 -44.55 17.22
C PHE C 177 -23.18 -45.44 18.35
N GLY C 178 -24.22 -46.22 18.03
CA GLY C 178 -24.89 -47.07 19.03
C GLY C 178 -24.00 -48.17 19.60
N LYS C 179 -23.08 -48.68 18.75
CA LYS C 179 -22.15 -49.77 19.09
C LYS C 179 -20.89 -49.33 19.81
N TYR C 180 -20.23 -48.27 19.35
CA TYR C 180 -18.89 -47.93 19.88
C TYR C 180 -18.77 -46.62 20.68
N GLU C 181 -19.78 -45.75 20.58
CA GLU C 181 -19.59 -44.42 21.12
C GLU C 181 -20.54 -44.21 22.28
N LEU C 182 -21.84 -44.32 22.04
CA LEU C 182 -22.76 -44.19 23.16
C LEU C 182 -22.36 -45.14 24.29
N PRO C 183 -22.00 -46.40 24.00
CA PRO C 183 -21.61 -47.22 25.16
C PRO C 183 -20.26 -46.85 25.78
N ASN C 184 -19.45 -46.07 25.10
CA ASN C 184 -18.16 -45.79 25.70
C ASN C 184 -18.06 -44.42 26.32
N LEU C 185 -19.21 -43.78 26.50
CA LEU C 185 -19.27 -42.48 27.16
C LEU C 185 -19.06 -42.68 28.64
N THR C 186 -18.06 -42.03 29.20
CA THR C 186 -17.79 -42.18 30.62
C THR C 186 -18.67 -41.22 31.44
N ASN C 187 -18.69 -41.44 32.77
CA ASN C 187 -19.37 -40.51 33.70
C ASN C 187 -18.89 -39.06 33.64
N LYS C 188 -17.72 -38.82 33.07
CA LYS C 188 -17.27 -37.42 32.81
C LYS C 188 -18.23 -36.67 31.87
N VAL C 189 -19.18 -37.38 31.29
CA VAL C 189 -20.16 -36.80 30.37
C VAL C 189 -21.44 -36.65 31.16
N THR C 190 -22.14 -35.54 30.91
CA THR C 190 -23.35 -35.23 31.68
C THR C 190 -24.61 -34.99 30.83
N ARG C 191 -24.43 -34.85 29.51
CA ARG C 191 -25.56 -34.50 28.63
C ARG C 191 -25.32 -34.92 27.18
N VAL C 192 -26.40 -35.42 26.53
CA VAL C 192 -26.43 -35.73 25.10
C VAL C 192 -27.44 -34.79 24.38
N LYS C 193 -26.92 -33.85 23.57
CA LYS C 193 -27.74 -32.91 22.81
C LYS C 193 -27.83 -33.47 21.40
N VAL C 194 -29.02 -33.84 20.95
CA VAL C 194 -29.22 -34.40 19.62
C VAL C 194 -29.71 -33.24 18.72
N ILE C 195 -29.28 -33.24 17.45
CA ILE C 195 -29.74 -32.34 16.41
C ILE C 195 -30.23 -33.23 15.24
N VAL C 196 -31.50 -33.08 14.92
CA VAL C 196 -32.17 -33.82 13.90
C VAL C 196 -32.17 -33.03 12.62
N LEU C 197 -31.67 -33.68 11.58
CA LEU C 197 -31.51 -33.03 10.29
C LEU C 197 -32.69 -33.33 9.39
N HIS C 198 -33.45 -32.30 9.04
CA HIS C 198 -34.46 -32.48 8.00
C HIS C 198 -33.93 -31.87 6.74
N ARG C 199 -33.63 -32.74 5.79
CA ARG C 199 -33.02 -32.31 4.54
C ARG C 199 -34.00 -31.44 3.76
N LEU C 200 -33.47 -30.39 3.14
CA LEU C 200 -34.33 -29.44 2.46
C LEU C 200 -34.97 -30.10 1.25
N GLY C 201 -36.29 -29.93 1.14
CA GLY C 201 -37.07 -30.41 -0.01
C GLY C 201 -37.51 -31.86 0.07
N GLU C 202 -37.36 -32.47 1.26
CA GLU C 202 -37.65 -33.87 1.48
C GLU C 202 -38.71 -34.15 2.55
N LYS C 203 -39.17 -35.39 2.61
CA LYS C 203 -40.18 -35.71 3.58
C LYS C 203 -39.60 -35.95 4.96
N ILE C 204 -40.19 -35.26 5.92
CA ILE C 204 -39.86 -35.44 7.32
C ILE C 204 -40.25 -36.82 7.83
N ILE C 205 -39.25 -37.57 8.26
CA ILE C 205 -39.50 -38.95 8.70
C ILE C 205 -39.50 -39.02 10.21
N GLU C 206 -38.41 -38.54 10.79
CA GLU C 206 -38.19 -38.71 12.21
C GLU C 206 -38.32 -37.36 12.94
N LYS C 207 -38.93 -37.41 14.12
CA LYS C 207 -39.12 -36.24 14.95
C LYS C 207 -38.70 -36.55 16.40
N CYS C 208 -38.26 -35.53 17.12
CA CYS C 208 -37.86 -35.69 18.52
C CYS C 208 -39.04 -36.26 19.31
N GLY C 209 -38.76 -37.18 20.23
CA GLY C 209 -39.80 -37.73 21.06
C GLY C 209 -40.64 -38.81 20.39
N ALA C 210 -40.18 -39.33 19.24
CA ALA C 210 -40.86 -40.46 18.61
C ALA C 210 -39.92 -41.38 17.85
N GLY C 211 -40.40 -42.59 17.57
CA GLY C 211 -39.65 -43.54 16.78
C GLY C 211 -38.33 -43.75 17.48
N SER C 212 -37.24 -43.73 16.70
CA SER C 212 -35.96 -44.21 17.18
C SER C 212 -35.30 -43.18 18.12
N LEU C 213 -35.70 -41.92 18.00
CA LEU C 213 -35.29 -40.89 18.94
C LEU C 213 -35.85 -41.06 20.35
N LEU C 214 -37.11 -41.49 20.46
CA LEU C 214 -37.70 -41.80 21.78
C LEU C 214 -36.94 -42.97 22.39
N ASP C 215 -36.71 -44.02 21.59
CA ASP C 215 -35.78 -45.11 21.94
C ASP C 215 -34.43 -44.57 22.45
N LEU C 216 -33.89 -43.53 21.78
CA LEU C 216 -32.65 -42.87 22.21
C LEU C 216 -32.77 -42.18 23.58
N GLU C 217 -33.70 -41.24 23.71
CA GLU C 217 -34.01 -40.54 24.96
C GLU C 217 -34.11 -41.54 26.10
N LYS C 218 -34.77 -42.66 25.86
CA LYS C 218 -34.91 -43.73 26.86
C LYS C 218 -33.53 -44.20 27.28
N LEU C 219 -32.71 -44.55 26.28
CA LEU C 219 -31.41 -45.19 26.53
C LEU C 219 -30.46 -44.22 27.20
N VAL C 220 -30.44 -42.98 26.72
CA VAL C 220 -29.56 -41.94 27.23
C VAL C 220 -29.80 -41.68 28.72
N LYS C 221 -31.07 -41.61 29.09
CA LYS C 221 -31.50 -41.43 30.48
C LYS C 221 -31.17 -42.66 31.36
N ALA C 222 -31.15 -43.84 30.76
CA ALA C 222 -30.69 -45.04 31.45
C ALA C 222 -29.18 -45.03 31.78
N LYS C 223 -28.43 -44.23 31.02
CA LYS C 223 -26.98 -44.09 31.21
C LYS C 223 -26.76 -42.95 32.18
N HIS C 224 -27.86 -42.43 32.73
CA HIS C 224 -27.84 -41.26 33.59
C HIS C 224 -27.03 -40.10 33.00
N PHE C 225 -27.49 -39.69 31.82
CA PHE C 225 -27.12 -38.42 31.20
C PHE C 225 -28.40 -37.66 30.94
N ALA C 226 -28.36 -36.34 31.08
CA ALA C 226 -29.42 -35.49 30.56
C ALA C 226 -29.53 -35.58 29.01
N PHE C 227 -30.64 -35.11 28.45
CA PHE C 227 -30.90 -35.32 27.02
C PHE C 227 -31.77 -34.23 26.46
N ASP C 228 -31.35 -33.66 25.35
CA ASP C 228 -32.27 -32.83 24.58
C ASP C 228 -32.12 -33.08 23.08
N CYS C 229 -33.07 -32.52 22.35
CA CYS C 229 -33.24 -32.83 20.95
C CYS C 229 -33.86 -31.62 20.28
N VAL C 230 -33.37 -31.29 19.10
CA VAL C 230 -33.96 -30.17 18.35
C VAL C 230 -33.94 -30.47 16.86
N GLU C 231 -35.00 -30.06 16.18
CA GLU C 231 -35.08 -30.25 14.73
C GLU C 231 -34.84 -28.96 14.01
N ASN C 232 -34.02 -29.05 12.96
CA ASN C 232 -33.42 -27.91 12.25
C ASN C 232 -33.29 -26.58 13.02
N PRO C 233 -32.44 -26.57 14.05
CA PRO C 233 -32.19 -25.30 14.71
C PRO C 233 -31.60 -24.33 13.66
N ARG C 234 -31.78 -23.04 13.89
CA ARG C 234 -31.63 -22.03 12.84
C ARG C 234 -30.23 -21.99 12.27
N ALA C 235 -29.22 -22.29 13.09
CA ALA C 235 -27.84 -22.09 12.67
C ALA C 235 -27.58 -23.17 11.65
N VAL C 236 -28.11 -24.34 11.96
CA VAL C 236 -28.02 -25.53 11.12
C VAL C 236 -28.81 -25.36 9.83
N LEU C 237 -30.09 -25.02 9.94
CA LEU C 237 -30.95 -24.65 8.81
C LEU C 237 -30.31 -23.62 7.88
N PHE C 238 -29.70 -22.57 8.40
CA PHE C 238 -29.10 -21.56 7.53
C PHE C 238 -27.90 -22.12 6.76
N LEU C 239 -27.20 -23.07 7.36
CA LEU C 239 -26.10 -23.72 6.69
C LEU C 239 -26.65 -24.53 5.53
N LEU C 240 -27.69 -25.30 5.77
CA LEU C 240 -28.36 -26.08 4.73
C LEU C 240 -28.92 -25.17 3.65
N CYS C 241 -29.39 -23.99 4.01
CA CYS C 241 -30.02 -23.07 3.04
C CYS C 241 -29.00 -22.47 2.10
N SER C 242 -27.78 -22.27 2.57
CA SER C 242 -26.72 -21.80 1.70
C SER C 242 -26.45 -22.69 0.50
N ASP C 243 -26.53 -24.01 0.68
CA ASP C 243 -26.39 -24.92 -0.47
C ASP C 243 -27.63 -25.05 -1.34
N ASN C 244 -28.75 -24.47 -0.89
CA ASN C 244 -30.03 -24.55 -1.65
C ASN C 244 -30.97 -23.35 -1.34
N PRO C 245 -30.59 -22.16 -1.84
CA PRO C 245 -31.19 -20.94 -1.31
C PRO C 245 -32.67 -20.86 -1.62
N ASN C 246 -33.13 -21.60 -2.63
CA ASN C 246 -34.53 -21.42 -3.05
C ASN C 246 -35.56 -22.39 -2.45
N ALA C 247 -35.09 -23.32 -1.59
CA ALA C 247 -35.95 -24.29 -0.90
C ALA C 247 -36.99 -23.54 -0.09
N ARG C 248 -38.20 -24.09 -0.05
CA ARG C 248 -39.36 -23.48 0.62
C ARG C 248 -39.00 -23.12 2.08
N GLU C 249 -38.30 -24.01 2.74
CA GLU C 249 -37.87 -23.75 4.11
C GLU C 249 -36.89 -22.54 4.26
N CYS C 250 -36.33 -22.07 3.18
CA CYS C 250 -35.32 -21.02 3.30
C CYS C 250 -35.83 -19.63 3.02
N ARG C 251 -37.16 -19.50 2.90
CA ARG C 251 -37.76 -18.19 2.68
C ARG C 251 -37.54 -17.25 3.86
N LEU C 252 -37.34 -15.98 3.57
CA LEU C 252 -37.07 -14.97 4.59
C LEU C 252 -38.10 -13.85 4.49
N ALA C 253 -38.04 -12.92 5.46
CA ALA C 253 -38.85 -11.70 5.45
C ALA C 253 -38.85 -11.03 4.10
N LYS C 254 -37.79 -10.85 3.46
N ALA D 1 14.02 -11.70 19.50
CA ALA D 1 12.85 -11.04 20.18
C ALA D 1 11.49 -11.64 19.81
N ALA D 2 10.68 -10.94 18.99
CA ALA D 2 9.22 -11.21 18.92
C ALA D 2 8.53 -11.90 17.71
N ILE D 3 9.17 -12.02 16.55
CA ILE D 3 8.56 -12.85 15.49
C ILE D 3 9.20 -14.27 15.35
N VAL D 4 8.32 -15.28 15.49
CA VAL D 4 8.72 -16.66 15.70
C VAL D 4 8.56 -17.54 14.49
N PRO D 5 9.70 -17.91 13.86
CA PRO D 5 9.64 -18.74 12.68
C PRO D 5 9.08 -20.16 12.96
N THR D 6 8.40 -20.74 11.99
CA THR D 6 7.85 -22.08 12.07
C THR D 6 8.95 -23.07 12.37
N ARG D 7 8.75 -23.97 13.33
CA ARG D 7 9.80 -24.96 13.50
C ARG D 7 9.76 -26.16 12.53
N GLU D 8 10.96 -26.65 12.20
CA GLU D 8 11.16 -27.85 11.39
C GLU D 8 10.55 -27.56 10.07
N LEU D 9 10.95 -26.40 9.56
CA LEU D 9 10.37 -25.84 8.39
C LEU D 9 10.41 -26.90 7.31
N GLU D 10 11.56 -27.52 7.08
CA GLU D 10 11.69 -28.46 6.01
C GLU D 10 10.78 -29.65 6.17
N ASN D 11 10.67 -30.20 7.37
CA ASN D 11 9.72 -31.32 7.56
C ASN D 11 8.25 -30.90 7.27
N VAL D 12 7.89 -29.72 7.76
CA VAL D 12 6.52 -29.32 7.63
C VAL D 12 6.23 -29.18 6.14
N PHE D 13 7.15 -28.58 5.39
CA PHE D 13 6.96 -28.34 3.97
C PHE D 13 6.83 -29.70 3.21
N LEU D 14 7.68 -30.66 3.57
CA LEU D 14 7.71 -31.98 2.93
C LEU D 14 6.53 -32.81 3.42
N GLY D 15 6.19 -32.69 4.68
CA GLY D 15 4.95 -33.34 5.13
C GLY D 15 3.71 -32.86 4.35
N ARG D 16 3.47 -31.55 4.36
CA ARG D 16 2.27 -30.99 3.69
C ARG D 16 2.29 -31.35 2.25
N CYS D 17 3.46 -31.26 1.62
CA CYS D 17 3.65 -31.53 0.17
C CYS D 17 3.25 -32.97 -0.20
N LYS D 18 3.79 -33.93 0.55
CA LYS D 18 3.48 -35.33 0.43
C LYS D 18 2.03 -35.61 0.70
N ASP D 19 1.52 -35.17 1.85
CA ASP D 19 0.10 -35.23 2.11
C ASP D 19 -0.68 -34.74 0.89
N TYR D 20 -0.36 -33.54 0.39
CA TYR D 20 -1.11 -32.96 -0.73
C TYR D 20 -1.07 -33.76 -2.05
N GLU D 21 0.16 -34.06 -2.49
CA GLU D 21 0.46 -34.86 -3.65
C GLU D 21 -0.48 -36.07 -3.74
N ILE D 22 -0.45 -36.91 -2.72
CA ILE D 22 -1.15 -38.20 -2.72
C ILE D 22 -2.67 -38.12 -2.36
N THR D 23 -3.05 -37.13 -1.56
CA THR D 23 -4.41 -37.22 -0.98
C THR D 23 -5.29 -35.99 -1.07
N ARG D 24 -4.76 -34.80 -1.35
CA ARG D 24 -5.67 -33.65 -1.22
C ARG D 24 -6.15 -33.12 -2.55
N TYR D 25 -7.41 -32.71 -2.65
CA TYR D 25 -7.91 -32.01 -3.85
C TYR D 25 -7.80 -32.81 -5.15
N LEU D 26 -7.77 -34.14 -4.99
CA LEU D 26 -7.48 -35.09 -6.10
C LEU D 26 -8.35 -34.90 -7.34
N ASP D 27 -9.65 -34.67 -7.14
CA ASP D 27 -10.50 -34.51 -8.30
C ASP D 27 -10.84 -33.05 -8.62
N ILE D 28 -10.09 -32.15 -7.98
CA ILE D 28 -10.36 -30.73 -8.08
C ILE D 28 -9.17 -29.98 -8.68
N LEU D 29 -7.97 -30.38 -8.30
CA LEU D 29 -6.78 -29.73 -8.81
C LEU D 29 -5.76 -30.73 -9.26
N PRO D 30 -5.13 -30.46 -10.40
CA PRO D 30 -4.14 -31.40 -10.97
C PRO D 30 -2.93 -31.52 -10.10
N ARG D 31 -2.16 -32.58 -10.32
CA ARG D 31 -0.86 -32.77 -9.72
C ARG D 31 0.17 -31.94 -10.49
N VAL D 32 1.22 -31.48 -9.81
CA VAL D 32 2.33 -30.78 -10.47
C VAL D 32 3.41 -31.79 -10.83
N ARG D 33 4.26 -31.46 -11.78
CA ARG D 33 5.23 -32.45 -12.26
C ARG D 33 6.42 -32.65 -11.33
N SER D 34 6.82 -31.63 -10.59
CA SER D 34 7.97 -31.76 -9.71
C SER D 34 7.66 -32.54 -8.44
N ASP D 35 8.67 -33.25 -7.93
CA ASP D 35 8.52 -33.94 -6.67
C ASP D 35 8.86 -33.02 -5.46
N CYS D 36 8.65 -33.51 -4.23
CA CYS D 36 8.72 -32.61 -3.08
C CYS D 36 10.13 -32.13 -2.81
N SER D 37 11.10 -33.02 -3.04
CA SER D 37 12.51 -32.69 -2.86
C SER D 37 12.87 -31.54 -3.76
N ALA D 38 12.49 -31.65 -5.02
CA ALA D 38 12.80 -30.59 -5.96
C ALA D 38 12.07 -29.27 -5.56
N LEU D 39 10.90 -29.40 -4.94
CA LEU D 39 10.09 -28.24 -4.65
C LEU D 39 10.76 -27.50 -3.44
N TRP D 40 11.13 -28.27 -2.44
CA TRP D 40 11.87 -27.76 -1.33
C TRP D 40 13.12 -26.98 -1.82
N LYS D 41 13.89 -27.57 -2.73
CA LYS D 41 15.12 -26.90 -3.20
C LYS D 41 14.83 -25.60 -3.87
N ASP D 42 13.79 -25.55 -4.69
CA ASP D 42 13.41 -24.26 -5.33
C ASP D 42 12.95 -23.22 -4.31
N PHE D 43 12.12 -23.65 -3.35
CA PHE D 43 11.71 -22.81 -2.23
C PHE D 43 12.88 -22.32 -1.38
N PHE D 44 13.70 -23.26 -0.93
CA PHE D 44 14.82 -22.94 -0.09
C PHE D 44 15.83 -21.95 -0.69
N LYS D 45 16.24 -22.17 -1.93
CA LYS D 45 17.22 -21.26 -2.56
C LYS D 45 16.70 -19.82 -2.77
N ALA D 46 15.38 -19.62 -2.60
CA ALA D 46 14.82 -18.30 -2.73
C ALA D 46 15.31 -17.36 -1.65
N PHE D 47 15.45 -17.87 -0.45
CA PHE D 47 15.73 -17.03 0.67
C PHE D 47 17.00 -17.41 1.42
N SER D 48 17.41 -18.65 1.30
CA SER D 48 18.47 -19.20 2.19
C SER D 48 19.84 -18.56 1.95
N PHE D 49 20.53 -18.24 3.03
CA PHE D 49 21.93 -17.74 2.96
C PHE D 49 22.03 -16.29 2.53
N LYS D 50 20.93 -15.56 2.69
CA LYS D 50 20.93 -14.12 2.52
C LYS D 50 20.45 -13.47 3.83
N ASN D 51 20.77 -12.19 4.03
CA ASN D 51 20.09 -11.43 5.06
C ASN D 51 18.55 -11.62 4.88
N PRO D 52 17.81 -11.54 5.99
CA PRO D 52 16.37 -11.82 5.95
C PRO D 52 15.54 -10.82 5.11
N CYS D 53 16.07 -9.64 4.81
CA CYS D 53 15.37 -8.68 3.93
C CYS D 53 15.99 -8.57 2.53
N ASP D 54 16.86 -9.50 2.18
CA ASP D 54 17.52 -9.50 0.89
C ASP D 54 16.73 -10.32 -0.14
N LEU D 55 15.51 -9.89 -0.43
CA LEU D 55 14.63 -10.64 -1.34
C LEU D 55 14.00 -9.64 -2.28
N ASP D 56 13.58 -10.09 -3.44
CA ASP D 56 12.69 -9.25 -4.22
C ASP D 56 11.61 -10.10 -4.89
N LEU D 57 10.94 -9.51 -5.87
CA LEU D 57 9.84 -10.17 -6.55
C LEU D 57 10.25 -11.39 -7.38
N GLY D 58 11.49 -11.47 -7.81
CA GLY D 58 11.93 -12.62 -8.61
C GLY D 58 12.44 -13.78 -7.77
N SER D 59 12.59 -13.59 -6.47
CA SER D 59 13.27 -14.56 -5.63
C SER D 59 12.66 -15.94 -5.68
N TYR D 60 11.33 -15.99 -5.57
CA TYR D 60 10.59 -17.24 -5.43
C TYR D 60 10.11 -17.79 -6.77
N LYS D 61 10.58 -17.21 -7.87
CA LYS D 61 10.05 -17.51 -9.19
C LYS D 61 10.29 -18.95 -9.65
N ASP D 62 11.50 -19.43 -9.57
CA ASP D 62 11.74 -20.85 -9.85
C ASP D 62 10.75 -21.72 -9.06
N PHE D 63 10.54 -21.40 -7.79
CA PHE D 63 9.60 -22.17 -6.97
C PHE D 63 8.16 -22.13 -7.56
N PHE D 64 7.68 -20.95 -7.88
CA PHE D 64 6.38 -20.82 -8.45
C PHE D 64 6.19 -21.47 -9.79
N THR D 65 7.20 -21.42 -10.60
CA THR D 65 7.12 -22.02 -11.90
C THR D 65 6.85 -23.51 -11.78
N SER D 66 7.55 -24.16 -10.86
CA SER D 66 7.39 -25.55 -10.57
C SER D 66 6.12 -25.92 -9.81
N ALA D 67 5.76 -25.11 -8.83
CA ALA D 67 4.60 -25.38 -7.98
C ALA D 67 3.27 -25.00 -8.60
N GLN D 68 3.23 -24.07 -9.56
CA GLN D 68 1.94 -23.65 -10.10
C GLN D 68 1.11 -24.76 -10.80
N GLN D 69 -0.03 -25.09 -10.23
CA GLN D 69 -0.96 -25.93 -10.99
C GLN D 69 -1.90 -25.17 -11.96
N GLN D 70 -2.24 -25.80 -13.09
CA GLN D 70 -3.37 -25.32 -13.90
C GLN D 70 -4.63 -25.20 -13.01
N LEU D 71 -5.45 -24.16 -13.17
CA LEU D 71 -6.60 -23.90 -12.27
C LEU D 71 -7.90 -24.02 -13.02
N PRO D 72 -8.94 -24.62 -12.38
CA PRO D 72 -10.24 -24.87 -13.08
C PRO D 72 -10.94 -23.62 -13.61
N LYS D 73 -11.34 -23.67 -14.87
CA LYS D 73 -12.17 -22.63 -15.47
C LYS D 73 -13.31 -22.22 -14.52
N ASN D 74 -13.50 -20.91 -14.40
CA ASN D 74 -14.65 -20.36 -13.69
C ASN D 74 -14.63 -20.44 -12.19
N LYS D 75 -13.67 -21.10 -11.57
CA LYS D 75 -13.74 -21.35 -10.14
C LYS D 75 -12.74 -20.55 -9.28
N VAL D 76 -11.97 -19.64 -9.86
CA VAL D 76 -10.95 -18.96 -9.06
C VAL D 76 -11.60 -17.87 -8.28
N MET D 77 -11.36 -17.86 -6.98
CA MET D 77 -11.83 -16.78 -6.16
C MET D 77 -10.71 -15.90 -5.60
N PHE D 78 -10.93 -14.59 -5.61
CA PHE D 78 -10.07 -13.60 -4.98
C PHE D 78 -10.88 -12.94 -3.90
N TRP D 79 -10.19 -12.25 -2.97
CA TRP D 79 -10.85 -11.66 -1.83
C TRP D 79 -9.99 -10.56 -1.24
N SER D 80 -10.60 -9.60 -0.55
CA SER D 80 -9.81 -8.64 0.21
C SER D 80 -10.56 -8.29 1.45
N GLY D 81 -9.95 -8.52 2.62
CA GLY D 81 -10.55 -8.09 3.88
C GLY D 81 -11.58 -9.04 4.47
N VAL D 82 -11.92 -10.11 3.76
CA VAL D 82 -12.95 -11.08 4.20
C VAL D 82 -12.48 -12.52 4.17
N TYR D 83 -11.29 -12.78 4.69
CA TYR D 83 -10.66 -14.08 4.51
C TYR D 83 -11.60 -15.20 4.94
N ASP D 84 -12.28 -15.03 6.07
CA ASP D 84 -13.03 -16.18 6.63
C ASP D 84 -14.31 -16.41 5.85
N GLU D 85 -14.95 -15.31 5.45
CA GLU D 85 -16.20 -15.44 4.75
C GLU D 85 -15.96 -16.05 3.32
N ALA D 86 -14.99 -15.52 2.60
CA ALA D 86 -14.62 -16.05 1.25
C ALA D 86 -14.17 -17.49 1.31
N HIS D 87 -13.40 -17.83 2.32
CA HIS D 87 -13.02 -19.24 2.43
C HIS D 87 -14.20 -20.15 2.84
N ASP D 88 -15.06 -19.65 3.69
CA ASP D 88 -16.22 -20.46 4.07
C ASP D 88 -17.15 -20.70 2.85
N TYR D 89 -17.35 -19.68 2.02
CA TYR D 89 -18.13 -19.77 0.80
C TYR D 89 -17.50 -20.69 -0.25
N ALA D 90 -16.20 -20.51 -0.51
CA ALA D 90 -15.44 -21.33 -1.46
C ALA D 90 -15.49 -22.77 -1.05
N ASN D 91 -15.61 -22.95 0.25
CA ASN D 91 -15.93 -24.27 0.77
C ASN D 91 -14.87 -25.38 0.44
N THR D 92 -13.60 -25.11 0.77
CA THR D 92 -12.45 -26.05 0.52
C THR D 92 -12.47 -26.68 -0.88
N GLY D 93 -12.67 -25.86 -1.89
CA GLY D 93 -12.58 -26.38 -3.24
C GLY D 93 -13.88 -26.86 -3.85
N ARG D 94 -14.92 -27.12 -3.03
CA ARG D 94 -16.19 -27.62 -3.54
C ARG D 94 -16.93 -26.60 -4.46
N LYS D 95 -16.89 -25.31 -4.12
CA LYS D 95 -17.55 -24.32 -4.93
C LYS D 95 -16.59 -23.36 -5.62
N TYR D 96 -15.60 -22.87 -4.88
CA TYR D 96 -14.55 -22.07 -5.47
C TYR D 96 -13.15 -22.51 -5.07
N ILE D 97 -12.18 -22.14 -5.90
CA ILE D 97 -10.83 -22.34 -5.55
C ILE D 97 -10.26 -21.04 -4.90
N THR D 98 -9.57 -21.18 -3.77
CA THR D 98 -8.73 -20.04 -3.27
C THR D 98 -7.28 -20.42 -3.35
N LEU D 99 -6.40 -19.45 -3.11
CA LEU D 99 -4.97 -19.65 -3.25
C LEU D 99 -4.52 -20.65 -2.19
N GLU D 100 -5.16 -20.57 -1.02
CA GLU D 100 -4.92 -21.56 0.03
C GLU D 100 -5.31 -22.96 -0.43
N ASP D 101 -6.11 -23.10 -1.49
CA ASP D 101 -6.35 -24.48 -1.92
C ASP D 101 -5.21 -25.00 -2.80
N THR D 102 -4.45 -24.13 -3.41
CA THR D 102 -3.45 -24.61 -4.31
C THR D 102 -2.23 -25.17 -3.58
N LEU D 103 -1.44 -25.96 -4.30
CA LEU D 103 -0.22 -26.55 -3.73
C LEU D 103 0.66 -25.56 -2.92
N PRO D 104 1.07 -24.42 -3.50
CA PRO D 104 1.99 -23.67 -2.63
C PRO D 104 1.23 -22.85 -1.59
N GLY D 105 -0.02 -22.45 -1.82
CA GLY D 105 -0.81 -21.85 -0.71
C GLY D 105 -0.95 -22.86 0.45
N TYR D 106 -1.15 -24.11 0.15
CA TYR D 106 -1.39 -25.09 1.21
C TYR D 106 -0.11 -25.39 2.00
N MET D 107 1.06 -25.39 1.33
CA MET D 107 2.31 -25.79 1.95
C MET D 107 2.78 -24.66 2.83
N LEU D 108 2.55 -23.41 2.41
CA LEU D 108 3.18 -22.30 3.13
C LEU D 108 2.22 -21.52 4.03
N ASN D 109 0.93 -21.80 3.91
CA ASN D 109 -0.14 -21.22 4.72
C ASN D 109 0.21 -21.06 6.21
N SER D 110 0.15 -19.82 6.71
CA SER D 110 0.42 -19.53 8.13
C SER D 110 1.88 -19.80 8.53
N LEU D 111 2.74 -20.17 7.59
CA LEU D 111 4.13 -20.46 7.99
C LEU D 111 4.94 -19.16 8.12
N VAL D 112 5.98 -19.18 8.89
CA VAL D 112 6.88 -18.02 8.99
C VAL D 112 8.34 -18.51 8.83
N TRP D 113 9.13 -17.84 7.97
CA TRP D 113 10.52 -18.28 7.70
C TRP D 113 11.32 -17.07 7.22
N CYS D 114 12.63 -17.14 7.38
CA CYS D 114 13.50 -16.13 6.81
C CYS D 114 14.90 -16.67 6.76
N GLY D 115 15.67 -16.07 5.87
CA GLY D 115 17.04 -16.46 5.65
C GLY D 115 17.94 -15.77 6.63
N GLN D 116 19.20 -16.23 6.64
CA GLN D 116 20.36 -15.58 7.26
C GLN D 116 21.63 -16.04 6.47
N ARG D 117 22.70 -15.24 6.55
CA ARG D 117 23.97 -15.54 5.88
C ARG D 117 24.67 -16.77 6.41
N ALA D 118 24.67 -16.94 7.74
CA ALA D 118 25.44 -18.01 8.45
C ALA D 118 24.70 -19.35 8.47
N ASN D 119 25.44 -20.45 8.38
CA ASN D 119 24.85 -21.78 8.48
C ASN D 119 23.82 -21.83 9.60
N PRO D 120 22.70 -22.53 9.37
CA PRO D 120 22.48 -23.31 8.14
C PRO D 120 21.62 -22.51 7.11
N GLY D 121 21.78 -21.19 7.06
CA GLY D 121 21.28 -20.37 5.98
C GLY D 121 19.86 -19.85 6.20
N PHE D 122 19.28 -20.18 7.36
CA PHE D 122 17.93 -19.74 7.76
C PHE D 122 17.89 -19.72 9.29
N ASN D 123 17.04 -18.83 9.82
CA ASN D 123 17.02 -18.39 11.20
C ASN D 123 15.87 -19.10 11.86
N GLU D 124 16.24 -19.95 12.85
CA GLU D 124 15.35 -20.80 13.58
C GLU D 124 14.90 -20.11 14.87
N LYS D 125 15.57 -19.03 15.27
CA LYS D 125 15.20 -18.36 16.51
C LYS D 125 14.31 -17.15 16.32
N VAL D 126 14.52 -16.36 15.28
CA VAL D 126 13.78 -15.09 15.11
C VAL D 126 13.79 -14.63 13.67
N CYS D 127 12.72 -13.92 13.27
CA CYS D 127 12.56 -13.23 11.97
C CYS D 127 12.08 -11.81 12.22
N PRO D 128 12.50 -10.84 11.37
CA PRO D 128 12.12 -9.42 11.61
C PRO D 128 10.68 -9.15 11.23
N ASP D 129 10.09 -8.14 11.87
CA ASP D 129 8.84 -7.56 11.40
C ASP D 129 9.15 -7.03 9.99
N PHE D 130 8.36 -7.45 9.01
CA PHE D 130 8.72 -7.22 7.63
C PHE D 130 8.36 -5.77 7.21
N LYS D 131 7.78 -4.98 8.13
CA LYS D 131 7.75 -3.52 8.00
C LYS D 131 9.16 -2.97 8.17
N THR D 132 10.10 -3.83 8.54
CA THR D 132 11.50 -3.34 8.57
C THR D 132 12.23 -3.55 7.22
N CYS D 133 11.69 -4.40 6.34
CA CYS D 133 12.34 -4.75 5.05
C CYS D 133 11.69 -3.97 3.90
N PRO D 134 12.42 -3.71 2.82
CA PRO D 134 11.84 -3.05 1.67
C PRO D 134 10.56 -3.79 1.23
N VAL D 135 9.61 -3.08 0.63
CA VAL D 135 8.37 -3.70 0.17
C VAL D 135 8.59 -4.94 -0.75
N GLN D 136 9.65 -4.93 -1.56
CA GLN D 136 9.90 -6.06 -2.48
C GLN D 136 10.38 -7.34 -1.76
N ALA D 137 11.07 -7.21 -0.64
CA ALA D 137 11.40 -8.40 0.14
C ALA D 137 10.15 -8.80 0.95
N ARG D 138 9.45 -7.81 1.46
CA ARG D 138 8.31 -8.04 2.32
C ARG D 138 7.26 -8.90 1.64
N GLU D 139 7.06 -8.56 0.39
CA GLU D 139 5.99 -9.11 -0.38
C GLU D 139 6.55 -10.10 -1.41
N SER D 140 7.82 -10.41 -1.33
CA SER D 140 8.47 -11.36 -2.29
C SER D 140 7.70 -12.64 -2.41
N PHE D 141 7.37 -13.31 -1.29
CA PHE D 141 6.58 -14.52 -1.35
C PHE D 141 5.08 -14.40 -1.75
N TRP D 142 4.30 -13.69 -0.94
CA TRP D 142 2.85 -13.69 -1.20
C TRP D 142 2.58 -12.81 -2.42
N GLY D 143 3.40 -11.81 -2.61
CA GLY D 143 3.41 -11.06 -3.87
C GLY D 143 3.50 -11.98 -5.11
N MET D 144 4.50 -12.85 -5.19
CA MET D 144 4.67 -13.76 -6.32
C MET D 144 3.55 -14.83 -6.40
N ALA D 145 3.17 -15.39 -5.26
CA ALA D 145 2.09 -16.36 -5.20
C ALA D 145 0.81 -15.76 -5.79
N SER D 146 0.43 -14.58 -5.35
CA SER D 146 -0.76 -13.89 -5.87
C SER D 146 -0.73 -13.74 -7.34
N SER D 147 0.37 -13.19 -7.93
CA SER D 147 0.51 -12.93 -9.42
C SER D 147 0.44 -14.20 -10.24
N SER D 148 1.08 -15.21 -9.71
CA SER D 148 1.16 -16.45 -10.33
C SER D 148 -0.21 -17.22 -10.28
N TYR D 149 -0.80 -17.31 -9.10
CA TYR D 149 -2.22 -17.66 -8.99
C TYR D 149 -3.09 -16.83 -10.00
N ALA D 150 -2.94 -15.49 -10.06
CA ALA D 150 -3.83 -14.67 -10.94
C ALA D 150 -3.64 -15.00 -12.40
N HIS D 151 -2.37 -15.04 -12.82
CA HIS D 151 -1.99 -15.41 -14.17
C HIS D 151 -2.60 -16.77 -14.65
N SER D 152 -2.84 -17.70 -13.74
CA SER D 152 -3.35 -19.03 -14.09
C SER D 152 -4.88 -19.07 -14.25
N ALA D 153 -5.56 -18.04 -13.72
CA ALA D 153 -7.01 -17.93 -13.78
C ALA D 153 -7.60 -17.87 -15.20
N GLU D 154 -8.64 -18.69 -15.40
CA GLU D 154 -9.35 -18.73 -16.68
C GLU D 154 -10.88 -18.62 -16.52
N GLY D 155 -11.53 -17.97 -17.48
CA GLY D 155 -12.99 -17.89 -17.44
C GLY D 155 -13.51 -16.82 -16.52
N GLU D 156 -14.57 -17.13 -15.77
CA GLU D 156 -15.12 -16.19 -14.80
C GLU D 156 -14.27 -16.26 -13.51
N VAL D 157 -14.02 -15.11 -12.90
CA VAL D 157 -13.29 -15.08 -11.65
C VAL D 157 -14.20 -14.31 -10.70
N THR D 158 -14.23 -14.74 -9.42
CA THR D 158 -15.09 -14.10 -8.41
C THR D 158 -14.28 -13.31 -7.38
N TYR D 159 -14.82 -12.21 -6.89
CA TYR D 159 -14.04 -11.32 -6.02
C TYR D 159 -14.85 -10.80 -4.85
N MET D 160 -14.55 -11.29 -3.63
CA MET D 160 -15.39 -10.95 -2.50
C MET D 160 -14.70 -9.89 -1.68
N VAL D 161 -15.40 -8.81 -1.34
CA VAL D 161 -14.79 -7.61 -0.71
C VAL D 161 -15.66 -7.24 0.44
N ASP D 162 -15.11 -6.44 1.35
CA ASP D 162 -15.76 -5.96 2.54
C ASP D 162 -16.39 -4.70 2.17
N GLY D 163 -17.70 -4.62 2.38
CA GLY D 163 -18.45 -3.40 2.12
C GLY D 163 -18.84 -2.59 3.33
N SER D 164 -18.31 -2.97 4.49
CA SER D 164 -18.72 -2.44 5.78
C SER D 164 -17.58 -1.83 6.53
N ASN D 165 -16.47 -1.61 5.87
CA ASN D 165 -15.37 -1.02 6.59
C ASN D 165 -15.21 0.42 6.21
N PRO D 166 -15.58 1.33 7.14
CA PRO D 166 -15.59 2.78 6.89
C PRO D 166 -14.17 3.38 6.62
N LYS D 167 -13.12 2.64 6.99
CA LYS D 167 -11.75 3.10 6.80
C LYS D 167 -10.93 2.40 5.69
N VAL D 168 -11.41 1.28 5.16
CA VAL D 168 -10.66 0.59 4.12
C VAL D 168 -11.64 0.30 2.99
N PRO D 169 -11.51 0.96 1.84
CA PRO D 169 -12.49 0.67 0.80
C PRO D 169 -12.46 -0.78 0.34
N ALA D 170 -13.61 -1.21 -0.18
CA ALA D 170 -13.81 -2.56 -0.70
C ALA D 170 -12.74 -2.83 -1.76
N TYR D 171 -12.61 -1.89 -2.71
CA TYR D 171 -11.53 -1.96 -3.70
C TYR D 171 -10.46 -0.92 -3.55
N ARG D 172 -9.20 -1.41 -3.53
CA ARG D 172 -7.98 -0.57 -3.38
C ARG D 172 -6.83 -1.04 -4.26
N PRO D 173 -6.27 -0.16 -5.10
CA PRO D 173 -5.09 -0.41 -5.91
C PRO D 173 -3.97 -0.99 -5.08
N ASP D 174 -3.94 -0.63 -3.81
CA ASP D 174 -2.83 -0.91 -2.91
C ASP D 174 -3.01 -2.25 -2.15
N SER D 175 -4.06 -3.02 -2.50
CA SER D 175 -4.27 -4.24 -1.82
C SER D 175 -3.54 -5.25 -2.70
N PHE D 176 -3.30 -6.45 -2.15
CA PHE D 176 -2.72 -7.59 -2.88
C PHE D 176 -3.49 -7.92 -4.20
N PHE D 177 -4.81 -7.93 -4.11
CA PHE D 177 -5.64 -7.97 -5.28
C PHE D 177 -5.28 -6.86 -6.26
N GLY D 178 -5.34 -5.62 -5.80
CA GLY D 178 -5.03 -4.45 -6.63
C GLY D 178 -3.58 -4.40 -7.17
N LYS D 179 -2.62 -4.92 -6.42
CA LYS D 179 -1.21 -4.81 -6.80
C LYS D 179 -0.76 -5.98 -7.68
N TYR D 180 -1.29 -7.16 -7.40
CA TYR D 180 -0.73 -8.40 -7.96
C TYR D 180 -1.75 -9.21 -8.75
N GLU D 181 -3.04 -9.02 -8.51
CA GLU D 181 -4.01 -9.96 -9.06
C GLU D 181 -4.83 -9.38 -10.20
N LEU D 182 -5.67 -8.37 -9.97
CA LEU D 182 -6.29 -7.73 -11.13
C LEU D 182 -5.31 -7.39 -12.30
N PRO D 183 -4.17 -6.71 -12.01
CA PRO D 183 -3.34 -6.40 -13.21
C PRO D 183 -2.70 -7.57 -13.88
N ASN D 184 -2.67 -8.77 -13.28
CA ASN D 184 -2.05 -9.92 -13.99
C ASN D 184 -3.00 -10.95 -14.62
N LEU D 185 -4.30 -10.68 -14.57
CA LEU D 185 -5.31 -11.48 -15.24
C LEU D 185 -5.08 -11.44 -16.74
N THR D 186 -5.10 -12.61 -17.38
CA THR D 186 -4.86 -12.69 -18.81
C THR D 186 -6.14 -12.71 -19.56
N ASN D 187 -6.06 -12.49 -20.86
CA ASN D 187 -7.20 -12.58 -21.76
C ASN D 187 -8.01 -13.90 -21.73
N LYS D 188 -7.60 -14.88 -20.93
CA LYS D 188 -8.44 -16.06 -20.70
C LYS D 188 -9.61 -15.82 -19.68
N VAL D 189 -9.54 -14.76 -18.88
CA VAL D 189 -10.63 -14.37 -17.97
C VAL D 189 -11.67 -13.69 -18.80
N THR D 190 -12.95 -13.98 -18.55
CA THR D 190 -14.01 -13.45 -19.39
C THR D 190 -14.77 -12.43 -18.60
N ARG D 191 -14.96 -12.74 -17.33
CA ARG D 191 -15.78 -11.90 -16.46
C ARG D 191 -15.20 -11.77 -15.06
N VAL D 192 -15.31 -10.59 -14.46
CA VAL D 192 -15.06 -10.43 -13.04
C VAL D 192 -16.36 -10.27 -12.25
N LYS D 193 -16.63 -11.22 -11.37
CA LYS D 193 -17.87 -11.21 -10.61
C LYS D 193 -17.59 -10.77 -9.17
N VAL D 194 -18.15 -9.65 -8.76
CA VAL D 194 -17.96 -9.06 -7.41
C VAL D 194 -19.03 -9.35 -6.35
N ILE D 195 -18.61 -9.87 -5.22
CA ILE D 195 -19.52 -10.12 -4.16
C ILE D 195 -19.15 -9.16 -3.03
N VAL D 196 -20.06 -8.25 -2.71
CA VAL D 196 -19.87 -7.29 -1.64
C VAL D 196 -20.46 -7.87 -0.39
N LEU D 197 -19.62 -7.98 0.60
CA LEU D 197 -20.07 -8.39 1.88
C LEU D 197 -20.49 -7.17 2.74
N HIS D 198 -21.73 -7.20 3.22
CA HIS D 198 -22.23 -6.25 4.23
C HIS D 198 -22.42 -6.99 5.54
N ARG D 199 -21.46 -6.84 6.45
CA ARG D 199 -21.45 -7.63 7.68
C ARG D 199 -22.72 -7.35 8.50
N LEU D 200 -23.30 -8.41 9.03
CA LEU D 200 -24.59 -8.33 9.74
C LEU D 200 -24.57 -7.31 10.89
N GLY D 201 -25.55 -6.40 10.92
CA GLY D 201 -25.64 -5.37 11.99
C GLY D 201 -24.57 -4.25 11.95
N GLU D 202 -23.85 -4.17 10.85
CA GLU D 202 -22.89 -3.10 10.66
C GLU D 202 -23.48 -2.12 9.63
N LYS D 203 -23.10 -0.85 9.77
CA LYS D 203 -23.44 0.19 8.80
C LYS D 203 -22.88 -0.19 7.43
N ILE D 204 -23.75 -0.07 6.42
CA ILE D 204 -23.37 -0.24 5.01
C ILE D 204 -22.57 0.95 4.55
N ILE D 205 -21.33 0.69 4.10
CA ILE D 205 -20.48 1.76 3.55
C ILE D 205 -20.31 1.74 2.04
N GLU D 206 -20.14 0.55 1.45
CA GLU D 206 -19.95 0.46 -0.01
C GLU D 206 -21.05 -0.33 -0.71
N LYS D 207 -21.40 0.12 -1.91
CA LYS D 207 -22.46 -0.44 -2.72
C LYS D 207 -21.95 -0.69 -4.12
N CYS D 208 -22.55 -1.67 -4.81
CA CYS D 208 -22.35 -1.84 -6.26
C CYS D 208 -22.69 -0.52 -6.98
N GLY D 209 -21.87 -0.12 -7.95
CA GLY D 209 -22.17 1.05 -8.78
C GLY D 209 -21.80 2.40 -8.19
N ALA D 210 -21.17 2.40 -7.01
CA ALA D 210 -20.79 3.62 -6.30
C ALA D 210 -19.36 3.51 -5.77
N GLY D 211 -18.71 4.65 -5.59
CA GLY D 211 -17.35 4.73 -5.03
C GLY D 211 -16.32 3.75 -5.62
N SER D 212 -15.47 3.20 -4.73
CA SER D 212 -14.42 2.28 -5.14
C SER D 212 -14.92 1.12 -6.05
N LEU D 213 -16.20 0.75 -5.91
CA LEU D 213 -16.82 -0.33 -6.74
C LEU D 213 -17.20 0.09 -8.16
N LEU D 214 -17.61 1.34 -8.29
CA LEU D 214 -17.56 2.00 -9.57
C LEU D 214 -16.13 2.07 -10.15
N ASP D 215 -15.15 2.46 -9.35
CA ASP D 215 -13.76 2.50 -9.84
C ASP D 215 -13.32 1.13 -10.42
N LEU D 216 -13.73 0.04 -9.75
CA LEU D 216 -13.30 -1.31 -10.11
C LEU D 216 -13.84 -1.76 -11.46
N GLU D 217 -15.11 -1.42 -11.69
CA GLU D 217 -15.86 -1.75 -12.89
C GLU D 217 -15.29 -1.13 -14.16
N LYS D 218 -14.97 0.16 -14.11
CA LYS D 218 -14.37 0.81 -15.26
C LYS D 218 -13.01 0.17 -15.53
N LEU D 219 -12.32 -0.22 -14.46
CA LEU D 219 -11.09 -0.95 -14.57
C LEU D 219 -11.33 -2.28 -15.22
N VAL D 220 -12.39 -2.96 -14.79
CA VAL D 220 -12.70 -4.25 -15.34
C VAL D 220 -13.11 -4.15 -16.80
N LYS D 221 -13.99 -3.20 -17.15
CA LYS D 221 -14.41 -3.05 -18.54
C LYS D 221 -13.27 -2.63 -19.45
N ALA D 222 -12.32 -1.87 -18.92
CA ALA D 222 -11.21 -1.41 -19.73
C ALA D 222 -10.26 -2.54 -20.15
N LYS D 223 -10.25 -3.63 -19.38
CA LYS D 223 -9.49 -4.82 -19.78
C LYS D 223 -10.34 -5.69 -20.73
N HIS D 224 -11.49 -5.16 -21.13
CA HIS D 224 -12.49 -5.93 -21.89
C HIS D 224 -12.92 -7.25 -21.23
N PHE D 225 -13.14 -7.22 -19.91
CA PHE D 225 -13.78 -8.37 -19.22
C PHE D 225 -15.16 -7.92 -19.02
N ALA D 226 -16.07 -8.88 -18.89
CA ALA D 226 -17.41 -8.58 -18.40
C ALA D 226 -17.26 -8.28 -16.91
N PHE D 227 -18.33 -7.70 -16.36
CA PHE D 227 -18.41 -7.31 -14.98
C PHE D 227 -19.83 -7.42 -14.43
N ASP D 228 -19.91 -8.01 -13.24
CA ASP D 228 -21.14 -7.96 -12.44
C ASP D 228 -20.78 -7.89 -10.96
N CYS D 229 -21.77 -7.49 -10.16
CA CYS D 229 -21.57 -7.06 -8.78
C CYS D 229 -22.86 -7.33 -8.05
N VAL D 230 -22.76 -7.96 -6.87
CA VAL D 230 -23.95 -8.27 -6.05
C VAL D 230 -23.62 -8.08 -4.54
N GLU D 231 -24.64 -7.70 -3.77
CA GLU D 231 -24.54 -7.39 -2.34
C GLU D 231 -25.23 -8.47 -1.50
N ASN D 232 -24.46 -9.18 -0.69
CA ASN D 232 -24.98 -10.30 0.11
C ASN D 232 -25.93 -11.17 -0.73
N PRO D 233 -25.40 -11.89 -1.71
CA PRO D 233 -26.32 -12.87 -2.30
C PRO D 233 -26.72 -13.89 -1.25
N ARG D 234 -27.85 -14.58 -1.47
CA ARG D 234 -28.46 -15.37 -0.43
C ARG D 234 -27.56 -16.45 0.11
N ALA D 235 -26.85 -17.13 -0.81
CA ALA D 235 -25.97 -18.27 -0.49
C ALA D 235 -24.88 -17.83 0.44
N VAL D 236 -24.50 -16.57 0.30
CA VAL D 236 -23.54 -15.98 1.23
C VAL D 236 -24.27 -15.58 2.50
N LEU D 237 -25.33 -14.80 2.36
CA LEU D 237 -26.12 -14.40 3.50
C LEU D 237 -26.39 -15.54 4.47
N PHE D 238 -26.82 -16.69 3.97
CA PHE D 238 -27.16 -17.81 4.84
C PHE D 238 -25.95 -18.25 5.69
N LEU D 239 -24.74 -18.06 5.17
CA LEU D 239 -23.52 -18.42 5.91
C LEU D 239 -23.26 -17.48 7.08
N LEU D 240 -23.35 -16.17 6.83
CA LEU D 240 -23.38 -15.19 7.87
C LEU D 240 -24.47 -15.52 8.92
N CYS D 241 -25.73 -15.71 8.48
CA CYS D 241 -26.80 -15.97 9.46
C CYS D 241 -26.51 -17.18 10.32
N SER D 242 -25.97 -18.25 9.70
CA SER D 242 -25.62 -19.45 10.46
C SER D 242 -24.80 -19.08 11.69
N ASP D 243 -23.83 -18.17 11.52
CA ASP D 243 -23.01 -17.74 12.64
C ASP D 243 -23.63 -16.69 13.56
N ASN D 244 -24.84 -16.19 13.27
CA ASN D 244 -25.47 -15.10 14.02
C ASN D 244 -26.96 -15.07 13.67
N PRO D 245 -27.74 -16.09 14.14
CA PRO D 245 -29.11 -16.31 13.66
C PRO D 245 -30.11 -15.21 14.00
N ASN D 246 -29.79 -14.36 14.98
CA ASN D 246 -30.67 -13.28 15.43
C ASN D 246 -30.52 -11.92 14.72
N ALA D 247 -29.81 -11.85 13.61
CA ALA D 247 -29.65 -10.55 12.95
C ALA D 247 -30.92 -10.07 12.23
N ARG D 248 -31.25 -8.77 12.34
CA ARG D 248 -32.30 -8.18 11.48
C ARG D 248 -32.29 -8.79 10.09
N GLU D 249 -31.10 -8.85 9.49
CA GLU D 249 -30.90 -9.41 8.15
C GLU D 249 -31.37 -10.86 7.94
N CYS D 250 -31.42 -11.66 9.01
CA CYS D 250 -31.76 -13.09 8.96
C CYS D 250 -33.19 -13.43 9.40
N ARG D 251 -34.06 -12.41 9.49
CA ARG D 251 -35.39 -12.56 10.06
C ARG D 251 -36.22 -13.44 9.16
N LEU D 252 -37.00 -14.34 9.77
CA LEU D 252 -37.77 -15.38 9.03
C LEU D 252 -38.97 -14.86 8.22
N ILE E 3 -3.98 10.25 -18.77
CA ILE E 3 -2.89 11.20 -18.42
C ILE E 3 -2.26 11.58 -19.78
N VAL E 4 -2.02 12.88 -20.00
CA VAL E 4 -1.35 13.40 -21.19
C VAL E 4 0.15 13.44 -20.99
N PRO E 5 0.93 12.72 -21.81
CA PRO E 5 2.39 12.80 -21.69
C PRO E 5 2.91 14.20 -21.91
N THR E 6 4.14 14.43 -21.44
CA THR E 6 4.87 15.68 -21.49
C THR E 6 5.50 15.78 -22.84
N ARG E 7 5.23 16.91 -23.50
CA ARG E 7 5.69 17.19 -24.84
C ARG E 7 7.18 17.40 -24.82
N GLU E 8 7.84 17.04 -25.91
CA GLU E 8 9.26 17.27 -26.07
C GLU E 8 9.98 16.80 -24.83
N LEU E 9 9.59 15.63 -24.32
CA LEU E 9 10.21 15.01 -23.17
C LEU E 9 11.71 15.15 -23.21
N GLU E 10 12.38 14.58 -24.20
CA GLU E 10 13.85 14.69 -24.23
C GLU E 10 14.31 16.12 -24.09
N ASN E 11 13.62 17.06 -24.73
CA ASN E 11 14.00 18.49 -24.81
C ASN E 11 13.91 19.11 -23.40
N VAL E 12 12.88 18.73 -22.63
CA VAL E 12 12.65 19.24 -21.30
C VAL E 12 13.61 18.60 -20.30
N PHE E 13 13.87 17.33 -20.48
CA PHE E 13 14.84 16.63 -19.64
C PHE E 13 16.28 17.25 -19.80
N LEU E 14 16.76 17.34 -21.04
CA LEU E 14 18.05 17.95 -21.39
C LEU E 14 18.18 19.39 -20.98
N GLY E 15 17.09 20.14 -21.05
CA GLY E 15 17.06 21.52 -20.56
C GLY E 15 17.18 21.67 -19.05
N ARG E 16 16.38 20.87 -18.32
CA ARG E 16 16.35 20.88 -16.87
C ARG E 16 17.67 20.39 -16.38
N CYS E 17 18.23 19.38 -17.00
CA CYS E 17 19.52 18.84 -16.60
C CYS E 17 20.69 19.83 -16.68
N LYS E 18 20.75 20.63 -17.73
CA LYS E 18 21.87 21.52 -17.99
C LYS E 18 21.74 22.74 -17.07
N ASP E 19 20.50 23.24 -16.97
CA ASP E 19 20.12 24.23 -16.02
C ASP E 19 20.68 23.77 -14.68
N TYR E 20 20.13 22.68 -14.13
CA TYR E 20 20.67 22.13 -12.87
C TYR E 20 22.21 22.09 -12.85
N GLU E 21 22.83 21.38 -13.78
CA GLU E 21 24.30 21.22 -13.83
C GLU E 21 25.06 22.50 -13.55
N ILE E 22 24.76 23.55 -14.33
CA ILE E 22 25.55 24.74 -14.28
C ILE E 22 25.18 25.70 -13.11
N THR E 23 23.89 25.76 -12.71
CA THR E 23 23.38 26.82 -11.84
C THR E 23 22.58 26.46 -10.55
N ARG E 24 22.19 25.20 -10.34
CA ARG E 24 21.28 24.91 -9.24
C ARG E 24 21.89 24.16 -8.06
N TYR E 25 21.65 24.68 -6.86
CA TYR E 25 22.15 24.06 -5.66
C TYR E 25 23.67 23.92 -5.65
N LEU E 26 24.41 24.88 -6.20
CA LEU E 26 25.87 24.70 -6.38
C LEU E 26 26.63 24.46 -5.09
N ASP E 27 26.23 25.06 -3.99
CA ASP E 27 27.03 24.88 -2.77
C ASP E 27 26.40 23.85 -1.75
N ILE E 28 25.32 23.25 -2.21
CA ILE E 28 24.39 22.52 -1.42
C ILE E 28 24.46 21.06 -1.84
N LEU E 29 24.54 20.79 -3.13
CA LEU E 29 24.62 19.41 -3.66
C LEU E 29 25.69 19.28 -4.66
N PRO E 30 26.31 18.12 -4.71
CA PRO E 30 27.43 18.01 -5.62
C PRO E 30 27.04 17.72 -7.07
N ARG E 31 27.91 18.09 -7.98
CA ARG E 31 27.72 17.72 -9.38
C ARG E 31 27.88 16.21 -9.56
N VAL E 32 27.11 15.66 -10.48
CA VAL E 32 27.19 14.25 -10.83
C VAL E 32 28.24 14.00 -11.94
N ARG E 33 28.82 12.80 -11.99
CA ARG E 33 29.89 12.48 -12.99
C ARG E 33 29.46 12.48 -14.47
N SER E 34 28.25 11.99 -14.77
CA SER E 34 27.75 11.92 -16.14
C SER E 34 27.37 13.26 -16.74
N ASP E 35 27.64 13.44 -18.01
CA ASP E 35 27.07 14.58 -18.74
C ASP E 35 25.58 14.24 -18.97
N CYS E 36 24.83 15.22 -19.45
CA CYS E 36 23.39 15.12 -19.55
C CYS E 36 22.96 14.15 -20.61
N SER E 37 23.75 14.00 -21.66
CA SER E 37 23.35 13.05 -22.72
C SER E 37 23.42 11.61 -22.26
N ALA E 38 24.44 11.27 -21.48
CA ALA E 38 24.56 9.97 -20.91
C ALA E 38 23.32 9.71 -20.02
N LEU E 39 23.05 10.62 -19.09
CA LEU E 39 21.87 10.58 -18.24
C LEU E 39 20.62 10.25 -19.01
N TRP E 40 20.40 10.93 -20.12
CA TRP E 40 19.20 10.76 -20.90
C TRP E 40 19.17 9.38 -21.57
N LYS E 41 20.35 8.96 -22.03
CA LYS E 41 20.50 7.63 -22.59
C LYS E 41 19.96 6.64 -21.61
N ASP E 42 20.40 6.73 -20.35
CA ASP E 42 20.02 5.72 -19.36
C ASP E 42 18.56 5.87 -18.96
N PHE E 43 18.01 7.09 -19.00
CA PHE E 43 16.62 7.29 -18.62
C PHE E 43 15.72 6.75 -19.75
N PHE E 44 16.03 7.07 -20.99
CA PHE E 44 15.27 6.50 -22.13
C PHE E 44 15.29 4.94 -22.18
N LYS E 45 16.46 4.33 -22.13
CA LYS E 45 16.49 2.87 -22.32
C LYS E 45 15.68 2.15 -21.25
N ALA E 46 15.53 2.75 -20.08
CA ALA E 46 14.77 2.14 -18.98
C ALA E 46 13.29 1.81 -19.29
N PHE E 47 12.62 2.66 -20.09
CA PHE E 47 11.20 2.47 -20.34
C PHE E 47 10.88 2.28 -21.79
N SER E 48 11.82 2.65 -22.65
CA SER E 48 11.57 2.71 -24.09
C SER E 48 11.50 1.34 -24.77
N PHE E 49 10.72 1.30 -25.84
CA PHE E 49 10.48 0.10 -26.64
C PHE E 49 9.98 -1.06 -25.83
N LYS E 50 9.45 -0.77 -24.64
CA LYS E 50 8.73 -1.78 -23.87
C LYS E 50 7.31 -1.30 -23.66
N ASN E 51 6.40 -2.21 -23.36
CA ASN E 51 5.05 -1.85 -22.97
C ASN E 51 5.12 -1.22 -21.57
N PRO E 52 4.24 -0.23 -21.28
CA PRO E 52 4.30 0.40 -19.94
C PRO E 52 4.00 -0.51 -18.74
N CYS E 53 3.36 -1.67 -18.93
CA CYS E 53 3.14 -2.53 -17.76
C CYS E 53 4.24 -3.59 -17.58
N ASP E 54 5.34 -3.38 -18.28
CA ASP E 54 6.40 -4.37 -18.33
C ASP E 54 7.59 -4.07 -17.40
N LEU E 55 7.60 -2.85 -16.92
CA LEU E 55 8.60 -2.37 -16.01
C LEU E 55 8.59 -3.10 -14.70
N ASP E 56 9.69 -2.98 -13.98
CA ASP E 56 9.78 -3.47 -12.63
C ASP E 56 10.73 -2.55 -11.83
N LEU E 57 11.18 -3.05 -10.70
CA LEU E 57 11.87 -2.19 -9.76
C LEU E 57 13.28 -1.92 -10.20
N GLY E 58 13.80 -2.71 -11.15
CA GLY E 58 15.16 -2.58 -11.65
C GLY E 58 15.19 -1.82 -12.96
N SER E 59 14.04 -1.39 -13.48
CA SER E 59 14.08 -0.74 -14.79
C SER E 59 14.97 0.49 -14.85
N TYR E 60 14.93 1.31 -13.82
CA TYR E 60 15.63 2.57 -13.77
C TYR E 60 16.92 2.57 -12.99
N LYS E 61 17.34 1.40 -12.53
CA LYS E 61 18.54 1.29 -11.69
C LYS E 61 19.79 2.01 -12.22
N ASP E 62 20.29 1.61 -13.37
CA ASP E 62 21.41 2.32 -14.01
C ASP E 62 21.25 3.85 -14.12
N PHE E 63 20.03 4.33 -14.45
CA PHE E 63 19.73 5.77 -14.42
C PHE E 63 19.95 6.34 -13.08
N PHE E 64 19.42 5.64 -12.07
CA PHE E 64 19.68 6.08 -10.73
C PHE E 64 21.12 5.93 -10.23
N THR E 65 21.84 4.93 -10.71
CA THR E 65 23.26 4.79 -10.38
C THR E 65 23.97 6.04 -10.90
N SER E 66 23.68 6.46 -12.13
CA SER E 66 24.32 7.67 -12.68
C SER E 66 23.83 8.99 -12.10
N ALA E 67 22.54 9.08 -11.78
CA ALA E 67 21.95 10.36 -11.38
C ALA E 67 22.16 10.67 -9.92
N GLN E 68 22.53 9.67 -9.12
CA GLN E 68 22.44 9.84 -7.65
C GLN E 68 23.60 10.66 -7.11
N GLN E 69 23.29 11.76 -6.44
CA GLN E 69 24.25 12.57 -5.68
C GLN E 69 24.43 12.05 -4.24
N GLN E 70 25.64 12.29 -3.72
CA GLN E 70 25.89 12.23 -2.30
C GLN E 70 25.13 13.36 -1.63
N LEU E 71 24.39 13.05 -0.57
CA LEU E 71 23.54 14.03 0.08
C LEU E 71 24.12 14.56 1.41
N PRO E 72 23.91 15.84 1.70
CA PRO E 72 24.51 16.47 2.91
C PRO E 72 24.01 15.87 4.21
N LYS E 73 24.95 15.43 5.02
CA LYS E 73 24.68 14.89 6.31
C LYS E 73 23.63 15.71 7.12
N ASN E 74 22.69 15.01 7.77
CA ASN E 74 21.73 15.66 8.66
C ASN E 74 20.64 16.49 7.93
N LYS E 75 20.69 16.66 6.62
CA LYS E 75 19.76 17.56 5.90
C LYS E 75 18.59 16.91 5.15
N VAL E 76 18.63 15.61 5.03
CA VAL E 76 17.68 14.94 4.17
C VAL E 76 16.31 14.90 4.84
N MET E 77 15.31 15.38 4.13
CA MET E 77 13.94 15.41 4.64
C MET E 77 13.04 14.38 3.92
N PHE E 78 12.23 13.64 4.67
CA PHE E 78 11.26 12.73 4.06
C PHE E 78 9.84 13.26 4.41
N TRP E 79 8.79 12.82 3.71
CA TRP E 79 7.44 13.28 4.11
C TRP E 79 6.34 12.33 3.64
N SER E 80 5.22 12.30 4.34
CA SER E 80 4.01 11.66 3.78
C SER E 80 2.82 12.55 4.04
N GLY E 81 2.03 12.86 3.02
CA GLY E 81 0.74 13.54 3.22
C GLY E 81 0.82 15.04 3.43
N VAL E 82 2.04 15.59 3.41
CA VAL E 82 2.21 17.02 3.62
C VAL E 82 3.25 17.61 2.67
N TYR E 83 3.13 17.26 1.39
CA TYR E 83 4.04 17.74 0.35
C TYR E 83 4.37 19.23 0.52
N ASP E 84 3.33 20.05 0.49
CA ASP E 84 3.45 21.47 0.41
C ASP E 84 4.12 22.03 1.66
N GLU E 85 3.75 21.55 2.84
CA GLU E 85 4.38 22.03 4.00
C GLU E 85 5.86 21.54 4.16
N ALA E 86 6.15 20.34 3.69
CA ALA E 86 7.48 19.78 3.81
C ALA E 86 8.37 20.60 2.91
N HIS E 87 7.91 20.96 1.73
CA HIS E 87 8.74 21.80 0.85
C HIS E 87 8.83 23.24 1.27
N ASP E 88 7.80 23.79 1.86
CA ASP E 88 7.86 25.17 2.37
C ASP E 88 8.90 25.20 3.45
N TYR E 89 8.73 24.36 4.45
CA TYR E 89 9.76 24.27 5.48
C TYR E 89 11.19 23.91 4.96
N ALA E 90 11.35 22.98 4.03
CA ALA E 90 12.70 22.59 3.65
C ALA E 90 13.35 23.78 2.89
N ASN E 91 12.49 24.56 2.23
CA ASN E 91 12.86 25.86 1.64
C ASN E 91 13.95 25.79 0.57
N THR E 92 13.66 25.07 -0.52
CA THR E 92 14.52 25.01 -1.69
C THR E 92 15.97 24.66 -1.28
N GLY E 93 16.10 23.77 -0.30
CA GLY E 93 17.41 23.31 0.16
C GLY E 93 18.14 24.20 1.14
N ARG E 94 17.60 25.37 1.46
CA ARG E 94 18.26 26.21 2.48
C ARG E 94 18.26 25.61 3.91
N LYS E 95 17.20 24.94 4.30
CA LYS E 95 17.08 24.31 5.62
C LYS E 95 17.24 22.81 5.47
N TYR E 96 16.46 22.22 4.57
CA TYR E 96 16.63 20.80 4.29
C TYR E 96 16.67 20.53 2.80
N ILE E 97 17.12 19.34 2.46
CA ILE E 97 17.08 18.79 1.14
C ILE E 97 15.85 17.89 1.00
N THR E 98 15.11 17.95 -0.11
CA THR E 98 14.11 16.87 -0.48
C THR E 98 14.40 16.22 -1.85
N LEU E 99 13.60 15.22 -2.23
CA LEU E 99 13.87 14.44 -3.44
C LEU E 99 13.89 15.39 -4.63
N GLU E 100 12.98 16.36 -4.63
CA GLU E 100 12.81 17.38 -5.65
C GLU E 100 13.93 18.35 -5.83
N ASP E 101 14.89 18.35 -4.89
CA ASP E 101 16.06 19.20 -4.97
C ASP E 101 17.18 18.46 -5.68
N THR E 102 17.17 17.14 -5.60
CA THR E 102 18.27 16.40 -6.12
C THR E 102 18.12 16.35 -7.61
N LEU E 103 19.21 16.03 -8.29
CA LEU E 103 19.23 15.90 -9.75
C LEU E 103 18.05 15.10 -10.36
N PRO E 104 17.88 13.85 -10.00
CA PRO E 104 16.73 13.18 -10.64
C PRO E 104 15.32 13.70 -10.25
N GLY E 105 15.13 14.31 -9.09
CA GLY E 105 13.76 14.69 -8.75
C GLY E 105 13.52 16.00 -9.46
N TYR E 106 14.56 16.74 -9.75
CA TYR E 106 14.40 18.04 -10.35
C TYR E 106 14.17 17.85 -11.83
N MET E 107 14.93 16.97 -12.48
CA MET E 107 14.66 16.65 -13.88
C MET E 107 13.21 16.16 -14.14
N LEU E 108 12.71 15.21 -13.35
CA LEU E 108 11.51 14.50 -13.71
C LEU E 108 10.25 15.05 -13.07
N ASN E 109 10.44 16.04 -12.23
CA ASN E 109 9.37 16.65 -11.48
C ASN E 109 8.11 17.05 -12.27
N SER E 110 7.00 16.42 -11.90
CA SER E 110 5.67 16.61 -12.52
C SER E 110 5.50 16.02 -13.94
N LEU E 111 6.56 15.42 -14.46
CA LEU E 111 6.53 14.88 -15.81
C LEU E 111 5.74 13.56 -15.95
N VAL E 112 5.22 13.33 -17.13
CA VAL E 112 4.45 12.13 -17.40
C VAL E 112 5.07 11.54 -18.66
N TRP E 113 5.38 10.25 -18.67
CA TRP E 113 5.97 9.65 -19.86
C TRP E 113 5.56 8.19 -19.87
N CYS E 114 5.62 7.54 -21.02
CA CYS E 114 5.51 6.10 -21.05
C CYS E 114 6.09 5.55 -22.31
N GLY E 115 6.71 4.38 -22.21
CA GLY E 115 7.14 3.66 -23.39
C GLY E 115 5.96 3.07 -24.15
N GLN E 116 6.29 2.40 -25.26
CA GLN E 116 5.36 1.64 -26.10
C GLN E 116 6.28 0.82 -26.97
N ARG E 117 5.75 -0.27 -27.57
CA ARG E 117 6.57 -1.18 -28.40
C ARG E 117 6.85 -0.63 -29.80
N ALA E 118 5.86 0.03 -30.41
CA ALA E 118 6.03 0.65 -31.72
C ALA E 118 6.96 1.85 -31.67
N ASN E 119 7.66 2.11 -32.76
CA ASN E 119 8.54 3.28 -32.84
C ASN E 119 7.74 4.59 -32.71
N PRO E 120 8.35 5.61 -32.10
CA PRO E 120 9.74 5.67 -31.68
C PRO E 120 9.96 5.15 -30.25
N GLY E 121 9.07 4.28 -29.79
CA GLY E 121 9.31 3.50 -28.57
C GLY E 121 8.94 4.24 -27.31
N PHE E 122 8.22 5.37 -27.50
CA PHE E 122 7.55 6.07 -26.42
C PHE E 122 6.26 6.69 -26.93
N ASN E 123 5.39 7.11 -26.03
CA ASN E 123 4.01 7.46 -26.37
C ASN E 123 3.69 8.91 -26.02
N GLU E 124 3.26 9.67 -27.02
CA GLU E 124 2.96 11.08 -26.84
C GLU E 124 1.46 11.29 -26.80
N LYS E 125 0.71 10.23 -27.05
CA LYS E 125 -0.74 10.31 -27.10
C LYS E 125 -1.18 10.34 -25.66
N VAL E 126 -0.78 9.30 -24.95
CA VAL E 126 -1.57 8.80 -23.84
C VAL E 126 -0.71 7.92 -22.95
N CYS E 127 -1.02 7.90 -21.66
CA CYS E 127 -0.43 6.92 -20.77
C CYS E 127 -1.52 6.24 -19.96
N PRO E 128 -1.31 4.96 -19.62
CA PRO E 128 -2.23 4.18 -18.77
C PRO E 128 -2.45 4.77 -17.37
N ASP E 129 -3.63 4.54 -16.81
CA ASP E 129 -3.92 4.90 -15.44
C ASP E 129 -2.94 4.16 -14.52
N PHE E 130 -2.60 4.75 -13.37
CA PHE E 130 -1.73 4.01 -12.41
C PHE E 130 -2.15 2.54 -12.25
N LYS E 131 -3.42 2.31 -11.90
CA LYS E 131 -3.82 1.02 -11.38
C LYS E 131 -4.08 -0.05 -12.38
N THR E 132 -3.76 0.22 -13.65
CA THR E 132 -3.90 -0.84 -14.65
C THR E 132 -2.67 -1.73 -14.74
N CYS E 133 -1.50 -1.24 -14.34
CA CYS E 133 -0.28 -2.10 -14.33
C CYS E 133 -0.03 -2.79 -12.98
N PRO E 134 0.70 -3.91 -12.97
CA PRO E 134 1.12 -4.52 -11.72
C PRO E 134 1.88 -3.52 -10.87
N VAL E 135 1.85 -3.70 -9.55
CA VAL E 135 2.44 -2.71 -8.71
C VAL E 135 3.90 -2.36 -9.10
N GLN E 136 4.71 -3.31 -9.60
CA GLN E 136 6.17 -3.16 -9.64
C GLN E 136 6.57 -2.36 -10.86
N ALA E 137 5.65 -2.32 -11.79
CA ALA E 137 5.68 -1.41 -12.92
C ALA E 137 5.19 -0.03 -12.54
N ARG E 138 4.00 0.10 -11.96
CA ARG E 138 3.48 1.41 -11.56
C ARG E 138 4.44 2.13 -10.69
N GLU E 139 5.16 1.37 -9.90
CA GLU E 139 5.99 2.04 -8.91
C GLU E 139 7.47 1.95 -9.33
N SER E 140 7.71 1.53 -10.55
CA SER E 140 9.04 1.27 -10.99
C SER E 140 9.96 2.47 -10.91
N PHE E 141 9.50 3.62 -11.39
CA PHE E 141 10.24 4.87 -11.24
C PHE E 141 10.34 5.46 -9.81
N TRP E 142 9.21 5.86 -9.17
CA TRP E 142 9.34 6.49 -7.84
C TRP E 142 9.71 5.49 -6.73
N GLY E 143 9.42 4.20 -6.87
CA GLY E 143 10.04 3.24 -6.02
C GLY E 143 11.57 3.40 -6.06
N MET E 144 12.16 3.32 -7.23
CA MET E 144 13.61 3.38 -7.34
C MET E 144 14.19 4.76 -6.90
N ALA E 145 13.48 5.84 -7.21
CA ALA E 145 13.94 7.18 -6.78
C ALA E 145 13.91 7.26 -5.29
N SER E 146 12.81 6.81 -4.71
CA SER E 146 12.67 6.88 -3.27
C SER E 146 13.78 6.06 -2.55
N SER E 147 14.06 4.88 -3.07
CA SER E 147 15.07 3.99 -2.47
C SER E 147 16.47 4.51 -2.63
N SER E 148 16.76 5.12 -3.79
CA SER E 148 18.13 5.58 -3.99
C SER E 148 18.32 6.83 -3.15
N TYR E 149 17.31 7.64 -3.07
CA TYR E 149 17.32 8.83 -2.23
C TYR E 149 17.55 8.43 -0.78
N ALA E 150 16.76 7.50 -0.30
CA ALA E 150 16.88 7.06 1.08
C ALA E 150 18.24 6.45 1.33
N HIS E 151 18.66 5.55 0.46
CA HIS E 151 19.94 4.85 0.56
C HIS E 151 21.13 5.81 0.78
N SER E 152 21.09 7.03 0.27
CA SER E 152 22.23 7.94 0.47
C SER E 152 22.10 8.93 1.64
N ALA E 153 21.01 8.86 2.39
CA ALA E 153 20.88 9.76 3.52
C ALA E 153 21.92 9.42 4.59
N GLU E 154 22.33 10.45 5.33
CA GLU E 154 23.38 10.30 6.33
C GLU E 154 23.07 11.24 7.47
N GLY E 155 23.39 10.81 8.68
CA GLY E 155 23.17 11.66 9.84
C GLY E 155 21.73 11.52 10.28
N GLU E 156 21.26 12.54 10.95
CA GLU E 156 19.85 12.68 11.26
C GLU E 156 19.06 12.79 10.00
N VAL E 157 17.83 12.30 10.05
CA VAL E 157 16.97 12.46 8.94
C VAL E 157 15.71 12.95 9.57
N THR E 158 14.96 13.73 8.80
CA THR E 158 13.79 14.30 9.33
C THR E 158 12.60 13.74 8.54
N TYR E 159 11.43 13.58 9.18
CA TYR E 159 10.24 13.02 8.51
C TYR E 159 9.00 13.84 8.96
N MET E 160 8.43 14.60 8.03
CA MET E 160 7.20 15.29 8.32
C MET E 160 5.94 14.52 7.89
N VAL E 161 5.00 14.36 8.81
CA VAL E 161 3.80 13.55 8.58
C VAL E 161 2.58 14.36 8.92
N ASP E 162 1.42 13.84 8.53
CA ASP E 162 0.15 14.47 8.79
C ASP E 162 -0.49 13.82 9.99
N GLY E 163 -0.72 14.65 11.01
CA GLY E 163 -1.31 14.19 12.22
C GLY E 163 -2.78 14.53 12.31
N SER E 164 -3.39 14.95 11.19
CA SER E 164 -4.81 15.32 11.21
C SER E 164 -5.68 14.65 10.16
N ASN E 165 -5.22 13.54 9.62
CA ASN E 165 -6.04 12.84 8.64
C ASN E 165 -6.87 11.70 9.30
N PRO E 166 -8.19 11.89 9.45
CA PRO E 166 -8.95 10.85 10.15
C PRO E 166 -8.98 9.53 9.41
N LYS E 167 -8.69 9.56 8.11
CA LYS E 167 -8.65 8.36 7.27
C LYS E 167 -7.27 7.67 7.25
N VAL E 168 -6.22 8.45 7.01
CA VAL E 168 -4.86 7.95 6.71
C VAL E 168 -3.89 8.15 7.87
N PRO E 169 -3.33 7.07 8.45
CA PRO E 169 -2.41 7.32 9.58
C PRO E 169 -1.11 8.11 9.20
N ALA E 170 -0.48 8.66 10.21
CA ALA E 170 0.63 9.51 10.05
C ALA E 170 1.75 8.68 9.43
N TYR E 171 1.94 7.49 9.99
CA TYR E 171 2.91 6.55 9.48
C TYR E 171 2.16 5.30 8.98
N ARG E 172 2.55 4.87 7.79
CA ARG E 172 1.94 3.73 7.12
C ARG E 172 3.11 2.94 6.47
N PRO E 173 3.15 1.61 6.68
CA PRO E 173 4.18 0.87 5.99
C PRO E 173 3.86 0.81 4.50
N ASP E 174 2.60 0.99 4.15
CA ASP E 174 2.16 1.06 2.77
C ASP E 174 2.53 2.35 1.94
N SER E 175 3.09 3.39 2.57
CA SER E 175 3.34 4.66 1.93
C SER E 175 4.67 4.51 1.28
N PHE E 176 4.98 5.41 0.39
CA PHE E 176 6.26 5.38 -0.27
C PHE E 176 7.40 5.32 0.73
N PHE E 177 7.25 6.01 1.85
CA PHE E 177 8.23 6.13 2.88
C PHE E 177 8.34 4.81 3.64
N GLY E 178 7.19 4.20 3.97
CA GLY E 178 7.19 2.94 4.66
C GLY E 178 7.67 1.81 3.77
N LYS E 179 7.54 2.00 2.45
CA LYS E 179 7.86 0.91 1.50
C LYS E 179 9.30 0.92 1.03
N TYR E 180 9.79 2.11 0.78
CA TYR E 180 10.99 2.31 0.02
C TYR E 180 12.06 3.10 0.79
N GLU E 181 11.72 3.80 1.86
CA GLU E 181 12.65 4.82 2.45
C GLU E 181 13.16 4.41 3.79
N LEU E 182 12.25 4.36 4.77
CA LEU E 182 12.56 3.78 6.10
C LEU E 182 13.43 2.51 6.07
N PRO E 183 12.95 1.45 5.38
CA PRO E 183 13.71 0.19 5.38
C PRO E 183 14.98 0.29 4.60
N ASN E 184 15.18 1.38 3.88
CA ASN E 184 16.41 1.45 3.08
C ASN E 184 17.39 2.44 3.71
N LEU E 185 17.02 3.02 4.85
CA LEU E 185 18.05 3.83 5.52
C LEU E 185 19.15 2.88 5.94
N THR E 186 20.39 3.31 5.74
CA THR E 186 21.64 2.53 6.09
C THR E 186 22.22 2.87 7.48
N ASN E 187 23.32 2.24 7.87
CA ASN E 187 23.92 2.51 9.16
C ASN E 187 24.70 3.83 9.24
N LYS E 188 24.72 4.60 8.16
CA LYS E 188 25.20 5.98 8.18
C LYS E 188 24.17 6.93 8.73
N VAL E 189 22.90 6.52 8.71
CA VAL E 189 21.86 7.31 9.32
C VAL E 189 21.98 7.12 10.84
N THR E 190 21.86 8.21 11.65
CA THR E 190 21.98 8.09 13.12
C THR E 190 20.68 8.29 13.91
N ARG E 191 19.66 8.95 13.32
CA ARG E 191 18.50 9.39 14.05
C ARG E 191 17.37 9.70 13.09
N VAL E 192 16.14 9.33 13.45
CA VAL E 192 14.97 9.75 12.72
C VAL E 192 14.20 10.78 13.52
N LYS E 193 13.99 11.98 12.94
CA LYS E 193 13.35 13.09 13.63
C LYS E 193 11.98 13.39 13.04
N VAL E 194 10.91 13.10 13.76
CA VAL E 194 9.57 13.22 13.18
C VAL E 194 8.95 14.58 13.53
N ILE E 195 8.34 15.23 12.55
CA ILE E 195 7.65 16.48 12.83
C ILE E 195 6.20 16.21 12.52
N VAL E 196 5.32 16.21 13.51
CA VAL E 196 3.94 15.92 13.21
C VAL E 196 3.20 17.19 12.87
N LEU E 197 2.54 17.24 11.75
CA LEU E 197 1.74 18.39 11.42
C LEU E 197 0.29 18.28 11.95
N HIS E 198 -0.09 19.20 12.84
CA HIS E 198 -1.44 19.26 13.35
C HIS E 198 -2.08 20.44 12.64
N ARG E 199 -2.82 20.19 11.57
CA ARG E 199 -3.39 21.31 10.77
C ARG E 199 -4.19 22.35 11.59
N LEU E 200 -4.13 23.60 11.13
CA LEU E 200 -4.82 24.70 11.77
C LEU E 200 -6.34 24.48 11.82
N GLY E 201 -6.91 24.60 13.02
CA GLY E 201 -8.35 24.51 13.19
C GLY E 201 -8.98 23.21 12.72
N GLU E 202 -8.24 22.09 12.88
CA GLU E 202 -8.72 20.73 12.55
C GLU E 202 -8.50 19.82 13.75
N LYS E 203 -9.30 18.77 13.87
CA LYS E 203 -9.18 17.86 15.00
C LYS E 203 -7.87 17.13 14.91
N ILE E 204 -7.20 16.99 16.03
CA ILE E 204 -6.03 16.15 16.18
C ILE E 204 -6.34 14.65 16.22
N ILE E 205 -5.78 13.92 15.25
CA ILE E 205 -5.92 12.48 15.10
C ILE E 205 -4.72 11.72 15.72
N GLU E 206 -3.49 12.15 15.41
CA GLU E 206 -2.30 11.51 15.89
C GLU E 206 -1.45 12.39 16.80
N LYS E 207 -0.85 11.78 17.83
CA LYS E 207 0.14 12.44 18.71
C LYS E 207 1.40 11.60 18.83
N CYS E 208 2.56 12.22 19.08
CA CYS E 208 3.77 11.48 19.47
C CYS E 208 3.52 10.43 20.57
N GLY E 209 4.20 9.30 20.48
CA GLY E 209 4.08 8.25 21.48
C GLY E 209 2.74 7.54 21.49
N ALA E 210 1.92 7.73 20.44
CA ALA E 210 0.65 6.99 20.32
C ALA E 210 0.32 6.50 18.89
N GLY E 211 -0.70 5.66 18.74
CA GLY E 211 -1.06 5.14 17.42
C GLY E 211 0.12 4.77 16.54
N SER E 212 0.11 5.27 15.31
CA SER E 212 1.03 4.83 14.26
C SER E 212 2.43 5.41 14.47
N LEU E 213 2.46 6.51 15.21
CA LEU E 213 3.68 7.08 15.72
C LEU E 213 4.46 6.23 16.70
N LEU E 214 3.79 5.44 17.53
CA LEU E 214 4.49 4.49 18.36
C LEU E 214 4.93 3.28 17.52
N ASP E 215 4.12 2.90 16.54
CA ASP E 215 4.59 1.84 15.68
C ASP E 215 5.91 2.29 15.04
N LEU E 216 5.90 3.51 14.49
CA LEU E 216 7.07 4.05 13.81
C LEU E 216 8.30 4.04 14.68
N GLU E 217 8.17 4.61 15.87
CA GLU E 217 9.20 4.56 16.91
C GLU E 217 9.73 3.15 17.08
N LYS E 218 8.86 2.17 17.18
CA LYS E 218 9.38 0.82 17.36
C LYS E 218 10.29 0.39 16.22
N LEU E 219 9.88 0.66 14.97
CA LEU E 219 10.64 0.23 13.81
C LEU E 219 11.97 0.96 13.76
N VAL E 220 11.92 2.22 14.18
CA VAL E 220 13.09 3.08 14.18
C VAL E 220 14.13 2.52 15.14
N LYS E 221 13.71 2.25 16.36
CA LYS E 221 14.60 1.61 17.35
C LYS E 221 15.09 0.23 16.91
N ALA E 222 14.25 -0.55 16.24
CA ALA E 222 14.68 -1.85 15.71
C ALA E 222 15.80 -1.76 14.65
N LYS E 223 15.74 -0.73 13.81
CA LYS E 223 16.76 -0.48 12.83
C LYS E 223 18.03 0.13 13.47
N HIS E 224 18.01 0.31 14.79
CA HIS E 224 19.17 0.84 15.53
C HIS E 224 19.39 2.31 15.34
N PHE E 225 18.32 3.02 15.02
CA PHE E 225 18.38 4.48 14.97
C PHE E 225 17.84 5.05 16.24
N ALA E 226 18.33 6.25 16.57
CA ALA E 226 17.70 7.03 17.62
C ALA E 226 16.47 7.69 16.98
N PHE E 227 15.60 8.25 17.83
CA PHE E 227 14.27 8.68 17.42
C PHE E 227 13.85 9.83 18.31
N ASP E 228 13.34 10.91 17.72
CA ASP E 228 12.62 11.94 18.48
C ASP E 228 11.39 12.36 17.67
N CYS E 229 10.56 13.26 18.17
CA CYS E 229 9.21 13.54 17.59
C CYS E 229 8.69 14.83 18.19
N VAL E 230 8.28 15.81 17.37
CA VAL E 230 7.66 17.03 17.89
C VAL E 230 6.35 17.31 17.15
N GLU E 231 5.42 18.00 17.79
CA GLU E 231 4.18 18.39 17.12
C GLU E 231 4.13 19.89 16.85
N ASN E 232 3.86 20.28 15.61
CA ASN E 232 3.83 21.72 15.26
C ASN E 232 4.92 22.61 15.90
N PRO E 233 6.22 22.30 15.63
CA PRO E 233 7.26 23.10 16.31
C PRO E 233 7.13 24.50 15.77
N ARG E 234 7.67 25.52 16.46
CA ARG E 234 7.32 26.89 16.13
C ARG E 234 7.60 27.34 14.69
N ALA E 235 8.80 27.04 14.19
CA ALA E 235 9.16 27.48 12.84
C ALA E 235 8.23 26.92 11.85
N VAL E 236 7.70 25.74 12.14
CA VAL E 236 6.72 25.14 11.23
C VAL E 236 5.33 25.79 11.41
N LEU E 237 4.90 25.89 12.66
CA LEU E 237 3.62 26.61 12.96
C LEU E 237 3.48 28.02 12.35
N PHE E 238 4.57 28.79 12.28
CA PHE E 238 4.50 30.10 11.66
C PHE E 238 4.35 30.01 10.18
N LEU E 239 4.75 28.88 9.57
CA LEU E 239 4.51 28.66 8.12
C LEU E 239 3.04 28.50 7.81
N LEU E 240 2.42 27.55 8.51
CA LEU E 240 0.97 27.39 8.59
C LEU E 240 0.28 28.72 8.86
N CYS E 241 0.64 29.38 9.93
CA CYS E 241 -0.04 30.65 10.31
C CYS E 241 0.01 31.68 9.21
N SER E 242 1.10 31.74 8.46
CA SER E 242 1.18 32.72 7.40
C SER E 242 0.01 32.58 6.45
N ASP E 243 -0.35 31.34 6.11
CA ASP E 243 -1.43 31.07 5.16
C ASP E 243 -2.87 31.15 5.75
N ASN E 244 -2.93 31.26 7.08
CA ASN E 244 -4.15 31.23 7.81
C ASN E 244 -3.95 32.05 9.09
N PRO E 245 -3.67 33.37 8.96
CA PRO E 245 -3.35 34.19 10.16
C PRO E 245 -4.44 34.25 11.21
N ASN E 246 -5.70 34.06 10.79
CA ASN E 246 -6.82 34.29 11.67
C ASN E 246 -7.11 33.09 12.53
N ALA E 247 -6.31 32.06 12.38
CA ALA E 247 -6.45 30.80 13.12
C ALA E 247 -6.17 31.03 14.59
N ARG E 248 -6.96 30.35 15.42
CA ARG E 248 -6.88 30.41 16.88
C ARG E 248 -5.48 30.08 17.42
N GLU E 249 -4.75 29.16 16.79
CA GLU E 249 -3.39 28.80 17.22
C GLU E 249 -2.37 29.92 16.94
N CYS E 250 -2.73 30.87 16.10
CA CYS E 250 -1.79 31.93 15.68
C CYS E 250 -1.99 33.29 16.42
N ARG E 251 -2.65 33.25 17.58
CA ARG E 251 -2.93 34.47 18.35
C ARG E 251 -1.61 35.02 18.90
N LEU E 252 -1.29 36.27 18.62
CA LEU E 252 -0.07 36.88 19.19
C LEU E 252 -0.35 37.54 20.55
N ALA E 253 0.71 37.84 21.30
CA ALA E 253 0.65 38.81 22.42
C ALA E 253 1.42 40.10 22.03
N LYS E 254 2.17 40.78 22.79
N ILE F 3 34.50 39.78 -11.54
CA ILE F 3 33.37 38.80 -11.68
C ILE F 3 33.55 37.70 -12.77
N VAL F 4 33.25 36.45 -12.40
CA VAL F 4 33.26 35.29 -13.34
C VAL F 4 31.90 34.98 -14.00
N PRO F 5 31.83 35.05 -15.35
CA PRO F 5 30.59 34.79 -16.12
C PRO F 5 30.08 33.36 -16.07
N THR F 6 28.77 33.19 -16.18
CA THR F 6 28.14 31.90 -16.26
C THR F 6 28.67 31.09 -17.46
N ARG F 7 29.14 29.87 -17.23
CA ARG F 7 29.58 28.96 -18.31
C ARG F 7 28.40 28.59 -19.22
N GLU F 8 28.69 28.25 -20.49
CA GLU F 8 27.70 27.62 -21.40
C GLU F 8 26.37 28.42 -21.44
N LEU F 9 26.47 29.74 -21.53
CA LEU F 9 25.33 30.63 -21.30
C LEU F 9 24.22 30.33 -22.27
N GLU F 10 24.62 29.85 -23.43
CA GLU F 10 23.67 29.57 -24.49
C GLU F 10 22.85 28.34 -24.15
N ASN F 11 23.53 27.32 -23.67
CA ASN F 11 22.83 26.12 -23.22
C ASN F 11 21.91 26.35 -22.04
N VAL F 12 22.36 27.23 -21.15
CA VAL F 12 21.61 27.53 -19.93
C VAL F 12 20.37 28.28 -20.34
N PHE F 13 20.57 29.32 -21.13
CA PHE F 13 19.47 30.11 -21.58
C PHE F 13 18.41 29.25 -22.22
N LEU F 14 18.82 28.38 -23.15
CA LEU F 14 17.90 27.53 -23.88
C LEU F 14 17.24 26.41 -23.01
N GLY F 15 18.02 25.75 -22.16
CA GLY F 15 17.45 24.72 -21.30
C GLY F 15 16.31 25.36 -20.52
N ARG F 16 16.59 26.56 -19.98
CA ARG F 16 15.67 27.25 -19.09
C ARG F 16 14.42 27.70 -19.81
N CYS F 17 14.62 28.23 -21.00
CA CYS F 17 13.51 28.72 -21.76
C CYS F 17 12.60 27.54 -22.13
N LYS F 18 13.20 26.39 -22.50
CA LYS F 18 12.45 25.23 -22.94
C LYS F 18 11.70 24.61 -21.74
N ASP F 19 12.41 24.38 -20.64
CA ASP F 19 11.75 23.95 -19.39
C ASP F 19 10.61 24.96 -19.05
N TYR F 20 10.91 26.25 -19.17
CA TYR F 20 9.82 27.22 -18.93
C TYR F 20 8.71 27.06 -19.94
N GLU F 21 9.07 26.98 -21.21
CA GLU F 21 8.08 26.73 -22.25
C GLU F 21 7.13 25.56 -21.91
N ILE F 22 7.66 24.35 -21.80
CA ILE F 22 6.77 23.17 -21.66
C ILE F 22 6.10 23.05 -20.28
N THR F 23 6.74 23.56 -19.25
CA THR F 23 6.32 23.12 -17.93
C THR F 23 6.07 24.12 -16.83
N ARG F 24 6.41 25.40 -17.01
CA ARG F 24 6.40 26.30 -15.83
C ARG F 24 5.25 27.33 -15.80
N TYR F 25 4.63 27.52 -14.63
CA TYR F 25 3.63 28.55 -14.44
C TYR F 25 2.41 28.40 -15.37
N LEU F 26 2.04 27.16 -15.71
CA LEU F 26 1.07 26.94 -16.77
C LEU F 26 -0.29 27.59 -16.48
N ASP F 27 -0.80 27.32 -15.27
CA ASP F 27 -2.10 27.72 -14.81
C ASP F 27 -2.06 29.15 -14.25
N ILE F 28 -1.11 29.95 -14.73
CA ILE F 28 -0.65 31.13 -14.03
C ILE F 28 -0.22 32.20 -15.02
N LEU F 29 0.74 31.86 -15.86
CA LEU F 29 1.28 32.81 -16.78
C LEU F 29 1.11 32.36 -18.23
N PRO F 30 0.74 33.29 -19.13
CA PRO F 30 0.58 32.82 -20.50
C PRO F 30 1.93 32.53 -21.18
N ARG F 31 1.93 31.63 -22.18
CA ARG F 31 3.12 31.38 -22.98
C ARG F 31 3.55 32.59 -23.84
N VAL F 32 4.81 32.59 -24.24
CA VAL F 32 5.33 33.64 -25.10
C VAL F 32 4.89 33.23 -26.49
N ARG F 33 4.61 34.20 -27.35
CA ARG F 33 4.32 33.85 -28.74
C ARG F 33 5.63 33.37 -29.40
N SER F 34 6.72 34.15 -29.36
CA SER F 34 8.02 33.73 -29.94
C SER F 34 8.57 32.46 -29.33
N ASP F 35 9.66 31.96 -29.90
CA ASP F 35 10.18 30.68 -29.45
C ASP F 35 11.65 30.76 -29.06
N CYS F 36 12.15 29.70 -28.42
CA CYS F 36 13.46 29.78 -27.76
C CYS F 36 14.60 30.24 -28.66
N SER F 37 14.66 29.73 -29.88
CA SER F 37 15.65 30.21 -30.83
C SER F 37 15.60 31.70 -31.02
N ALA F 38 14.38 32.23 -31.13
CA ALA F 38 14.18 33.61 -31.54
C ALA F 38 14.57 34.49 -30.39
N LEU F 39 14.33 33.98 -29.18
CA LEU F 39 14.59 34.71 -27.96
C LEU F 39 16.08 34.81 -27.68
N TRP F 40 16.81 33.76 -28.05
CA TRP F 40 18.25 33.74 -27.88
C TRP F 40 18.89 34.77 -28.74
N LYS F 41 18.44 34.77 -30.01
CA LYS F 41 18.89 35.67 -31.07
C LYS F 41 18.77 37.12 -30.67
N ASP F 42 17.58 37.50 -30.19
CA ASP F 42 17.33 38.86 -29.71
C ASP F 42 18.18 39.14 -28.48
N PHE F 43 18.38 38.12 -27.64
CA PHE F 43 19.19 38.29 -26.45
C PHE F 43 20.66 38.46 -26.80
N PHE F 44 21.27 37.53 -27.51
CA PHE F 44 22.66 37.72 -27.89
C PHE F 44 22.82 39.03 -28.72
N LYS F 45 21.72 39.53 -29.29
CA LYS F 45 21.84 40.72 -30.15
C LYS F 45 22.33 41.95 -29.41
N ALA F 46 22.13 41.99 -28.09
CA ALA F 46 22.28 43.24 -27.30
C ALA F 46 23.68 43.54 -26.78
N PHE F 47 24.44 42.49 -26.48
CA PHE F 47 25.75 42.71 -25.90
C PHE F 47 26.85 42.26 -26.82
N SER F 48 26.52 41.28 -27.67
CA SER F 48 27.50 40.57 -28.49
C SER F 48 28.39 41.49 -29.31
N PHE F 49 29.69 41.21 -29.25
CA PHE F 49 30.72 41.92 -29.99
C PHE F 49 30.87 43.44 -29.69
N LYS F 50 30.14 43.96 -28.71
CA LYS F 50 30.26 45.39 -28.32
C LYS F 50 31.13 45.43 -27.04
N ASN F 51 31.42 46.65 -26.57
CA ASN F 51 32.17 46.93 -25.32
C ASN F 51 31.43 46.40 -24.10
N PRO F 52 32.14 45.70 -23.19
CA PRO F 52 31.41 45.17 -22.03
C PRO F 52 30.62 46.26 -21.33
N CYS F 53 31.07 47.52 -21.49
CA CYS F 53 30.43 48.70 -20.89
C CYS F 53 29.80 49.64 -21.93
N ASP F 54 29.44 49.12 -23.11
CA ASP F 54 28.78 49.94 -24.15
C ASP F 54 27.36 49.45 -24.48
N LEU F 55 26.45 49.69 -23.55
CA LEU F 55 25.04 49.32 -23.68
C LEU F 55 24.23 50.57 -23.31
N ASP F 56 22.89 50.46 -23.28
CA ASP F 56 22.03 51.48 -22.67
C ASP F 56 20.58 51.05 -22.58
N LEU F 57 19.75 51.92 -22.01
CA LEU F 57 18.32 51.67 -21.69
C LEU F 57 17.44 51.15 -22.85
N GLY F 58 17.99 50.35 -23.76
CA GLY F 58 17.25 49.97 -24.96
C GLY F 58 17.95 48.91 -25.77
N SER F 59 19.17 48.61 -25.35
CA SER F 59 19.97 47.54 -25.96
C SER F 59 19.21 46.19 -26.05
N TYR F 60 18.28 45.96 -25.10
CA TYR F 60 17.49 44.71 -25.03
C TYR F 60 15.98 44.99 -25.20
N LYS F 61 15.62 45.99 -26.02
CA LYS F 61 14.22 46.46 -26.11
C LYS F 61 13.32 45.52 -26.85
N ASP F 62 13.91 44.77 -27.77
CA ASP F 62 13.16 43.94 -28.66
C ASP F 62 13.01 42.53 -28.05
N PHE F 63 14.10 42.01 -27.50
CA PHE F 63 14.05 40.83 -26.65
C PHE F 63 12.90 40.92 -25.63
N PHE F 64 12.82 42.03 -24.90
CA PHE F 64 11.64 42.33 -24.04
C PHE F 64 10.24 42.46 -24.71
N THR F 65 10.04 43.25 -25.76
CA THR F 65 8.69 43.24 -26.35
C THR F 65 8.34 41.82 -26.77
N SER F 66 9.33 41.12 -27.32
CA SER F 66 9.15 39.75 -27.79
C SER F 66 8.88 38.75 -26.67
N ALA F 67 9.39 39.04 -25.47
CA ALA F 67 9.40 38.09 -24.32
C ALA F 67 8.32 38.44 -23.30
N GLN F 68 7.92 39.71 -23.32
CA GLN F 68 6.90 40.20 -22.40
C GLN F 68 5.66 39.35 -22.55
N GLN F 69 4.97 39.14 -21.46
CA GLN F 69 3.72 38.43 -21.42
C GLN F 69 2.70 39.23 -20.60
N GLN F 70 1.42 39.01 -20.89
CA GLN F 70 0.38 39.68 -20.13
C GLN F 70 0.29 39.09 -18.73
N LEU F 71 0.15 39.96 -17.73
CA LEU F 71 0.27 39.52 -16.35
C LEU F 71 -1.07 39.59 -15.62
N PRO F 72 -1.29 38.71 -14.62
CA PRO F 72 -2.65 38.58 -14.12
C PRO F 72 -2.99 39.76 -13.26
N LYS F 73 -4.23 40.20 -13.32
CA LYS F 73 -4.67 41.43 -12.70
C LYS F 73 -4.52 41.37 -11.17
N ASN F 74 -4.23 42.49 -10.52
CA ASN F 74 -4.13 42.59 -9.06
C ASN F 74 -2.94 41.79 -8.41
N LYS F 75 -2.03 41.23 -9.20
CA LYS F 75 -1.18 40.20 -8.61
C LYS F 75 0.32 40.48 -8.72
N VAL F 76 0.70 41.60 -9.33
CA VAL F 76 2.11 41.86 -9.57
C VAL F 76 2.73 42.46 -8.34
N MET F 77 3.87 41.93 -7.95
CA MET F 77 4.60 42.53 -6.86
C MET F 77 5.93 43.14 -7.28
N PHE F 78 6.22 44.25 -6.63
CA PHE F 78 7.48 44.95 -6.72
C PHE F 78 8.07 44.89 -5.35
N TRP F 79 9.39 45.10 -5.31
CA TRP F 79 10.15 45.12 -4.10
C TRP F 79 11.41 46.01 -4.22
N SER F 80 11.86 46.62 -3.12
CA SER F 80 13.22 47.17 -3.01
C SER F 80 13.84 46.70 -1.72
N GLY F 81 15.05 46.13 -1.80
CA GLY F 81 15.83 45.76 -0.60
C GLY F 81 15.29 44.64 0.28
N VAL F 82 14.19 44.03 -0.17
CA VAL F 82 13.61 42.88 0.52
C VAL F 82 13.34 41.73 -0.42
N TYR F 83 14.35 41.39 -1.22
CA TYR F 83 14.26 40.31 -2.19
C TYR F 83 13.67 39.00 -1.66
N ASP F 84 14.37 38.39 -0.71
CA ASP F 84 13.98 37.12 -0.14
C ASP F 84 12.58 37.10 0.51
N GLU F 85 12.28 38.08 1.34
CA GLU F 85 10.98 38.16 1.94
C GLU F 85 9.85 38.33 0.91
N ALA F 86 10.03 39.19 -0.09
CA ALA F 86 9.03 39.40 -1.12
C ALA F 86 8.79 38.10 -1.87
N HIS F 87 9.86 37.42 -2.27
CA HIS F 87 9.70 36.13 -2.94
C HIS F 87 9.10 35.06 -2.04
N ASP F 88 9.55 34.95 -0.80
CA ASP F 88 8.91 33.95 0.08
C ASP F 88 7.40 34.27 0.13
N TYR F 89 7.09 35.55 0.26
CA TYR F 89 5.72 35.95 0.38
C TYR F 89 4.96 35.69 -0.94
N ALA F 90 5.56 36.10 -2.06
CA ALA F 90 4.88 35.94 -3.35
C ALA F 90 4.65 34.47 -3.66
N ASN F 91 5.61 33.66 -3.27
CA ASN F 91 5.44 32.20 -3.16
C ASN F 91 5.36 31.48 -4.48
N THR F 92 6.38 31.73 -5.30
CA THR F 92 6.48 31.19 -6.63
C THR F 92 5.09 31.22 -7.28
N GLY F 93 4.47 32.40 -7.29
CA GLY F 93 3.29 32.67 -8.07
C GLY F 93 1.95 32.36 -7.42
N ARG F 94 1.95 31.60 -6.34
CA ARG F 94 0.69 31.20 -5.73
C ARG F 94 -0.03 32.31 -4.94
N LYS F 95 0.72 33.38 -4.62
CA LYS F 95 0.07 34.52 -4.06
C LYS F 95 0.26 35.82 -4.90
N TYR F 96 1.46 36.03 -5.44
CA TYR F 96 1.74 37.23 -6.26
C TYR F 96 2.71 36.85 -7.33
N ILE F 97 2.78 37.69 -8.37
CA ILE F 97 3.75 37.45 -9.46
C ILE F 97 4.93 38.32 -9.18
N THR F 98 6.13 37.79 -9.37
CA THR F 98 7.30 38.67 -9.37
C THR F 98 7.93 38.54 -10.72
N LEU F 99 8.95 39.35 -10.96
CA LEU F 99 9.62 39.39 -12.23
C LEU F 99 10.32 38.06 -12.47
N GLU F 100 10.93 37.50 -11.41
CA GLU F 100 11.58 36.18 -11.49
C GLU F 100 10.64 35.01 -11.87
N ASP F 101 9.32 35.27 -11.83
CA ASP F 101 8.29 34.32 -12.26
C ASP F 101 7.97 34.49 -13.74
N THR F 102 8.25 35.64 -14.32
CA THR F 102 8.04 35.80 -15.75
C THR F 102 9.16 35.14 -16.51
N LEU F 103 9.07 35.10 -17.83
CA LEU F 103 9.97 34.23 -18.58
C LEU F 103 11.40 34.73 -18.50
N PRO F 104 11.59 36.02 -18.74
CA PRO F 104 12.96 36.46 -18.88
C PRO F 104 13.65 36.65 -17.60
N GLY F 105 12.91 36.89 -16.53
CA GLY F 105 13.53 37.01 -15.22
C GLY F 105 14.03 35.63 -14.83
N TYR F 106 13.13 34.65 -14.96
CA TYR F 106 13.41 33.20 -14.75
C TYR F 106 14.55 32.71 -15.64
N MET F 107 14.66 33.23 -16.85
CA MET F 107 15.82 32.83 -17.66
C MET F 107 17.15 33.44 -17.19
N LEU F 108 17.21 34.72 -16.91
CA LEU F 108 18.55 35.28 -16.61
C LEU F 108 18.87 35.39 -15.15
N ASN F 109 17.85 35.16 -14.32
CA ASN F 109 18.02 34.97 -12.90
C ASN F 109 19.42 34.52 -12.50
N SER F 110 20.13 35.38 -11.80
CA SER F 110 21.48 35.13 -11.33
C SER F 110 22.58 34.76 -12.38
N LEU F 111 22.27 34.85 -13.67
CA LEU F 111 23.36 34.64 -14.62
C LEU F 111 24.27 35.89 -14.76
N VAL F 112 25.48 35.69 -15.33
CA VAL F 112 26.46 36.75 -15.53
C VAL F 112 27.02 36.65 -16.90
N TRP F 113 26.97 37.73 -17.67
CA TRP F 113 27.43 37.69 -19.03
C TRP F 113 27.95 39.06 -19.47
N CYS F 114 28.91 39.08 -20.38
CA CYS F 114 29.37 40.34 -20.96
C CYS F 114 29.93 40.14 -22.36
N GLY F 115 29.67 41.12 -23.21
CA GLY F 115 30.26 41.13 -24.54
C GLY F 115 31.72 41.56 -24.48
N GLN F 116 32.44 41.21 -25.56
CA GLN F 116 33.78 41.76 -25.88
C GLN F 116 33.88 41.89 -27.40
N ARG F 117 34.84 42.68 -27.91
CA ARG F 117 35.03 42.82 -29.34
C ARG F 117 35.49 41.53 -30.06
N ALA F 118 36.55 40.91 -29.54
CA ALA F 118 37.19 39.77 -30.20
C ALA F 118 36.35 38.48 -30.12
N ASN F 119 36.36 37.70 -31.22
CA ASN F 119 35.67 36.41 -31.29
C ASN F 119 35.95 35.62 -30.04
N PRO F 120 34.90 35.03 -29.43
CA PRO F 120 33.50 34.87 -29.91
C PRO F 120 32.49 36.02 -29.79
N GLY F 121 32.86 37.13 -29.15
CA GLY F 121 31.90 38.21 -28.98
C GLY F 121 31.28 38.36 -27.60
N PHE F 122 31.53 37.38 -26.72
CA PHE F 122 31.25 37.46 -25.29
C PHE F 122 32.50 37.04 -24.53
N ASN F 123 32.58 37.44 -23.27
CA ASN F 123 33.72 37.08 -22.45
C ASN F 123 33.44 35.88 -21.51
N GLU F 124 34.42 34.98 -21.46
CA GLU F 124 34.25 33.66 -20.87
C GLU F 124 35.13 33.45 -19.63
N LYS F 125 36.07 34.37 -19.41
CA LYS F 125 37.03 34.28 -18.29
C LYS F 125 36.67 35.23 -17.19
N VAL F 126 36.52 36.49 -17.57
CA VAL F 126 36.23 37.56 -16.62
C VAL F 126 35.27 38.55 -17.25
N CYS F 127 34.50 39.23 -16.41
CA CYS F 127 33.55 40.23 -16.81
C CYS F 127 33.73 41.42 -15.87
N PRO F 128 33.61 42.67 -16.37
CA PRO F 128 34.01 43.81 -15.55
C PRO F 128 33.08 44.06 -14.36
N ASP F 129 33.55 44.89 -13.43
CA ASP F 129 32.83 45.28 -12.20
C ASP F 129 31.35 45.63 -12.46
N PHE F 130 31.12 46.22 -13.65
CA PHE F 130 29.84 46.82 -14.11
C PHE F 130 29.65 48.13 -13.39
N LYS F 131 29.77 48.09 -12.06
CA LYS F 131 29.99 49.30 -11.29
C LYS F 131 31.34 49.92 -11.68
N THR F 132 31.90 49.44 -12.80
CA THR F 132 32.92 50.16 -13.58
C THR F 132 32.21 51.03 -14.63
N CYS F 133 31.30 50.40 -15.36
CA CYS F 133 30.62 50.98 -16.51
C CYS F 133 29.76 52.16 -16.09
N PRO F 134 29.38 53.03 -17.04
CA PRO F 134 28.41 54.09 -16.73
C PRO F 134 27.18 53.53 -16.04
N VAL F 135 26.29 54.42 -15.64
CA VAL F 135 25.04 54.06 -14.98
C VAL F 135 24.12 53.20 -15.89
N GLN F 136 23.81 53.68 -17.10
CA GLN F 136 22.85 53.00 -17.97
C GLN F 136 23.37 51.66 -18.57
N ALA F 137 24.69 51.46 -18.57
CA ALA F 137 25.28 50.20 -18.99
C ALA F 137 25.19 49.17 -17.87
N ARG F 138 25.30 49.64 -16.63
CA ARG F 138 25.09 48.83 -15.43
C ARG F 138 23.63 48.34 -15.40
N GLU F 139 22.71 49.19 -15.86
CA GLU F 139 21.27 49.01 -15.67
C GLU F 139 20.56 48.64 -16.99
N SER F 140 21.35 48.50 -18.05
CA SER F 140 20.77 48.30 -19.37
C SER F 140 19.91 47.06 -19.38
N PHE F 141 20.30 46.02 -18.63
CA PHE F 141 19.50 44.80 -18.57
C PHE F 141 18.36 44.73 -17.56
N TRP F 142 18.71 44.70 -16.28
CA TRP F 142 17.70 44.64 -15.23
C TRP F 142 16.89 45.94 -15.16
N GLY F 143 17.18 46.88 -16.06
CA GLY F 143 16.47 48.17 -16.09
C GLY F 143 15.41 48.17 -17.16
N MET F 144 15.78 47.65 -18.34
CA MET F 144 14.84 47.27 -19.38
C MET F 144 13.86 46.16 -18.94
N ALA F 145 14.32 45.21 -18.12
CA ALA F 145 13.47 44.10 -17.69
C ALA F 145 12.39 44.65 -16.82
N SER F 146 12.81 45.56 -15.96
CA SER F 146 11.95 46.16 -14.98
C SER F 146 10.93 47.16 -15.56
N SER F 147 11.30 47.90 -16.60
CA SER F 147 10.33 48.82 -17.23
C SER F 147 9.23 48.04 -17.88
N SER F 148 9.63 47.07 -18.70
CA SER F 148 8.70 46.13 -19.32
C SER F 148 7.67 45.55 -18.31
N TYR F 149 8.17 44.86 -17.27
CA TYR F 149 7.32 44.19 -16.28
C TYR F 149 6.37 45.21 -15.68
N ALA F 150 6.89 46.41 -15.41
CA ALA F 150 6.07 47.51 -14.95
C ALA F 150 5.02 47.95 -15.99
N HIS F 151 5.43 48.06 -17.25
CA HIS F 151 4.56 48.61 -18.30
C HIS F 151 3.42 47.62 -18.49
N SER F 152 3.61 46.40 -17.96
CA SER F 152 2.62 45.31 -18.16
C SER F 152 1.60 45.13 -17.05
N ALA F 153 1.88 45.69 -15.87
CA ALA F 153 1.00 45.48 -14.73
C ALA F 153 -0.45 45.99 -15.00
N GLU F 154 -1.38 45.45 -14.21
CA GLU F 154 -2.81 45.76 -14.37
C GLU F 154 -3.51 45.58 -13.01
N GLY F 155 -4.43 46.49 -12.72
CA GLY F 155 -5.15 46.53 -11.43
C GLY F 155 -4.35 47.08 -10.24
N GLU F 156 -4.44 46.37 -9.12
CA GLU F 156 -3.71 46.76 -7.92
C GLU F 156 -2.32 46.16 -8.01
N VAL F 157 -1.31 46.97 -7.69
CA VAL F 157 0.06 46.48 -7.66
C VAL F 157 0.53 46.53 -6.24
N THR F 158 1.51 45.70 -5.94
CA THR F 158 1.97 45.55 -4.60
C THR F 158 3.48 45.82 -4.51
N TYR F 159 3.85 46.58 -3.50
CA TYR F 159 5.21 47.04 -3.42
C TYR F 159 5.69 46.81 -2.00
N MET F 160 6.61 45.87 -1.83
CA MET F 160 7.22 45.58 -0.54
C MET F 160 8.60 46.27 -0.38
N VAL F 161 8.78 46.95 0.74
CA VAL F 161 9.97 47.73 1.02
C VAL F 161 10.53 47.44 2.40
N ASP F 162 11.80 47.86 2.58
CA ASP F 162 12.54 47.80 3.83
C ASP F 162 12.24 49.05 4.60
N GLY F 163 11.77 48.92 5.83
CA GLY F 163 11.57 50.07 6.72
C GLY F 163 12.46 49.94 7.93
N SER F 164 13.54 49.20 7.78
CA SER F 164 14.49 48.97 8.89
C SER F 164 15.93 49.19 8.44
N ASN F 165 16.11 49.77 7.26
CA ASN F 165 17.43 50.09 6.76
C ASN F 165 17.85 51.55 7.03
N PRO F 166 18.74 51.76 8.01
CA PRO F 166 19.23 53.11 8.37
C PRO F 166 19.98 53.83 7.26
N LYS F 167 20.32 53.11 6.17
CA LYS F 167 21.24 53.60 5.18
C LYS F 167 20.57 53.87 3.87
N VAL F 168 19.42 53.24 3.69
CA VAL F 168 18.73 53.22 2.42
C VAL F 168 17.23 53.47 2.64
N PRO F 169 16.72 54.64 2.22
CA PRO F 169 15.27 54.86 2.44
C PRO F 169 14.38 53.78 1.80
N ALA F 170 13.29 53.43 2.49
CA ALA F 170 12.25 52.51 1.94
C ALA F 170 11.90 52.82 0.49
N TYR F 171 11.69 54.10 0.18
CA TYR F 171 11.51 54.51 -1.23
C TYR F 171 12.58 55.51 -1.66
N ARG F 172 13.23 55.26 -2.77
CA ARG F 172 14.18 56.19 -3.41
C ARG F 172 13.72 56.55 -4.82
N PRO F 173 14.04 57.77 -5.33
CA PRO F 173 13.90 58.03 -6.78
C PRO F 173 14.94 57.30 -7.63
N ASP F 174 16.13 57.04 -7.09
CA ASP F 174 17.19 56.28 -7.83
C ASP F 174 17.20 54.72 -7.70
N SER F 175 16.13 54.13 -7.13
CA SER F 175 15.95 52.67 -7.09
C SER F 175 15.45 52.19 -8.46
N PHE F 176 15.28 50.89 -8.65
CA PHE F 176 14.67 50.47 -9.91
C PHE F 176 13.17 50.63 -9.88
N PHE F 177 12.54 50.51 -8.72
CA PHE F 177 11.15 50.86 -8.59
C PHE F 177 10.92 52.33 -8.96
N GLY F 178 11.72 53.21 -8.36
CA GLY F 178 11.51 54.66 -8.48
C GLY F 178 11.83 55.20 -9.86
N LYS F 179 12.80 54.58 -10.51
CA LYS F 179 13.32 55.06 -11.77
C LYS F 179 12.55 54.36 -12.85
N TYR F 180 12.53 53.03 -12.80
CA TYR F 180 12.08 52.25 -13.93
C TYR F 180 10.64 51.71 -13.83
N GLU F 181 10.06 51.77 -12.63
CA GLU F 181 8.80 51.06 -12.43
C GLU F 181 7.60 51.98 -12.17
N LEU F 182 7.72 52.88 -11.21
CA LEU F 182 6.66 53.86 -11.00
C LEU F 182 6.27 54.66 -12.26
N PRO F 183 7.25 55.31 -12.95
CA PRO F 183 6.90 56.13 -14.13
C PRO F 183 6.28 55.34 -15.27
N ASN F 184 6.55 54.02 -15.26
CA ASN F 184 6.12 53.11 -16.29
C ASN F 184 4.79 52.44 -16.01
N LEU F 185 4.24 52.68 -14.82
CA LEU F 185 2.89 52.24 -14.53
C LEU F 185 1.91 53.06 -15.39
N THR F 186 0.84 52.40 -15.83
CA THR F 186 -0.13 53.02 -16.71
C THR F 186 -1.46 53.16 -15.99
N ASN F 187 -2.44 53.75 -16.67
CA ASN F 187 -3.76 54.01 -16.09
C ASN F 187 -4.62 52.75 -15.94
N LYS F 188 -4.04 51.62 -16.36
CA LYS F 188 -4.62 50.28 -16.18
C LYS F 188 -4.39 49.76 -14.74
N VAL F 189 -3.59 50.51 -13.97
CA VAL F 189 -3.33 50.27 -12.53
C VAL F 189 -4.35 51.03 -11.65
N THR F 190 -5.12 50.31 -10.83
CA THR F 190 -6.08 50.92 -9.88
C THR F 190 -5.44 51.52 -8.61
N ARG F 191 -4.55 50.77 -7.95
CA ARG F 191 -4.00 51.19 -6.65
C ARG F 191 -2.67 50.54 -6.29
N VAL F 192 -1.83 51.26 -5.53
CA VAL F 192 -0.53 50.75 -5.08
C VAL F 192 -0.62 50.40 -3.60
N LYS F 193 -0.27 49.18 -3.26
CA LYS F 193 -0.39 48.68 -1.90
C LYS F 193 1.00 48.37 -1.34
N VAL F 194 1.57 49.32 -0.59
CA VAL F 194 2.88 49.13 0.02
C VAL F 194 2.82 48.16 1.22
N ILE F 195 3.75 47.22 1.31
CA ILE F 195 4.02 46.53 2.56
C ILE F 195 5.36 47.01 3.17
N VAL F 196 5.33 47.55 4.38
CA VAL F 196 6.57 47.92 5.02
C VAL F 196 7.08 46.79 5.93
N LEU F 197 8.29 46.31 5.63
CA LEU F 197 8.91 45.27 6.40
C LEU F 197 9.71 45.90 7.49
N HIS F 198 9.41 45.51 8.72
CA HIS F 198 10.18 45.91 9.85
C HIS F 198 10.85 44.65 10.34
N ARG F 199 12.13 44.53 10.00
CA ARG F 199 12.85 43.30 10.28
C ARG F 199 12.84 43.05 11.76
N LEU F 200 12.64 41.79 12.16
CA LEU F 200 12.58 41.44 13.57
C LEU F 200 13.82 41.89 14.35
N GLY F 201 13.58 42.47 15.53
CA GLY F 201 14.60 43.02 16.43
C GLY F 201 15.48 44.16 15.94
N GLU F 202 15.08 44.87 14.90
CA GLU F 202 15.85 46.00 14.42
C GLU F 202 15.15 47.29 14.87
N LYS F 203 15.89 48.40 14.86
CA LYS F 203 15.29 49.72 15.08
C LYS F 203 14.38 50.02 13.87
N ILE F 204 13.14 50.42 14.13
CA ILE F 204 12.21 50.77 13.07
C ILE F 204 12.60 52.13 12.49
N ILE F 205 12.71 52.22 11.16
CA ILE F 205 13.21 53.44 10.52
C ILE F 205 12.14 54.19 9.71
N GLU F 206 11.34 53.48 8.95
CA GLU F 206 10.29 54.10 8.14
C GLU F 206 8.89 53.59 8.53
N LYS F 207 7.87 54.39 8.24
CA LYS F 207 6.49 54.19 8.67
C LYS F 207 5.63 54.79 7.62
N CYS F 208 4.50 54.12 7.32
CA CYS F 208 3.49 54.70 6.45
C CYS F 208 3.16 56.08 6.95
N GLY F 209 2.93 57.01 6.02
CA GLY F 209 2.43 58.36 6.33
C GLY F 209 3.52 59.29 6.83
N ALA F 210 4.75 59.07 6.37
CA ALA F 210 5.97 59.65 6.96
C ALA F 210 7.22 59.33 6.13
N GLY F 211 8.20 60.25 6.17
CA GLY F 211 9.49 60.07 5.48
C GLY F 211 9.31 59.84 4.00
N SER F 212 10.09 58.90 3.44
CA SER F 212 10.04 58.60 2.01
C SER F 212 8.71 57.91 1.60
N LEU F 213 8.10 57.22 2.57
CA LEU F 213 6.74 56.64 2.41
C LEU F 213 5.61 57.66 2.30
N LEU F 214 5.88 58.87 2.77
CA LEU F 214 5.01 60.01 2.50
C LEU F 214 5.32 60.54 1.11
N ASP F 215 6.59 60.58 0.75
CA ASP F 215 7.01 61.04 -0.57
C ASP F 215 6.46 60.14 -1.66
N LEU F 216 6.27 58.87 -1.33
CA LEU F 216 5.73 57.91 -2.28
C LEU F 216 4.24 58.13 -2.48
N GLU F 217 3.55 58.31 -1.35
CA GLU F 217 2.11 58.55 -1.35
C GLU F 217 1.65 59.77 -2.19
N LYS F 218 2.48 60.81 -2.27
CA LYS F 218 2.11 61.99 -3.05
C LYS F 218 2.33 61.72 -4.52
N LEU F 219 3.38 60.96 -4.82
CA LEU F 219 3.73 60.67 -6.20
C LEU F 219 2.69 59.75 -6.82
N VAL F 220 2.25 58.78 -6.02
CA VAL F 220 1.30 57.73 -6.44
C VAL F 220 -0.05 58.35 -6.79
N LYS F 221 -0.51 59.25 -5.93
CA LYS F 221 -1.80 59.92 -6.08
C LYS F 221 -1.79 61.02 -7.14
N ALA F 222 -0.63 61.63 -7.37
CA ALA F 222 -0.42 62.51 -8.52
C ALA F 222 -0.63 61.79 -9.84
N LYS F 223 -0.40 60.48 -9.86
CA LYS F 223 -0.50 59.65 -11.04
C LYS F 223 -1.92 59.11 -11.17
N HIS F 224 -2.77 59.55 -10.25
CA HIS F 224 -4.21 59.25 -10.23
C HIS F 224 -4.58 57.85 -9.73
N PHE F 225 -3.69 57.18 -8.99
CA PHE F 225 -4.03 55.88 -8.35
C PHE F 225 -4.39 56.02 -6.85
N ALA F 226 -5.15 55.06 -6.32
CA ALA F 226 -5.32 54.89 -4.88
C ALA F 226 -4.08 54.25 -4.25
N PHE F 227 -3.93 54.41 -2.94
CA PHE F 227 -2.71 54.07 -2.29
C PHE F 227 -2.98 53.70 -0.87
N ASP F 228 -2.58 52.50 -0.49
CA ASP F 228 -2.51 52.20 0.94
C ASP F 228 -1.16 51.56 1.35
N CYS F 229 -0.99 51.40 2.65
CA CYS F 229 0.27 51.04 3.23
C CYS F 229 0.03 50.27 4.51
N VAL F 230 0.71 49.16 4.68
CA VAL F 230 0.71 48.49 5.98
C VAL F 230 2.12 48.07 6.47
N GLU F 231 2.24 47.91 7.79
CA GLU F 231 3.51 47.55 8.38
C GLU F 231 3.39 46.17 9.01
N ASN F 232 4.26 45.26 8.57
CA ASN F 232 4.27 43.89 9.02
C ASN F 232 2.86 43.26 9.13
N PRO F 233 2.15 43.15 8.00
CA PRO F 233 0.83 42.47 8.11
C PRO F 233 1.09 41.05 8.56
N ARG F 234 0.12 40.48 9.25
CA ARG F 234 0.29 39.21 9.92
C ARG F 234 0.93 38.13 9.04
N ALA F 235 0.44 37.98 7.81
CA ALA F 235 0.87 36.88 6.96
C ALA F 235 2.37 37.01 6.61
N VAL F 236 2.86 38.25 6.55
CA VAL F 236 4.25 38.56 6.25
C VAL F 236 4.96 38.38 7.57
N LEU F 237 4.48 39.05 8.61
CA LEU F 237 5.07 38.84 9.90
C LEU F 237 5.32 37.36 10.16
N PHE F 238 4.34 36.50 9.87
CA PHE F 238 4.49 35.10 10.21
C PHE F 238 5.65 34.40 9.48
N LEU F 239 5.92 34.82 8.25
CA LEU F 239 7.07 34.25 7.58
C LEU F 239 8.34 34.65 8.33
N LEU F 240 8.40 35.90 8.80
CA LEU F 240 9.57 36.42 9.45
C LEU F 240 9.78 35.58 10.66
N CYS F 241 8.71 35.37 11.42
CA CYS F 241 8.79 34.64 12.66
C CYS F 241 9.23 33.20 12.48
N SER F 242 8.88 32.57 11.36
CA SER F 242 9.40 31.25 11.03
C SER F 242 10.92 31.15 11.04
N ASP F 243 11.58 32.17 10.46
CA ASP F 243 13.04 32.14 10.37
C ASP F 243 13.66 32.53 11.69
N ASN F 244 12.88 33.18 12.56
CA ASN F 244 13.39 33.69 13.86
C ASN F 244 12.33 33.69 14.99
N PRO F 245 11.98 32.49 15.50
CA PRO F 245 10.85 32.25 16.43
C PRO F 245 10.99 32.74 17.86
N ASN F 246 12.19 33.17 18.23
CA ASN F 246 12.39 33.60 19.62
C ASN F 246 12.12 35.09 19.74
N ALA F 247 12.04 35.74 18.58
CA ALA F 247 11.78 37.16 18.50
C ALA F 247 10.57 37.61 19.30
N ARG F 248 10.71 38.79 19.95
CA ARG F 248 9.63 39.29 20.75
C ARG F 248 8.39 39.49 19.92
N GLU F 249 8.54 39.94 18.68
CA GLU F 249 7.34 40.25 17.94
C GLU F 249 6.54 38.98 17.66
N CYS F 250 7.11 37.81 17.94
CA CYS F 250 6.46 36.52 17.70
C CYS F 250 6.04 35.75 18.93
N ARG F 251 6.05 36.35 20.11
CA ARG F 251 5.55 35.62 21.27
C ARG F 251 4.05 35.31 21.05
N LEU F 252 3.67 34.12 21.45
CA LEU F 252 2.35 33.63 21.15
C LEU F 252 1.52 33.77 22.37
N ALA F 253 0.27 34.20 22.19
CA ALA F 253 -0.65 34.39 23.29
C ALA F 253 -0.66 33.13 24.15
N LYS F 254 -1.00 32.07 23.65
N ILE G 3 44.55 62.17 36.47
CA ILE G 3 45.18 61.08 35.67
C ILE G 3 46.32 60.38 36.47
N VAL G 4 46.56 59.11 36.18
CA VAL G 4 47.57 58.35 36.94
C VAL G 4 48.81 58.08 36.09
N PRO G 5 49.98 58.61 36.49
CA PRO G 5 51.22 58.52 35.71
C PRO G 5 51.75 57.11 35.63
N THR G 6 52.56 56.85 34.62
CA THR G 6 53.11 55.53 34.43
C THR G 6 54.24 55.26 35.43
N ARG G 7 54.21 54.08 36.05
CA ARG G 7 55.23 53.72 36.99
C ARG G 7 56.52 53.36 36.24
N GLU G 8 57.66 53.72 36.81
CA GLU G 8 58.95 53.27 36.30
C GLU G 8 59.07 53.75 34.89
N LEU G 9 58.73 55.01 34.69
CA LEU G 9 58.64 55.60 33.37
C LEU G 9 59.91 55.32 32.60
N GLU G 10 61.07 55.61 33.18
CA GLU G 10 62.35 55.40 32.50
C GLU G 10 62.58 53.98 32.00
N ASN G 11 62.30 53.00 32.86
CA ASN G 11 62.51 51.61 32.50
C ASN G 11 61.62 51.15 31.37
N VAL G 12 60.37 51.61 31.38
CA VAL G 12 59.39 51.20 30.39
C VAL G 12 59.83 51.71 29.02
N PHE G 13 60.40 52.90 29.02
CA PHE G 13 60.82 53.60 27.81
C PHE G 13 62.01 52.85 27.31
N LEU G 14 63.01 52.66 28.18
CA LEU G 14 64.22 51.90 27.79
C LEU G 14 63.89 50.51 27.35
N GLY G 15 62.86 49.93 27.94
CA GLY G 15 62.50 48.56 27.58
C GLY G 15 61.99 48.53 26.14
N ARG G 16 60.90 49.27 25.95
CA ARG G 16 60.31 49.44 24.66
C ARG G 16 61.35 49.88 23.67
N CYS G 17 62.18 50.81 24.03
CA CYS G 17 63.16 51.26 23.08
C CYS G 17 64.08 50.14 22.63
N LYS G 18 64.54 49.29 23.55
CA LYS G 18 65.45 48.24 23.18
C LYS G 18 64.71 47.16 22.38
N ASP G 19 63.52 46.81 22.86
CA ASP G 19 62.68 45.82 22.20
C ASP G 19 62.58 46.17 20.74
N TYR G 20 62.12 47.41 20.52
CA TYR G 20 61.94 47.91 19.14
C TYR G 20 63.20 47.88 18.34
N GLU G 21 64.29 48.46 18.86
CA GLU G 21 65.53 48.59 18.11
C GLU G 21 65.95 47.25 17.49
N ILE G 22 66.10 46.23 18.34
CA ILE G 22 66.42 44.85 17.95
C ILE G 22 65.33 44.01 17.25
N THR G 23 64.10 44.07 17.71
CA THR G 23 63.16 43.09 17.14
C THR G 23 61.92 43.64 16.50
N ARG G 24 61.72 44.95 16.37
CA ARG G 24 60.41 45.32 15.82
C ARG G 24 60.50 46.07 14.49
N TYR G 25 59.67 45.66 13.51
CA TYR G 25 59.54 46.31 12.21
C TYR G 25 60.83 46.32 11.39
N LEU G 26 61.73 45.35 11.64
CA LEU G 26 63.01 45.19 10.89
C LEU G 26 63.00 45.38 9.37
N ASP G 27 62.08 44.75 8.67
CA ASP G 27 62.08 44.86 7.22
C ASP G 27 61.21 46.05 6.73
N ILE G 28 60.64 46.77 7.67
CA ILE G 28 59.59 47.73 7.39
C ILE G 28 60.05 49.16 7.65
N LEU G 29 60.67 49.38 8.80
CA LEU G 29 61.10 50.73 9.23
C LEU G 29 62.56 50.70 9.66
N PRO G 30 63.34 51.71 9.24
CA PRO G 30 64.76 51.79 9.58
C PRO G 30 65.00 52.06 11.08
N ARG G 31 66.19 51.64 11.57
CA ARG G 31 66.59 51.92 12.94
C ARG G 31 67.04 53.37 12.98
N VAL G 32 66.89 54.06 14.12
CA VAL G 32 67.44 55.43 14.22
C VAL G 32 68.90 55.38 14.58
N ARG G 33 69.60 56.50 14.40
CA ARG G 33 71.02 56.57 14.74
C ARG G 33 71.31 56.54 16.25
N SER G 34 70.51 57.20 17.06
CA SER G 34 70.79 57.29 18.49
C SER G 34 70.46 56.02 19.21
N ASP G 35 71.26 55.72 20.21
CA ASP G 35 71.00 54.65 21.14
C ASP G 35 69.82 55.02 22.08
N CYS G 36 69.39 54.03 22.85
CA CYS G 36 68.26 54.18 23.74
C CYS G 36 68.47 55.21 24.88
N SER G 37 69.67 55.24 25.43
CA SER G 37 70.03 56.20 26.48
C SER G 37 70.04 57.66 26.01
N ALA G 38 70.59 57.92 24.84
CA ALA G 38 70.60 59.25 24.29
C ALA G 38 69.16 59.72 24.01
N LEU G 39 68.24 58.78 23.78
CA LEU G 39 66.84 59.14 23.51
C LEU G 39 66.12 59.43 24.81
N TRP G 40 66.35 58.62 25.82
CA TRP G 40 65.73 58.92 27.07
C TRP G 40 66.16 60.36 27.50
N LYS G 41 67.48 60.59 27.47
CA LYS G 41 68.07 61.89 27.80
C LYS G 41 67.35 62.94 27.03
N ASP G 42 67.14 62.72 25.74
CA ASP G 42 66.53 63.77 24.97
C ASP G 42 65.07 63.89 25.32
N PHE G 43 64.46 62.81 25.79
CA PHE G 43 63.06 62.85 26.12
C PHE G 43 62.83 63.45 27.53
N PHE G 44 63.70 63.10 28.46
CA PHE G 44 63.58 63.59 29.82
C PHE G 44 63.73 65.08 29.76
N LYS G 45 64.76 65.58 29.09
CA LYS G 45 65.01 67.01 29.09
C LYS G 45 63.86 67.90 28.59
N ALA G 46 62.88 67.34 27.92
CA ALA G 46 61.82 68.19 27.38
C ALA G 46 60.84 68.59 28.46
N PHE G 47 60.74 67.79 29.52
CA PHE G 47 59.67 68.02 30.48
C PHE G 47 60.16 68.05 31.90
N SER G 48 61.32 67.44 32.14
CA SER G 48 61.87 67.36 33.49
C SER G 48 62.13 68.76 34.06
N PHE G 49 61.85 68.86 35.36
CA PHE G 49 62.16 70.04 36.16
C PHE G 49 61.45 71.28 35.69
N LYS G 50 60.17 71.13 35.34
CA LYS G 50 59.30 72.26 34.97
C LYS G 50 57.86 72.00 35.43
N ASN G 51 57.10 73.08 35.62
CA ASN G 51 55.67 73.01 35.84
C ASN G 51 55.12 72.25 34.64
N PRO G 52 54.15 71.34 34.87
CA PRO G 52 53.68 70.53 33.76
C PRO G 52 53.09 71.35 32.64
N CYS G 53 52.88 72.65 32.85
CA CYS G 53 52.23 73.49 31.86
C CYS G 53 53.16 74.55 31.28
N ASP G 54 54.45 74.51 31.60
CA ASP G 54 55.29 75.56 31.05
C ASP G 54 55.83 75.15 29.67
N LEU G 55 55.44 73.92 29.22
CA LEU G 55 55.75 73.34 27.89
C LEU G 55 55.21 74.07 26.68
N ASP G 56 55.82 73.85 25.53
CA ASP G 56 55.23 74.31 24.26
C ASP G 56 55.63 73.41 23.08
N LEU G 57 55.40 73.91 21.88
CA LEU G 57 55.57 73.14 20.68
C LEU G 57 57.02 72.69 20.41
N GLY G 58 57.98 73.50 20.83
CA GLY G 58 59.39 73.19 20.68
C GLY G 58 59.94 72.30 21.80
N SER G 59 59.16 72.04 22.85
CA SER G 59 59.77 71.29 23.98
C SER G 59 60.46 69.99 23.56
N TYR G 60 59.75 69.10 22.85
CA TYR G 60 60.25 67.78 22.44
C TYR G 60 60.93 67.78 21.09
N LYS G 61 61.27 68.97 20.60
CA LYS G 61 61.95 69.08 19.32
C LYS G 61 63.28 68.29 19.23
N ASP G 62 64.11 68.37 20.24
CA ASP G 62 65.33 67.56 20.22
C ASP G 62 65.08 66.06 20.13
N PHE G 63 64.12 65.56 20.90
CA PHE G 63 63.75 64.15 20.91
C PHE G 63 63.29 63.59 19.56
N PHE G 64 62.34 64.31 18.96
CA PHE G 64 61.81 63.95 17.70
C PHE G 64 62.79 63.96 16.57
N THR G 65 63.64 64.96 16.53
CA THR G 65 64.77 64.97 15.59
C THR G 65 65.64 63.71 15.59
N SER G 66 66.03 63.23 16.75
CA SER G 66 66.78 62.00 16.80
C SER G 66 65.90 60.75 16.73
N ALA G 67 64.60 60.83 17.03
CA ALA G 67 63.78 59.61 16.96
C ALA G 67 63.14 59.37 15.61
N GLN G 68 63.20 60.37 14.72
CA GLN G 68 62.35 60.29 13.54
C GLN G 68 62.95 59.33 12.53
N GLN G 69 62.11 58.57 11.87
CA GLN G 69 62.56 57.58 10.91
C GLN G 69 62.11 58.05 9.52
N GLN G 70 62.88 57.73 8.50
CA GLN G 70 62.33 57.91 7.14
C GLN G 70 61.21 56.87 7.00
N LEU G 71 60.09 57.26 6.39
CA LEU G 71 58.95 56.38 6.32
C LEU G 71 58.84 55.91 4.89
N PRO G 72 58.48 54.61 4.65
CA PRO G 72 58.29 54.04 3.30
C PRO G 72 57.24 54.78 2.47
N LYS G 73 57.67 55.13 1.26
CA LYS G 73 56.81 55.80 0.31
C LYS G 73 55.47 55.07 0.14
N ASN G 74 54.40 55.86 0.13
CA ASN G 74 53.06 55.36 -0.21
C ASN G 74 52.36 54.60 0.92
N LYS G 75 52.96 54.50 2.10
CA LYS G 75 52.40 53.59 3.09
C LYS G 75 51.95 54.28 4.35
N VAL G 76 52.03 55.60 4.35
CA VAL G 76 51.70 56.36 5.53
C VAL G 76 50.23 56.61 5.67
N MET G 77 49.68 56.22 6.81
CA MET G 77 48.25 56.24 7.05
C MET G 77 47.90 57.28 8.15
N PHE G 78 46.96 58.15 7.81
CA PHE G 78 46.39 59.06 8.80
C PHE G 78 44.90 58.64 9.06
N TRP G 79 44.34 59.17 10.15
CA TRP G 79 42.98 58.81 10.63
C TRP G 79 42.48 59.86 11.66
N SER G 80 41.16 60.02 11.70
CA SER G 80 40.48 60.87 12.67
C SER G 80 39.23 60.12 13.01
N GLY G 81 39.02 59.75 14.26
CA GLY G 81 37.70 59.17 14.66
C GLY G 81 37.62 57.65 14.51
N VAL G 82 38.62 57.04 13.91
CA VAL G 82 38.58 55.63 13.62
C VAL G 82 39.83 54.86 14.08
N TYR G 83 40.32 55.19 15.27
CA TYR G 83 41.56 54.61 15.71
C TYR G 83 41.57 53.11 15.46
N ASP G 84 40.54 52.41 15.97
CA ASP G 84 40.56 50.95 15.95
C ASP G 84 40.59 50.34 14.54
N GLU G 85 39.75 50.88 13.67
CA GLU G 85 39.64 50.44 12.30
C GLU G 85 40.89 50.69 11.46
N ALA G 86 41.44 51.88 11.56
CA ALA G 86 42.67 52.26 10.84
C ALA G 86 43.84 51.33 11.19
N HIS G 87 44.00 51.05 12.48
CA HIS G 87 45.13 50.19 12.98
C HIS G 87 44.90 48.78 12.61
N ASP G 88 43.64 48.41 12.66
CA ASP G 88 43.27 47.15 12.05
C ASP G 88 43.58 46.98 10.60
N TYR G 89 43.04 47.89 9.79
CA TYR G 89 43.36 47.89 8.40
C TYR G 89 44.86 47.98 8.12
N ALA G 90 45.55 48.91 8.78
CA ALA G 90 46.97 49.13 8.59
C ALA G 90 47.74 47.86 8.99
N ASN G 91 47.19 47.13 9.96
CA ASN G 91 47.64 45.79 10.25
C ASN G 91 49.13 45.73 10.61
N THR G 92 49.55 46.58 11.54
CA THR G 92 50.84 46.48 12.16
C THR G 92 51.94 46.56 11.10
N GLY G 93 51.85 47.63 10.30
CA GLY G 93 52.92 47.92 9.35
C GLY G 93 52.90 47.13 8.08
N ARG G 94 52.17 46.01 8.10
CA ARG G 94 52.04 45.12 6.95
C ARG G 94 51.43 45.73 5.71
N LYS G 95 50.33 46.46 5.83
CA LYS G 95 49.69 47.12 4.68
C LYS G 95 49.98 48.63 4.69
N TYR G 96 49.89 49.22 5.89
CA TYR G 96 50.20 50.61 6.09
C TYR G 96 50.93 50.81 7.37
N ILE G 97 51.65 51.93 7.41
CA ILE G 97 52.26 52.43 8.62
C ILE G 97 51.40 53.46 9.37
N THR G 98 51.33 53.32 10.68
CA THR G 98 50.78 54.42 11.50
C THR G 98 51.83 55.03 12.50
N LEU G 99 51.49 56.14 13.15
CA LEU G 99 52.38 56.71 14.15
C LEU G 99 52.79 55.66 15.18
N GLU G 100 51.87 54.80 15.61
CA GLU G 100 52.15 53.88 16.67
C GLU G 100 53.13 52.78 16.25
N ASP G 101 53.40 52.67 14.96
CA ASP G 101 54.48 51.77 14.54
C ASP G 101 55.87 52.45 14.59
N THR G 102 55.88 53.78 14.57
CA THR G 102 57.15 54.44 14.59
C THR G 102 57.74 54.37 15.96
N LEU G 103 59.05 54.57 16.03
CA LEU G 103 59.76 54.48 17.29
C LEU G 103 59.17 55.38 18.34
N PRO G 104 58.89 56.63 18.03
CA PRO G 104 58.35 57.34 19.18
C PRO G 104 56.88 57.00 19.52
N GLY G 105 56.07 56.64 18.54
CA GLY G 105 54.68 56.34 18.84
C GLY G 105 54.69 55.03 19.61
N TYR G 106 55.65 54.18 19.33
CA TYR G 106 55.69 52.86 19.98
C TYR G 106 56.17 53.03 21.44
N MET G 107 57.21 53.82 21.68
CA MET G 107 57.67 54.00 23.08
C MET G 107 56.64 54.64 24.03
N LEU G 108 55.91 55.67 23.56
CA LEU G 108 55.10 56.48 24.46
C LEU G 108 53.63 56.14 24.49
N ASN G 109 53.29 55.08 23.79
CA ASN G 109 51.94 54.72 23.61
C ASN G 109 51.24 54.36 24.91
N SER G 110 50.15 55.08 25.17
CA SER G 110 49.33 54.99 26.38
C SER G 110 50.00 55.46 27.66
N LEU G 111 51.23 55.93 27.54
CA LEU G 111 51.96 56.37 28.71
C LEU G 111 51.52 57.74 29.21
N VAL G 112 51.73 57.99 30.49
CA VAL G 112 51.34 59.26 31.10
C VAL G 112 52.51 59.75 31.92
N TRP G 113 52.89 61.02 31.75
CA TRP G 113 54.07 61.49 32.43
C TRP G 113 53.96 63.01 32.57
N CYS G 114 54.46 63.59 33.67
CA CYS G 114 54.57 65.04 33.77
C CYS G 114 55.75 65.44 34.54
N GLY G 115 56.22 66.66 34.27
CA GLY G 115 57.29 67.29 35.03
C GLY G 115 56.77 67.92 36.32
N GLN G 116 57.73 68.37 37.13
CA GLN G 116 57.50 69.21 38.34
C GLN G 116 58.85 69.87 38.58
N ARG G 117 58.87 71.05 39.24
CA ARG G 117 60.16 71.74 39.57
C ARG G 117 60.98 71.02 40.63
N ALA G 118 60.31 70.39 41.59
CA ALA G 118 60.99 69.66 42.67
C ALA G 118 61.58 68.31 42.23
N ASN G 119 62.71 67.96 42.82
CA ASN G 119 63.33 66.68 42.59
C ASN G 119 62.30 65.59 42.88
N PRO G 120 62.30 64.51 42.07
CA PRO G 120 63.24 64.18 40.99
C PRO G 120 62.93 64.78 39.61
N GLY G 121 62.22 65.91 39.58
CA GLY G 121 61.90 66.55 38.30
C GLY G 121 60.82 65.93 37.44
N PHE G 122 60.10 64.95 37.99
CA PHE G 122 58.89 64.46 37.36
C PHE G 122 58.02 64.00 38.50
N ASN G 123 56.74 63.83 38.24
CA ASN G 123 55.77 63.58 39.26
C ASN G 123 55.19 62.23 38.93
N GLU G 124 55.08 61.43 39.98
CA GLU G 124 54.81 60.05 39.83
C GLU G 124 53.61 59.70 40.69
N LYS G 125 53.00 60.73 41.27
CA LYS G 125 51.78 60.57 42.00
C LYS G 125 50.60 61.01 41.12
N VAL G 126 50.69 62.18 40.52
CA VAL G 126 49.55 62.69 39.78
C VAL G 126 50.01 63.57 38.62
N CYS G 127 49.19 63.66 37.58
CA CYS G 127 49.39 64.59 36.46
C CYS G 127 48.07 65.33 36.25
N PRO G 128 48.11 66.61 35.85
CA PRO G 128 46.88 67.38 35.60
C PRO G 128 46.01 66.86 34.45
N ASP G 129 44.71 67.11 34.57
CA ASP G 129 43.74 66.97 33.49
C ASP G 129 44.31 67.70 32.25
N PHE G 130 44.09 67.13 31.08
CA PHE G 130 44.47 67.78 29.82
C PHE G 130 43.91 69.19 29.81
N LYS G 131 42.60 69.30 29.99
CA LYS G 131 41.90 70.60 30.07
C LYS G 131 42.55 71.72 30.93
N THR G 132 43.50 71.40 31.79
CA THR G 132 43.99 72.44 32.69
C THR G 132 45.15 73.33 32.18
N CYS G 133 46.03 72.81 31.33
CA CYS G 133 47.15 73.61 30.79
C CYS G 133 46.81 74.43 29.52
N PRO G 134 47.66 75.38 29.14
CA PRO G 134 47.38 76.05 27.85
C PRO G 134 47.52 75.07 26.68
N VAL G 135 46.89 75.38 25.55
CA VAL G 135 46.83 74.40 24.51
C VAL G 135 48.21 73.98 24.05
N GLN G 136 49.17 74.93 24.03
CA GLN G 136 50.52 74.60 23.55
C GLN G 136 51.30 73.65 24.47
N ALA G 137 51.10 73.76 25.78
CA ALA G 137 51.48 72.70 26.73
C ALA G 137 50.76 71.38 26.48
N ARG G 138 49.43 71.34 26.57
CA ARG G 138 48.72 70.09 26.40
C ARG G 138 49.12 69.35 25.13
N GLU G 139 49.59 70.05 24.12
CA GLU G 139 49.67 69.40 22.82
C GLU G 139 51.12 69.29 22.43
N SER G 140 51.96 69.75 23.33
CA SER G 140 53.37 69.82 23.12
C SER G 140 53.94 68.53 22.55
N PHE G 141 53.57 67.37 23.13
CA PHE G 141 54.09 66.06 22.73
C PHE G 141 53.49 65.51 21.48
N TRP G 142 52.17 65.33 21.50
CA TRP G 142 51.50 64.59 20.42
C TRP G 142 51.32 65.56 19.25
N GLY G 143 51.18 66.85 19.55
CA GLY G 143 51.23 67.81 18.49
C GLY G 143 52.51 67.69 17.64
N MET G 144 53.67 67.55 18.27
CA MET G 144 54.88 67.45 17.51
C MET G 144 55.15 66.04 17.00
N ALA G 145 54.82 65.02 17.78
CA ALA G 145 54.80 63.70 17.21
C ALA G 145 54.05 63.74 15.88
N SER G 146 52.87 64.37 15.81
CA SER G 146 52.05 64.31 14.60
C SER G 146 52.68 65.14 13.49
N SER G 147 53.24 66.29 13.82
CA SER G 147 53.94 67.16 12.80
C SER G 147 55.10 66.47 12.15
N SER G 148 55.98 65.95 12.97
CA SER G 148 57.19 65.26 12.55
C SER G 148 56.85 64.07 11.61
N TYR G 149 55.93 63.23 12.07
CA TYR G 149 55.39 62.15 11.34
C TYR G 149 54.86 62.62 9.94
N ALA G 150 54.00 63.63 9.94
CA ALA G 150 53.48 64.15 8.69
C ALA G 150 54.65 64.57 7.83
N HIS G 151 55.57 65.36 8.38
CA HIS G 151 56.71 65.89 7.64
C HIS G 151 57.54 64.80 6.94
N SER G 152 57.54 63.61 7.48
CA SER G 152 58.30 62.51 6.94
C SER G 152 57.61 61.77 5.82
N ALA G 153 56.33 62.08 5.56
CA ALA G 153 55.56 61.25 4.68
C ALA G 153 56.02 61.52 3.24
N GLU G 154 56.07 60.43 2.45
CA GLU G 154 56.50 60.50 1.07
C GLU G 154 55.51 59.73 0.24
N GLY G 155 55.23 60.24 -0.97
CA GLY G 155 54.36 59.57 -1.91
C GLY G 155 52.88 59.71 -1.59
N GLU G 156 52.15 58.64 -1.84
CA GLU G 156 50.75 58.56 -1.48
C GLU G 156 50.60 58.39 0.01
N VAL G 157 49.69 59.16 0.56
CA VAL G 157 49.26 58.97 1.92
C VAL G 157 47.77 58.69 1.94
N THR G 158 47.34 57.93 2.95
CA THR G 158 45.94 57.54 3.10
C THR G 158 45.39 58.16 4.36
N TYR G 159 44.12 58.52 4.31
CA TYR G 159 43.39 59.14 5.41
C TYR G 159 42.03 58.45 5.62
N MET G 160 41.94 57.68 6.70
CA MET G 160 40.68 57.09 7.10
C MET G 160 39.92 57.96 8.08
N VAL G 161 38.63 58.09 7.86
CA VAL G 161 37.76 59.00 8.59
C VAL G 161 36.41 58.36 8.85
N ASP G 162 35.71 58.90 9.82
CA ASP G 162 34.44 58.40 10.19
C ASP G 162 33.41 59.18 9.42
N GLY G 163 32.47 58.52 8.79
CA GLY G 163 31.47 59.18 8.01
C GLY G 163 30.08 58.97 8.56
N SER G 164 30.02 58.39 9.75
CA SER G 164 28.76 58.21 10.45
C SER G 164 28.71 58.92 11.83
N ASN G 165 29.49 59.96 12.05
CA ASN G 165 29.38 60.68 13.32
C ASN G 165 28.57 61.96 13.15
N PRO G 166 27.31 61.99 13.70
CA PRO G 166 26.48 63.17 13.39
C PRO G 166 26.87 64.46 14.12
N LYS G 167 27.82 64.40 15.04
CA LYS G 167 28.33 65.62 15.70
C LYS G 167 29.74 65.98 15.28
N VAL G 168 30.48 65.03 14.71
CA VAL G 168 31.86 65.29 14.32
C VAL G 168 32.10 65.08 12.80
N PRO G 169 32.33 66.15 12.06
CA PRO G 169 32.56 65.91 10.65
C PRO G 169 33.74 64.97 10.38
N ALA G 170 33.64 64.22 9.29
CA ALA G 170 34.71 63.41 8.82
C ALA G 170 36.03 64.23 8.76
N TYR G 171 35.96 65.42 8.22
CA TYR G 171 37.14 66.25 8.27
C TYR G 171 36.89 67.57 9.03
N ARG G 172 37.85 67.92 9.89
CA ARG G 172 37.88 69.16 10.65
C ARG G 172 39.31 69.76 10.80
N PRO G 173 39.46 71.06 10.46
CA PRO G 173 40.71 71.76 10.59
C PRO G 173 41.25 71.57 12.00
N ASP G 174 40.36 71.51 13.00
CA ASP G 174 40.70 71.38 14.41
C ASP G 174 41.08 69.94 15.02
N SER G 175 40.99 68.84 14.23
CA SER G 175 41.53 67.57 14.63
C SER G 175 43.08 67.61 14.64
N PHE G 176 43.72 66.64 15.28
CA PHE G 176 45.18 66.59 15.19
C PHE G 176 45.61 66.63 13.70
N PHE G 177 44.90 65.90 12.85
CA PHE G 177 45.22 65.82 11.46
C PHE G 177 45.09 67.19 10.78
N GLY G 178 44.01 67.92 11.05
CA GLY G 178 43.83 69.26 10.50
C GLY G 178 44.80 70.27 11.12
N LYS G 179 45.26 70.06 12.36
CA LYS G 179 46.16 71.02 12.99
C LYS G 179 47.63 70.78 12.62
N TYR G 180 48.02 69.52 12.61
CA TYR G 180 49.40 69.19 12.65
C TYR G 180 49.87 68.31 11.54
N GLU G 181 48.96 67.78 10.73
CA GLU G 181 49.37 66.78 9.73
C GLU G 181 49.13 67.23 8.31
N LEU G 182 47.87 67.43 7.95
CA LEU G 182 47.57 67.97 6.60
C LEU G 182 48.53 69.11 6.22
N PRO G 183 48.67 70.14 7.05
CA PRO G 183 49.42 71.35 6.66
C PRO G 183 50.91 71.15 6.71
N ASN G 184 51.36 70.08 7.36
CA ASN G 184 52.77 69.81 7.32
C ASN G 184 53.15 68.74 6.29
N LEU G 185 52.30 68.40 5.31
CA LEU G 185 52.83 67.52 4.26
C LEU G 185 53.64 68.35 3.23
N THR G 186 54.79 67.78 2.86
CA THR G 186 55.78 68.43 1.99
C THR G 186 55.45 68.01 0.56
N ASN G 187 56.12 68.63 -0.41
CA ASN G 187 56.00 68.24 -1.80
C ASN G 187 56.57 66.83 -2.14
N LYS G 188 57.07 66.09 -1.16
CA LYS G 188 57.33 64.68 -1.42
C LYS G 188 56.07 63.83 -1.38
N VAL G 189 55.01 64.34 -0.76
CA VAL G 189 53.69 63.71 -0.88
C VAL G 189 53.14 64.07 -2.24
N THR G 190 52.60 63.08 -2.96
CA THR G 190 51.96 63.34 -4.27
C THR G 190 50.43 63.24 -4.28
N ARG G 191 49.85 62.41 -3.42
CA ARG G 191 48.40 62.17 -3.47
C ARG G 191 47.80 61.86 -2.07
N VAL G 192 46.60 62.37 -1.81
CA VAL G 192 45.90 62.08 -0.54
C VAL G 192 44.72 61.18 -0.85
N LYS G 193 44.70 59.97 -0.28
CA LYS G 193 43.69 58.97 -0.63
C LYS G 193 42.77 58.82 0.55
N VAL G 194 41.51 59.18 0.43
CA VAL G 194 40.62 59.19 1.60
C VAL G 194 39.76 57.92 1.62
N ILE G 195 39.80 57.19 2.72
CA ILE G 195 38.85 56.09 2.96
C ILE G 195 37.79 56.53 3.94
N VAL G 196 36.54 56.56 3.52
CA VAL G 196 35.46 56.92 4.43
C VAL G 196 34.78 55.67 5.03
N LEU G 197 34.72 55.60 6.35
CA LEU G 197 34.00 54.55 7.06
C LEU G 197 32.53 54.92 7.23
N HIS G 198 31.64 54.12 6.63
CA HIS G 198 30.20 54.21 6.94
C HIS G 198 29.92 53.04 7.83
N ARG G 199 29.80 53.29 9.12
CA ARG G 199 29.66 52.19 10.08
C ARG G 199 28.41 51.38 9.82
N LEU G 200 28.54 50.08 10.05
CA LEU G 200 27.48 49.12 9.73
C LEU G 200 26.27 49.42 10.58
N GLY G 201 25.09 49.40 9.97
CA GLY G 201 23.85 49.45 10.71
C GLY G 201 23.50 50.85 11.18
N GLU G 202 24.24 51.83 10.65
CA GLU G 202 24.14 53.23 11.04
C GLU G 202 23.94 54.24 9.91
N LYS G 203 23.28 55.33 10.24
CA LYS G 203 23.00 56.36 9.26
C LYS G 203 24.29 56.97 8.68
N ILE G 204 24.28 57.09 7.37
CA ILE G 204 25.31 57.77 6.63
C ILE G 204 25.21 59.26 6.84
N ILE G 205 26.31 59.88 7.27
CA ILE G 205 26.39 61.32 7.51
C ILE G 205 27.24 62.02 6.45
N GLU G 206 28.42 61.45 6.14
CA GLU G 206 29.39 62.00 5.18
C GLU G 206 29.67 61.13 3.93
N LYS G 207 29.75 61.77 2.77
CA LYS G 207 29.85 61.09 1.49
C LYS G 207 31.02 61.69 0.76
N CYS G 208 31.67 60.94 -0.11
CA CYS G 208 32.72 61.57 -0.90
C CYS G 208 32.12 62.67 -1.75
N GLY G 209 32.70 63.85 -1.68
CA GLY G 209 32.36 64.95 -2.57
C GLY G 209 31.33 65.93 -2.06
N ALA G 210 31.08 65.93 -0.74
CA ALA G 210 30.02 66.76 -0.13
C ALA G 210 30.40 67.05 1.31
N GLY G 211 29.97 68.20 1.83
CA GLY G 211 30.32 68.54 3.21
C GLY G 211 31.83 68.60 3.48
N SER G 212 32.28 67.99 4.57
CA SER G 212 33.67 68.17 5.00
C SER G 212 34.68 67.53 4.05
N LEU G 213 34.32 66.40 3.47
CA LEU G 213 35.15 65.83 2.43
C LEU G 213 35.42 66.80 1.31
N LEU G 214 34.40 67.57 0.93
CA LEU G 214 34.55 68.60 -0.08
C LEU G 214 35.56 69.60 0.41
N ASP G 215 35.41 70.09 1.62
CA ASP G 215 36.32 71.12 2.04
C ASP G 215 37.74 70.55 1.87
N LEU G 216 37.92 69.26 2.25
CA LEU G 216 39.22 68.55 2.30
C LEU G 216 39.88 68.45 0.94
N GLU G 217 39.08 68.11 -0.06
CA GLU G 217 39.51 68.12 -1.43
C GLU G 217 39.97 69.52 -1.84
N LYS G 218 39.38 70.59 -1.30
CA LYS G 218 39.81 71.97 -1.71
C LYS G 218 41.21 72.23 -1.19
N LEU G 219 41.46 71.80 0.03
CA LEU G 219 42.74 72.01 0.62
C LEU G 219 43.77 71.15 -0.07
N VAL G 220 43.42 69.89 -0.36
CA VAL G 220 44.44 68.96 -0.83
C VAL G 220 44.94 69.46 -2.15
N LYS G 221 43.98 69.78 -3.02
CA LYS G 221 44.29 70.30 -4.36
C LYS G 221 45.08 71.59 -4.29
N ALA G 222 44.83 72.40 -3.27
CA ALA G 222 45.54 73.67 -3.03
C ALA G 222 47.02 73.52 -2.63
N LYS G 223 47.46 72.29 -2.45
CA LYS G 223 48.82 72.01 -2.10
C LYS G 223 49.40 71.23 -3.24
N HIS G 224 48.65 71.13 -4.32
CA HIS G 224 49.11 70.41 -5.51
C HIS G 224 49.16 68.89 -5.37
N PHE G 225 48.56 68.35 -4.31
CA PHE G 225 48.44 66.89 -4.22
C PHE G 225 47.27 66.45 -5.06
N ALA G 226 47.33 65.26 -5.66
CA ALA G 226 46.12 64.63 -6.19
C ALA G 226 45.26 64.16 -5.02
N PHE G 227 43.96 63.94 -5.30
CA PHE G 227 42.98 63.50 -4.31
C PHE G 227 42.07 62.45 -4.93
N ASP G 228 41.74 61.41 -4.16
CA ASP G 228 40.63 60.52 -4.47
C ASP G 228 40.02 60.04 -3.18
N CYS G 229 38.86 59.42 -3.24
CA CYS G 229 38.07 59.20 -2.05
C CYS G 229 37.21 57.96 -2.25
N VAL G 230 37.30 56.99 -1.33
CA VAL G 230 36.43 55.79 -1.35
C VAL G 230 35.56 55.69 -0.10
N GLU G 231 34.41 55.04 -0.22
CA GLU G 231 33.55 54.75 0.91
C GLU G 231 33.46 53.26 1.10
N ASN G 232 33.70 52.77 2.32
CA ASN G 232 33.83 51.31 2.61
C ASN G 232 34.38 50.44 1.46
N PRO G 233 35.64 50.66 1.04
CA PRO G 233 36.21 49.71 0.10
C PRO G 233 36.10 48.33 0.70
N ARG G 234 36.14 47.31 -0.16
CA ARG G 234 35.76 45.96 0.20
C ARG G 234 36.56 45.42 1.36
N ALA G 235 37.89 45.60 1.26
CA ALA G 235 38.84 45.01 2.20
C ALA G 235 38.58 45.55 3.60
N VAL G 236 38.16 46.82 3.67
CA VAL G 236 37.77 47.47 4.95
C VAL G 236 36.39 46.93 5.46
N LEU G 237 35.37 46.95 4.60
CA LEU G 237 34.09 46.29 4.88
C LEU G 237 34.22 44.90 5.52
N PHE G 238 35.10 44.03 5.00
CA PHE G 238 35.16 42.71 5.57
C PHE G 238 35.67 42.75 6.97
N LEU G 239 36.67 43.63 7.25
CA LEU G 239 37.10 43.91 8.62
C LEU G 239 35.92 44.35 9.48
N LEU G 240 35.17 45.37 9.07
CA LEU G 240 33.92 45.71 9.83
C LEU G 240 33.04 44.48 10.06
N CYS G 241 32.78 43.73 8.98
CA CYS G 241 31.89 42.58 9.03
C CYS G 241 32.34 41.49 9.98
N SER G 242 33.64 41.23 10.00
CA SER G 242 34.21 40.24 10.92
C SER G 242 33.66 40.46 12.32
N ASP G 243 33.66 41.70 12.82
CA ASP G 243 33.15 42.02 14.16
C ASP G 243 31.61 42.14 14.28
N ASN G 244 30.94 42.36 13.15
CA ASN G 244 29.48 42.44 13.16
C ASN G 244 28.91 41.54 12.04
N PRO G 245 29.08 40.21 12.16
CA PRO G 245 28.81 39.33 11.01
C PRO G 245 27.37 39.27 10.53
N ASN G 246 26.39 39.48 11.40
CA ASN G 246 24.99 39.50 10.99
C ASN G 246 24.51 40.82 10.37
N ALA G 247 25.39 41.75 10.08
CA ALA G 247 24.91 43.03 9.55
C ALA G 247 24.40 42.84 8.13
N ARG G 248 23.43 43.67 7.75
CA ARG G 248 22.81 43.70 6.42
C ARG G 248 23.81 43.84 5.30
N GLU G 249 24.79 44.73 5.52
CA GLU G 249 25.82 45.11 4.55
C GLU G 249 26.76 43.97 4.25
N CYS G 250 26.69 42.96 5.11
CA CYS G 250 27.56 41.81 4.97
C CYS G 250 26.89 40.51 4.45
N ARG G 251 25.70 40.51 3.84
CA ARG G 251 25.11 39.21 3.42
C ARG G 251 25.89 38.68 2.25
N LEU G 252 26.25 37.42 2.31
CA LEU G 252 26.90 36.82 1.18
C LEU G 252 25.84 36.32 0.18
N ALA G 253 26.26 36.23 -1.08
CA ALA G 253 25.51 35.53 -2.15
C ALA G 253 25.13 34.10 -1.73
N LYS G 254 23.98 33.65 -1.84
N ILE H 3 71.09 29.19 11.65
CA ILE H 3 70.24 30.38 11.97
C ILE H 3 70.84 31.38 13.01
N VAL H 4 70.67 32.67 12.72
CA VAL H 4 71.29 33.75 13.50
C VAL H 4 70.64 33.94 14.88
N PRO H 5 71.42 34.15 15.93
CA PRO H 5 70.61 34.36 17.12
C PRO H 5 70.26 35.83 17.36
N THR H 6 69.17 36.06 18.08
CA THR H 6 68.84 37.39 18.52
C THR H 6 70.06 38.05 19.21
N ARG H 7 70.56 39.17 18.67
CA ARG H 7 71.52 40.05 19.38
C ARG H 7 70.91 40.56 20.67
N GLU H 8 71.76 40.70 21.70
CA GLU H 8 71.42 41.32 23.01
C GLU H 8 70.24 40.72 23.76
N LEU H 9 70.22 39.39 23.82
CA LEU H 9 69.04 38.63 24.33
C LEU H 9 68.57 39.05 25.71
N GLU H 10 69.52 39.17 26.62
CA GLU H 10 69.20 39.65 27.94
C GLU H 10 68.53 41.03 27.88
N ASN H 11 69.21 42.00 27.27
CA ASN H 11 68.60 43.33 27.04
C ASN H 11 67.19 43.18 26.48
N VAL H 12 67.06 42.33 25.46
CA VAL H 12 65.74 42.18 24.81
C VAL H 12 64.69 41.61 25.78
N PHE H 13 65.08 40.53 26.47
CA PHE H 13 64.22 39.78 27.37
C PHE H 13 63.76 40.67 28.50
N LEU H 14 64.70 41.46 29.02
CA LEU H 14 64.45 42.35 30.16
C LEU H 14 63.58 43.53 29.77
N GLY H 15 63.80 44.06 28.57
CA GLY H 15 63.02 45.20 28.17
C GLY H 15 61.56 44.79 27.99
N ARG H 16 61.38 43.67 27.30
CA ARG H 16 60.05 43.14 27.03
C ARG H 16 59.33 42.78 28.32
N CYS H 17 60.07 42.24 29.29
CA CYS H 17 59.46 41.81 30.54
C CYS H 17 59.00 43.00 31.36
N LYS H 18 59.83 44.03 31.40
CA LYS H 18 59.45 45.24 32.10
C LYS H 18 58.23 45.86 31.43
N ASP H 19 58.27 45.97 30.09
CA ASP H 19 57.22 46.62 29.32
C ASP H 19 55.88 45.88 29.50
N TYR H 20 55.98 44.56 29.44
CA TYR H 20 54.88 43.68 29.79
C TYR H 20 54.38 43.97 31.21
N GLU H 21 55.31 43.95 32.17
CA GLU H 21 55.01 44.13 33.58
C GLU H 21 54.09 45.32 33.69
N ILE H 22 54.56 46.43 33.18
CA ILE H 22 53.90 47.68 33.47
C ILE H 22 52.69 47.97 32.55
N THR H 23 52.70 47.55 31.28
CA THR H 23 51.68 48.13 30.37
C THR H 23 50.74 47.23 29.62
N ARG H 24 51.08 45.95 29.53
CA ARG H 24 50.43 45.05 28.58
C ARG H 24 49.42 44.08 29.22
N TYR H 25 48.21 44.05 28.65
CA TYR H 25 47.08 43.24 29.14
C TYR H 25 46.82 43.44 30.61
N LEU H 26 46.74 44.68 31.03
CA LEU H 26 46.43 44.92 32.43
C LEU H 26 45.08 44.32 32.84
N ASP H 27 44.02 44.63 32.09
CA ASP H 27 42.69 44.18 32.49
C ASP H 27 42.42 42.70 32.09
N ILE H 28 43.35 42.08 31.38
CA ILE H 28 43.07 40.84 30.70
C ILE H 28 43.83 39.66 31.32
N LEU H 29 45.10 39.89 31.65
CA LEU H 29 45.97 38.87 32.27
C LEU H 29 46.65 39.41 33.54
N PRO H 30 46.85 38.54 34.56
CA PRO H 30 47.56 38.87 35.79
C PRO H 30 49.05 39.10 35.59
N ARG H 31 49.66 39.77 36.54
CA ARG H 31 51.12 39.88 36.58
C ARG H 31 51.60 38.65 37.34
N VAL H 32 52.86 38.25 37.17
CA VAL H 32 53.40 37.23 38.04
C VAL H 32 54.13 37.84 39.24
N ARG H 33 54.00 37.18 40.39
CA ARG H 33 54.58 37.64 41.63
C ARG H 33 56.12 37.73 41.53
N SER H 34 56.69 36.92 40.63
CA SER H 34 58.12 36.83 40.41
C SER H 34 58.70 38.09 39.77
N ASP H 35 59.92 38.44 40.15
CA ASP H 35 60.60 39.65 39.61
C ASP H 35 61.19 39.33 38.26
N CYS H 36 61.18 40.30 37.35
CA CYS H 36 61.82 40.12 36.05
C CYS H 36 63.19 39.47 36.24
N SER H 37 64.12 40.17 36.87
CA SER H 37 65.53 39.75 36.96
C SER H 37 65.73 38.26 37.30
N ALA H 38 64.71 37.69 37.96
CA ALA H 38 64.69 36.31 38.39
C ALA H 38 64.17 35.38 37.31
N LEU H 39 63.22 35.87 36.51
CA LEU H 39 62.70 35.06 35.42
C LEU H 39 63.82 34.84 34.43
N TRP H 40 64.69 35.85 34.31
CA TRP H 40 65.84 35.74 33.45
C TRP H 40 66.82 34.71 34.00
N LYS H 41 66.95 34.64 35.32
CA LYS H 41 67.82 33.62 35.86
C LYS H 41 67.35 32.19 35.53
N ASP H 42 66.04 31.98 35.66
CA ASP H 42 65.40 30.68 35.47
C ASP H 42 65.60 30.23 34.03
N PHE H 43 65.41 31.19 33.14
CA PHE H 43 65.46 31.01 31.73
C PHE H 43 66.88 30.90 31.21
N PHE H 44 67.79 31.73 31.68
CA PHE H 44 69.17 31.55 31.24
C PHE H 44 69.71 30.15 31.67
N LYS H 45 69.45 29.74 32.91
CA LYS H 45 70.06 28.50 33.48
C LYS H 45 69.57 27.19 32.82
N ALA H 46 68.44 27.28 32.13
CA ALA H 46 67.83 26.16 31.46
C ALA H 46 68.65 25.69 30.26
N PHE H 47 69.24 26.63 29.53
CA PHE H 47 69.89 26.29 28.28
C PHE H 47 71.35 26.67 28.28
N SER H 48 71.75 27.51 29.23
CA SER H 48 73.12 28.06 29.26
C SER H 48 74.22 27.03 29.62
N PHE H 49 75.39 27.26 29.02
CA PHE H 49 76.61 26.44 29.21
C PHE H 49 76.45 24.97 28.88
N LYS H 50 75.26 24.62 28.39
CA LYS H 50 74.94 23.29 27.88
C LYS H 50 74.99 23.36 26.34
N ASN H 51 75.44 22.28 25.72
CA ASN H 51 75.50 22.16 24.26
C ASN H 51 74.10 22.32 23.62
N PRO H 52 73.99 23.08 22.51
CA PRO H 52 72.67 23.60 22.09
C PRO H 52 71.58 22.54 21.92
N CYS H 53 71.97 21.28 21.62
CA CYS H 53 71.05 20.12 21.56
C CYS H 53 71.15 19.23 22.83
N ASP H 54 71.36 19.87 24.00
CA ASP H 54 71.39 19.17 25.29
C ASP H 54 70.28 19.74 26.18
N LEU H 55 69.06 19.66 25.68
CA LEU H 55 67.90 20.22 26.37
C LEU H 55 66.85 19.12 26.46
N ASP H 56 65.99 19.18 27.48
CA ASP H 56 64.81 18.30 27.50
C ASP H 56 63.56 18.99 27.97
N LEU H 57 62.48 18.22 28.04
CA LEU H 57 61.16 18.69 28.47
C LEU H 57 61.24 19.32 29.86
N GLY H 58 62.25 18.94 30.63
CA GLY H 58 62.44 19.53 31.95
C GLY H 58 63.16 20.88 31.95
N SER H 59 63.95 21.12 30.91
CA SER H 59 64.97 22.16 31.00
C SER H 59 64.43 23.53 31.38
N TYR H 60 63.23 23.85 30.93
CA TYR H 60 62.63 25.18 31.14
C TYR H 60 61.48 25.18 32.17
N LYS H 61 61.38 24.11 32.95
CA LYS H 61 60.31 23.92 33.95
C LYS H 61 60.22 25.03 34.98
N ASP H 62 61.35 25.36 35.60
CA ASP H 62 61.37 26.36 36.66
C ASP H 62 61.01 27.72 36.07
N PHE H 63 61.45 27.96 34.84
CA PHE H 63 61.13 29.22 34.23
C PHE H 63 59.61 29.36 34.04
N PHE H 64 59.02 28.40 33.33
CA PHE H 64 57.57 28.35 33.20
C PHE H 64 56.79 28.41 34.52
N THR H 65 57.05 27.49 35.45
CA THR H 65 56.40 27.53 36.76
C THR H 65 56.21 28.95 37.35
N SER H 66 57.23 29.80 37.25
CA SER H 66 57.19 31.14 37.81
C SER H 66 56.53 32.13 36.85
N ALA H 67 56.84 31.98 35.57
CA ALA H 67 56.33 32.89 34.49
C ALA H 67 54.86 32.66 34.26
N GLN H 68 54.30 31.68 34.92
CA GLN H 68 52.98 31.22 34.58
C GLN H 68 51.97 32.12 35.30
N GLN H 69 50.88 32.41 34.62
CA GLN H 69 49.80 33.25 35.08
C GLN H 69 48.50 32.49 34.93
N GLN H 70 47.54 32.73 35.83
CA GLN H 70 46.22 32.13 35.65
C GLN H 70 45.57 32.63 34.39
N LEU H 71 44.80 31.78 33.72
CA LEU H 71 44.17 32.15 32.42
C LEU H 71 42.69 32.40 32.50
N PRO H 72 42.17 33.37 31.73
CA PRO H 72 40.76 33.67 31.94
C PRO H 72 39.90 32.52 31.46
N LYS H 73 38.74 32.33 32.09
CA LYS H 73 37.84 31.22 31.74
C LYS H 73 37.37 31.36 30.27
N ASN H 74 37.36 30.24 29.53
CA ASN H 74 36.72 30.13 28.20
C ASN H 74 37.32 30.95 27.05
N LYS H 75 38.55 31.45 27.18
CA LYS H 75 39.17 32.36 26.22
C LYS H 75 40.55 31.89 25.74
N VAL H 76 40.91 30.66 26.08
CA VAL H 76 42.19 30.11 25.69
C VAL H 76 42.06 29.61 24.27
N MET H 77 43.02 29.98 23.43
CA MET H 77 43.05 29.48 22.07
C MET H 77 44.34 28.75 21.76
N PHE H 78 44.18 27.70 20.96
CA PHE H 78 45.25 26.88 20.50
C PHE H 78 45.07 26.88 19.02
N TRP H 79 46.13 26.57 18.28
CA TRP H 79 46.12 26.58 16.85
C TRP H 79 47.14 25.58 16.27
N SER H 80 46.91 25.09 15.04
CA SER H 80 47.96 24.36 14.32
C SER H 80 47.90 24.80 12.87
N GLY H 81 49.03 25.23 12.34
CA GLY H 81 49.16 25.55 10.92
C GLY H 81 48.48 26.82 10.48
N VAL H 82 47.83 27.51 11.40
CA VAL H 82 47.09 28.71 10.99
C VAL H 82 47.50 29.87 11.86
N TYR H 83 48.81 29.97 12.13
CA TYR H 83 49.36 31.02 12.98
C TYR H 83 48.72 32.41 12.85
N ASP H 84 48.89 33.03 11.68
CA ASP H 84 48.40 34.38 11.42
C ASP H 84 46.91 34.51 11.58
N GLU H 85 46.17 33.58 10.99
CA GLU H 85 44.72 33.63 11.05
C GLU H 85 44.24 33.49 12.46
N ALA H 86 44.93 32.67 13.26
CA ALA H 86 44.51 32.46 14.61
C ALA H 86 44.79 33.74 15.43
N HIS H 87 45.99 34.30 15.24
CA HIS H 87 46.32 35.50 16.02
C HIS H 87 45.46 36.65 15.58
N ASP H 88 45.21 36.81 14.29
CA ASP H 88 44.26 37.89 13.87
C ASP H 88 42.86 37.68 14.50
N TYR H 89 42.38 36.46 14.45
CA TYR H 89 41.07 36.23 15.01
C TYR H 89 41.04 36.61 16.49
N ALA H 90 42.05 36.13 17.23
CA ALA H 90 42.10 36.29 18.68
C ALA H 90 42.21 37.75 19.07
N ASN H 91 42.78 38.52 18.16
CA ASN H 91 42.80 39.95 18.24
C ASN H 91 43.47 40.54 19.50
N THR H 92 44.76 40.19 19.66
CA THR H 92 45.57 40.49 20.83
C THR H 92 44.76 40.56 22.10
N GLY H 93 44.17 39.45 22.50
CA GLY H 93 43.45 39.32 23.76
C GLY H 93 42.01 39.81 23.80
N ARG H 94 41.56 40.55 22.79
CA ARG H 94 40.21 41.10 22.88
C ARG H 94 39.13 40.05 22.67
N LYS H 95 39.44 39.04 21.88
CA LYS H 95 38.47 38.00 21.64
C LYS H 95 38.92 36.71 22.33
N TYR H 96 40.21 36.39 22.18
CA TYR H 96 40.81 35.19 22.79
C TYR H 96 42.24 35.46 23.22
N ILE H 97 42.70 34.64 24.15
CA ILE H 97 44.10 34.62 24.56
C ILE H 97 44.87 33.51 23.85
N THR H 98 46.02 33.89 23.30
CA THR H 98 46.94 32.92 22.68
C THR H 98 48.17 32.87 23.62
N LEU H 99 49.08 31.95 23.30
CA LEU H 99 50.35 31.80 23.98
C LEU H 99 51.14 33.08 23.88
N GLU H 100 51.05 33.72 22.73
CA GLU H 100 51.80 34.92 22.45
C GLU H 100 51.37 36.12 23.29
N ASP H 101 50.28 35.96 24.04
CA ASP H 101 49.74 37.07 24.81
C ASP H 101 50.19 36.93 26.24
N THR H 102 50.55 35.72 26.64
CA THR H 102 51.08 35.50 27.98
C THR H 102 52.52 35.98 28.09
N LEU H 103 52.98 36.18 29.32
CA LEU H 103 54.29 36.76 29.56
C LEU H 103 55.48 35.97 28.97
N PRO H 104 55.50 34.64 29.15
CA PRO H 104 56.61 33.92 28.49
C PRO H 104 56.59 33.98 26.94
N GLY H 105 55.41 34.01 26.35
CA GLY H 105 55.30 33.94 24.89
C GLY H 105 55.65 35.29 24.32
N TYR H 106 55.19 36.31 25.00
CA TYR H 106 55.43 37.68 24.63
C TYR H 106 56.92 37.99 24.66
N MET H 107 57.57 37.50 25.71
CA MET H 107 59.00 37.69 25.86
C MET H 107 59.81 37.00 24.78
N LEU H 108 59.54 35.72 24.55
CA LEU H 108 60.38 34.93 23.65
C LEU H 108 59.92 34.89 22.21
N ASN H 109 58.75 35.48 21.96
CA ASN H 109 58.15 35.47 20.65
C ASN H 109 59.14 35.93 19.61
N SER H 110 59.36 35.08 18.61
CA SER H 110 60.31 35.34 17.54
C SER H 110 61.81 35.30 17.92
N LEU H 111 62.14 35.10 19.19
CA LEU H 111 63.58 35.16 19.52
C LEU H 111 64.28 33.86 19.16
N VAL H 112 65.55 33.96 18.77
CA VAL H 112 66.41 32.80 18.57
C VAL H 112 67.55 32.90 19.56
N TRP H 113 67.83 31.79 20.27
CA TRP H 113 68.92 31.64 21.20
C TRP H 113 69.40 30.15 21.28
N CYS H 114 70.63 29.93 21.73
CA CYS H 114 71.15 28.55 21.94
C CYS H 114 72.32 28.66 22.91
N GLY H 115 72.42 27.71 23.81
CA GLY H 115 73.58 27.65 24.68
C GLY H 115 74.78 27.17 23.90
N GLN H 116 75.96 27.49 24.43
CA GLN H 116 77.20 26.78 24.09
C GLN H 116 77.96 26.38 25.40
N ARG H 117 78.98 25.53 25.30
CA ARG H 117 79.79 25.18 26.46
C ARG H 117 80.72 26.32 26.84
N ALA H 118 81.45 26.82 25.84
CA ALA H 118 82.40 27.92 26.08
C ALA H 118 81.70 29.19 26.53
N ASN H 119 82.39 29.93 27.38
CA ASN H 119 82.01 31.23 27.86
C ASN H 119 81.58 32.16 26.71
N PRO H 120 80.44 32.88 26.85
CA PRO H 120 79.54 33.14 27.97
C PRO H 120 78.38 32.15 28.18
N GLY H 121 78.45 30.97 27.60
CA GLY H 121 77.39 29.99 27.79
C GLY H 121 76.25 30.11 26.81
N PHE H 122 76.34 31.07 25.90
CA PHE H 122 75.43 31.16 24.79
C PHE H 122 76.19 31.59 23.56
N ASN H 123 75.65 31.25 22.40
CA ASN H 123 76.32 31.44 21.15
C ASN H 123 75.70 32.66 20.45
N GLU H 124 76.57 33.58 20.06
CA GLU H 124 76.13 34.90 19.63
C GLU H 124 76.20 35.03 18.10
N LYS H 125 76.88 34.11 17.43
CA LYS H 125 77.03 34.26 15.99
C LYS H 125 76.20 33.23 15.21
N VAL H 126 75.95 32.07 15.81
CA VAL H 126 75.31 30.98 15.07
C VAL H 126 74.50 30.08 16.00
N CYS H 127 73.35 29.60 15.52
CA CYS H 127 72.54 28.55 16.17
C CYS H 127 72.14 27.49 15.13
N PRO H 128 72.04 26.20 15.53
CA PRO H 128 71.80 25.09 14.57
C PRO H 128 70.45 25.12 13.84
N ASP H 129 70.32 24.28 12.79
CA ASP H 129 69.07 24.07 12.02
C ASP H 129 67.85 23.80 12.92
N PHE H 130 68.12 23.07 13.99
CA PHE H 130 67.16 22.54 14.95
C PHE H 130 66.53 21.25 14.48
N LYS H 131 66.05 21.22 13.23
CA LYS H 131 65.79 19.96 12.56
C LYS H 131 66.98 19.05 12.87
N THR H 132 68.14 19.66 13.14
CA THR H 132 69.37 18.92 13.47
C THR H 132 69.39 18.32 14.89
N CYS H 133 68.73 19.00 15.82
CA CYS H 133 68.62 18.54 17.21
C CYS H 133 67.68 17.34 17.27
N PRO H 134 67.87 16.47 18.29
CA PRO H 134 66.86 15.45 18.63
C PRO H 134 65.48 16.09 18.81
N VAL H 135 64.44 15.29 19.03
CA VAL H 135 63.09 15.87 19.11
C VAL H 135 62.92 16.65 20.40
N GLN H 136 63.18 15.99 21.53
CA GLN H 136 63.02 16.61 22.84
C GLN H 136 63.76 17.96 22.96
N ALA H 137 64.93 18.07 22.33
CA ALA H 137 65.76 19.27 22.37
C ALA H 137 65.20 20.39 21.53
N ARG H 138 64.24 20.02 20.70
CA ARG H 138 63.72 20.89 19.68
C ARG H 138 62.45 21.52 20.23
N GLU H 139 61.72 20.68 20.97
CA GLU H 139 60.45 21.07 21.53
C GLU H 139 60.63 21.42 23.02
N SER H 140 61.89 21.48 23.45
CA SER H 140 62.20 21.67 24.87
C SER H 140 61.57 22.93 25.41
N PHE H 141 61.55 23.97 24.57
CA PHE H 141 61.02 25.25 24.97
C PHE H 141 59.55 25.52 24.66
N TRP H 142 59.14 25.35 23.40
CA TRP H 142 57.72 25.66 23.05
C TRP H 142 56.81 24.49 23.51
N GLY H 143 57.40 23.30 23.61
CA GLY H 143 56.75 22.16 24.24
C GLY H 143 56.39 22.41 25.68
N MET H 144 57.36 22.87 26.46
CA MET H 144 57.08 23.21 27.86
C MET H 144 56.15 24.40 27.99
N ALA H 145 56.33 25.42 27.14
CA ALA H 145 55.41 26.58 27.11
C ALA H 145 53.98 26.11 26.89
N SER H 146 53.80 25.27 25.87
CA SER H 146 52.51 24.68 25.50
C SER H 146 51.87 23.86 26.62
N SER H 147 52.65 22.94 27.17
CA SER H 147 52.22 22.13 28.28
C SER H 147 51.67 23.03 29.36
N SER H 148 52.49 23.99 29.78
CA SER H 148 52.16 24.85 30.89
C SER H 148 50.93 25.68 30.61
N TYR H 149 51.01 26.45 29.52
CA TYR H 149 49.88 27.19 29.02
C TYR H 149 48.61 26.33 29.05
N ALA H 150 48.67 25.12 28.49
CA ALA H 150 47.46 24.31 28.31
C ALA H 150 46.88 23.86 29.62
N HIS H 151 47.78 23.56 30.57
CA HIS H 151 47.43 23.06 31.90
C HIS H 151 46.72 24.17 32.67
N SER H 152 46.97 25.42 32.28
CA SER H 152 46.41 26.60 32.94
C SER H 152 45.00 26.96 32.48
N ALA H 153 44.54 26.28 31.44
CA ALA H 153 43.28 26.62 30.79
C ALA H 153 42.09 26.24 31.66
N GLU H 154 41.07 27.11 31.67
CA GLU H 154 39.79 26.89 32.36
C GLU H 154 38.59 27.10 31.39
N GLY H 155 37.59 26.22 31.46
CA GLY H 155 36.34 26.37 30.67
C GLY H 155 36.36 25.79 29.26
N GLU H 156 35.76 26.52 28.31
CA GLU H 156 35.78 26.16 26.91
C GLU H 156 37.11 26.62 26.30
N VAL H 157 37.73 25.77 25.48
CA VAL H 157 38.94 26.13 24.77
C VAL H 157 38.70 26.06 23.26
N THR H 158 39.29 26.98 22.50
CA THR H 158 39.10 26.99 21.08
C THR H 158 40.40 26.53 20.41
N TYR H 159 40.24 25.66 19.42
CA TYR H 159 41.32 25.08 18.64
C TYR H 159 41.07 25.38 17.19
N MET H 160 42.00 26.09 16.52
CA MET H 160 41.88 26.40 15.08
C MET H 160 42.92 25.66 14.28
N VAL H 161 42.47 25.02 13.19
CA VAL H 161 43.22 24.12 12.37
C VAL H 161 43.06 24.43 10.91
N ASP H 162 44.01 23.90 10.14
CA ASP H 162 44.14 24.06 8.69
C ASP H 162 43.37 22.88 8.14
N GLY H 163 42.32 23.19 7.41
CA GLY H 163 41.47 22.20 6.81
C GLY H 163 41.79 22.06 5.34
N SER H 164 42.87 22.71 4.92
CA SER H 164 43.22 22.77 3.50
C SER H 164 44.71 22.43 3.19
N ASN H 165 45.37 21.68 4.05
CA ASN H 165 46.78 21.40 3.84
C ASN H 165 46.93 19.97 3.34
N PRO H 166 47.08 19.79 2.02
CA PRO H 166 47.12 18.44 1.44
C PRO H 166 48.17 17.54 2.07
N LYS H 167 49.13 18.11 2.80
CA LYS H 167 50.25 17.32 3.21
C LYS H 167 50.52 17.33 4.70
N VAL H 168 49.54 17.82 5.44
CA VAL H 168 49.60 17.91 6.89
C VAL H 168 48.15 17.94 7.38
N PRO H 169 47.69 16.88 8.07
CA PRO H 169 46.28 16.79 8.55
C PRO H 169 45.94 17.87 9.57
N ALA H 170 44.67 18.29 9.61
CA ALA H 170 44.18 19.28 10.60
C ALA H 170 44.62 18.98 12.02
N TYR H 171 44.35 17.78 12.51
CA TYR H 171 44.84 17.29 13.79
C TYR H 171 45.86 16.16 13.61
N ARG H 172 46.85 16.10 14.50
CA ARG H 172 48.04 15.22 14.44
C ARG H 172 48.51 14.90 15.87
N PRO H 173 48.74 13.61 16.21
CA PRO H 173 49.21 13.34 17.58
C PRO H 173 50.60 13.89 17.86
N ASP H 174 51.37 14.11 16.80
CA ASP H 174 52.73 14.59 16.96
C ASP H 174 52.92 16.11 16.68
N SER H 175 51.80 16.85 16.53
CA SER H 175 51.84 18.30 16.68
C SER H 175 51.99 18.65 18.14
N PHE H 176 52.31 19.91 18.38
CA PHE H 176 52.44 20.39 19.70
C PHE H 176 51.11 20.42 20.38
N PHE H 177 50.05 20.75 19.63
CA PHE H 177 48.74 20.61 20.23
C PHE H 177 48.51 19.21 20.79
N GLY H 178 48.80 18.17 20.01
CA GLY H 178 48.55 16.80 20.40
C GLY H 178 49.59 16.20 21.32
N LYS H 179 50.85 16.58 21.17
CA LYS H 179 51.85 16.02 22.06
C LYS H 179 51.79 16.65 23.45
N TYR H 180 51.61 17.99 23.48
CA TYR H 180 51.76 18.76 24.71
C TYR H 180 50.52 19.47 25.22
N GLU H 181 49.52 19.66 24.39
CA GLU H 181 48.40 20.49 24.82
C GLU H 181 47.15 19.69 25.13
N LEU H 182 46.67 18.91 24.16
CA LEU H 182 45.54 18.03 24.40
C LEU H 182 45.75 17.13 25.62
N PRO H 183 46.96 16.53 25.77
CA PRO H 183 47.21 15.66 26.96
C PRO H 183 47.29 16.37 28.33
N ASN H 184 47.45 17.69 28.36
CA ASN H 184 47.54 18.48 29.63
C ASN H 184 46.30 19.28 30.03
N LEU H 185 45.20 19.07 29.30
CA LEU H 185 43.94 19.71 29.65
C LEU H 185 43.31 18.96 30.83
N THR H 186 42.61 19.70 31.70
CA THR H 186 42.23 19.14 32.99
C THR H 186 40.72 19.15 33.23
N ASN H 187 40.29 18.37 34.23
CA ASN H 187 38.92 18.49 34.78
C ASN H 187 38.31 19.89 34.58
N LYS H 188 39.07 20.95 34.89
CA LYS H 188 38.60 22.34 34.86
C LYS H 188 38.21 22.90 33.48
N VAL H 189 38.76 22.27 32.42
CA VAL H 189 38.36 22.48 31.01
C VAL H 189 37.08 21.70 30.72
N THR H 190 36.18 22.26 29.92
CA THR H 190 34.83 21.67 29.74
C THR H 190 34.42 21.31 28.33
N ARG H 191 34.87 22.13 27.36
CA ARG H 191 34.51 22.01 25.95
C ARG H 191 35.72 22.34 25.04
N VAL H 192 35.90 21.56 23.97
CA VAL H 192 36.90 21.81 22.94
C VAL H 192 36.16 22.21 21.67
N LYS H 193 36.41 23.44 21.20
CA LYS H 193 35.67 24.01 20.08
C LYS H 193 36.66 24.17 18.93
N VAL H 194 36.48 23.39 17.87
CA VAL H 194 37.35 23.47 16.71
C VAL H 194 36.85 24.48 15.66
N ILE H 195 37.74 25.36 15.19
CA ILE H 195 37.47 26.15 14.01
C ILE H 195 38.34 25.52 12.91
N VAL H 196 37.70 25.09 11.81
CA VAL H 196 38.43 24.57 10.66
C VAL H 196 38.54 25.67 9.60
N LEU H 197 39.78 26.01 9.27
CA LEU H 197 40.03 27.04 8.31
C LEU H 197 40.05 26.36 7.00
N HIS H 198 39.31 26.91 6.04
CA HIS H 198 39.37 26.47 4.66
C HIS H 198 39.80 27.71 3.85
N ARG H 199 41.11 27.79 3.57
CA ARG H 199 41.72 28.91 2.83
C ARG H 199 40.96 29.28 1.53
N LEU H 200 40.89 30.55 1.17
CA LEU H 200 40.13 31.00 -0.01
C LEU H 200 40.56 30.43 -1.33
N GLY H 201 39.62 29.76 -1.97
CA GLY H 201 39.84 29.14 -3.26
C GLY H 201 40.93 28.07 -3.26
N GLU H 202 41.04 27.32 -2.16
CA GLU H 202 41.79 26.08 -2.18
C GLU H 202 40.82 24.92 -2.01
N LYS H 203 41.20 23.75 -2.51
CA LYS H 203 40.42 22.54 -2.34
C LYS H 203 40.36 22.27 -0.86
N ILE H 204 39.20 21.81 -0.41
CA ILE H 204 39.00 21.48 0.96
C ILE H 204 39.70 20.13 1.23
N ILE H 205 40.43 20.02 2.32
CA ILE H 205 41.07 18.72 2.64
C ILE H 205 40.36 17.94 3.76
N GLU H 206 40.15 18.61 4.87
CA GLU H 206 39.52 18.03 6.02
C GLU H 206 38.22 18.75 6.32
N LYS H 207 37.25 18.02 6.85
CA LYS H 207 35.92 18.53 7.24
C LYS H 207 35.57 18.05 8.63
N CYS H 208 34.67 18.74 9.31
CA CYS H 208 34.29 18.30 10.65
C CYS H 208 33.61 16.94 10.54
N GLY H 209 33.89 16.08 11.50
CA GLY H 209 33.20 14.81 11.59
C GLY H 209 33.81 13.81 10.65
N ALA H 210 34.98 14.15 10.08
CA ALA H 210 35.66 13.27 9.16
C ALA H 210 37.20 13.35 9.23
N GLY H 211 37.84 12.19 9.08
CA GLY H 211 39.28 12.07 9.06
C GLY H 211 39.89 12.32 10.42
N SER H 212 40.85 13.24 10.45
CA SER H 212 41.63 13.53 11.66
C SER H 212 40.76 14.33 12.58
N LEU H 213 39.82 15.05 12.01
CA LEU H 213 38.86 15.80 12.81
C LEU H 213 37.91 14.91 13.60
N LEU H 214 37.56 13.75 13.03
CA LEU H 214 36.75 12.75 13.73
C LEU H 214 37.61 11.97 14.74
N ASP H 215 38.86 11.70 14.37
CA ASP H 215 39.86 11.17 15.31
C ASP H 215 39.94 12.02 16.56
N LEU H 216 40.09 13.34 16.40
CA LEU H 216 40.20 14.32 17.48
C LEU H 216 38.93 14.39 18.32
N GLU H 217 37.77 14.32 17.67
CA GLU H 217 36.47 14.33 18.35
C GLU H 217 36.33 13.13 19.32
N LYS H 218 37.07 12.07 19.04
CA LYS H 218 36.99 10.87 19.86
C LYS H 218 37.89 11.01 21.09
N LEU H 219 39.11 11.46 20.85
CA LEU H 219 40.05 11.66 21.95
C LEU H 219 39.40 12.65 22.88
N VAL H 220 38.88 13.72 22.31
CA VAL H 220 38.16 14.75 23.08
C VAL H 220 37.14 14.14 24.02
N LYS H 221 36.04 13.62 23.46
CA LYS H 221 34.94 13.09 24.29
C LYS H 221 35.43 12.01 25.29
N ALA H 222 36.51 11.33 24.96
CA ALA H 222 37.08 10.29 25.82
C ALA H 222 37.85 10.88 26.99
N LYS H 223 38.24 12.15 26.87
CA LYS H 223 38.82 12.85 28.02
C LYS H 223 37.67 13.47 28.82
N HIS H 224 36.44 13.16 28.39
CA HIS H 224 35.21 13.65 29.02
C HIS H 224 34.93 15.15 28.79
N PHE H 225 35.22 15.67 27.59
CA PHE H 225 34.91 17.06 27.26
C PHE H 225 33.81 17.09 26.20
N ALA H 226 32.96 18.10 26.27
CA ALA H 226 32.02 18.32 25.19
C ALA H 226 32.78 18.79 23.92
N PHE H 227 32.19 18.54 22.77
CA PHE H 227 32.89 18.86 21.55
C PHE H 227 31.95 19.54 20.57
N ASP H 228 32.51 20.51 19.86
CA ASP H 228 31.91 20.96 18.61
C ASP H 228 32.99 21.46 17.61
N CYS H 229 32.57 21.67 16.37
CA CYS H 229 33.47 21.88 15.31
C CYS H 229 32.74 22.76 14.33
N VAL H 230 33.47 23.67 13.68
CA VAL H 230 32.85 24.55 12.69
C VAL H 230 33.87 24.94 11.61
N GLU H 231 33.40 25.00 10.38
CA GLU H 231 34.25 25.31 9.25
C GLU H 231 34.00 26.73 8.79
N ASN H 232 35.08 27.49 8.62
CA ASN H 232 34.99 28.89 8.25
C ASN H 232 33.74 29.62 8.78
N PRO H 233 33.62 29.78 10.11
CA PRO H 233 32.55 30.63 10.70
C PRO H 233 32.69 32.07 10.25
N ARG H 234 31.57 32.71 9.97
CA ARG H 234 31.53 34.05 9.38
C ARG H 234 32.60 35.09 9.81
N ALA H 235 32.80 35.23 11.12
CA ALA H 235 33.73 36.24 11.62
C ALA H 235 35.20 35.83 11.27
N VAL H 236 35.41 34.56 10.91
CA VAL H 236 36.71 34.15 10.49
C VAL H 236 36.81 34.36 9.02
N LEU H 237 35.76 33.98 8.31
CA LEU H 237 35.73 34.09 6.85
C LEU H 237 35.97 35.52 6.45
N PHE H 238 35.22 36.41 7.08
CA PHE H 238 35.32 37.82 6.74
C PHE H 238 36.77 38.39 6.93
N LEU H 239 37.49 37.89 7.94
CA LEU H 239 38.90 38.26 8.08
C LEU H 239 39.72 37.77 6.87
N LEU H 240 39.52 36.49 6.46
CA LEU H 240 40.18 35.96 5.26
C LEU H 240 39.76 36.75 4.04
N CYS H 241 38.48 37.06 3.96
CA CYS H 241 38.00 37.87 2.86
C CYS H 241 38.72 39.17 2.79
N SER H 242 39.00 39.81 3.92
CA SER H 242 39.72 41.12 3.86
C SER H 242 41.01 41.12 3.05
N ASP H 243 41.79 40.05 3.19
CA ASP H 243 43.06 39.95 2.47
C ASP H 243 42.92 39.47 1.01
N ASN H 244 41.79 38.85 0.70
CA ASN H 244 41.52 38.33 -0.63
C ASN H 244 40.03 38.61 -1.01
N PRO H 245 39.67 39.90 -1.14
CA PRO H 245 38.24 40.28 -1.31
C PRO H 245 37.66 39.82 -2.62
N ASN H 246 38.51 39.55 -3.61
CA ASN H 246 38.05 39.07 -4.94
C ASN H 246 37.78 37.58 -5.03
N ALA H 247 37.86 36.85 -3.91
CA ALA H 247 37.55 35.43 -3.86
C ALA H 247 36.07 35.11 -4.02
N ARG H 248 35.80 33.94 -4.61
CA ARG H 248 34.45 33.53 -4.93
C ARG H 248 33.60 33.47 -3.64
N GLU H 249 34.21 32.95 -2.59
CA GLU H 249 33.53 32.73 -1.30
C GLU H 249 33.15 34.03 -0.59
N CYS H 250 33.70 35.15 -1.03
CA CYS H 250 33.49 36.40 -0.35
C CYS H 250 32.41 37.22 -1.03
N ARG H 251 31.80 36.69 -2.09
CA ARG H 251 30.94 37.50 -2.96
C ARG H 251 29.74 38.01 -2.21
N LEU H 252 29.55 39.32 -2.26
CA LEU H 252 28.46 39.94 -1.51
C LEU H 252 27.09 39.83 -2.17
N ALA H 253 26.11 39.36 -1.41
CA ALA H 253 24.74 39.14 -1.90
C ALA H 253 24.22 40.35 -2.63
N LYS H 254 24.55 41.47 -2.28
N1 AVU I . -52.47 -28.31 -17.69
C2 AVU I . -52.56 -27.19 -16.94
N3 AVU I . -53.70 -26.49 -16.84
C4 AVU I . -54.82 -26.90 -17.51
C5 AVU I . -54.78 -28.06 -18.29
C6 AVU I . -53.55 -28.77 -18.38
N6 AVU I . -53.40 -29.90 -19.13
N7 AVU I . -56.04 -28.19 -18.82
C8 AVU I . -56.81 -27.17 -18.38
N9 AVU I . -56.05 -26.40 -17.57
PA AVU I . -61.65 -26.71 -14.31
PB AVU I . -62.14 -26.02 -17.03
C1' AVU I . -56.39 -25.19 -16.80
O1A AVU I . -61.27 -28.06 -13.75
O1B AVU I . -61.82 -24.62 -16.53
C1R AVU I . -60.26 -27.84 -21.87
C2' AVU I . -57.49 -24.35 -17.41
O2' AVU I . -56.90 -23.07 -17.65
O2A AVU I . -62.58 -25.79 -13.57
O2B AVU I . -63.37 -26.17 -17.89
C2R AVU I . -60.51 -29.33 -21.74
F2R AVU I . -59.31 -29.95 -21.67
C3' AVU I . -58.54 -24.16 -16.34
O3' AVU I . -58.45 -22.80 -15.87
O3A AVU I . -62.33 -26.99 -15.75
C3R AVU I . -61.26 -29.46 -20.44
O3R AVU I . -62.53 -29.89 -20.86
C4' AVU I . -58.17 -25.17 -15.25
O4' AVU I . -56.83 -25.60 -15.51
C4R AVU I . -61.32 -28.09 -19.78
O4R AVU I . -60.44 -27.29 -20.56
C5' AVU I . -59.11 -26.38 -15.20
O5' AVU I . -60.34 -25.86 -14.66
C5R AVU I . -60.80 -27.98 -18.33
O5R AVU I . -60.82 -26.65 -17.78
N1 AVU J . -43.41 -54.57 -20.96
C2 AVU J . -43.59 -55.61 -21.78
N3 AVU J . -43.70 -56.87 -21.31
C4 AVU J . -43.62 -57.08 -19.99
C5 AVU J . -43.43 -56.03 -19.09
C6 AVU J . -43.33 -54.74 -19.62
N6 AVU J . -43.14 -53.64 -18.86
N7 AVU J . -43.40 -56.58 -17.85
C8 AVU J . -43.56 -57.92 -17.98
N9 AVU J . -43.70 -58.22 -19.30
PA AVU J . -47.65 -63.05 -17.14
PB AVU J . -45.54 -63.36 -15.16
C1' AVU J . -43.90 -59.54 -19.98
O1A AVU J . -48.88 -62.20 -17.27
O1B AVU J . -45.10 -64.47 -16.12
C1R AVU J . -42.21 -59.26 -13.02
C2' AVU J . -43.28 -60.67 -19.15
O2' AVU J . -41.94 -60.90 -19.60
O2A AVU J . -47.81 -64.52 -17.31
O2B AVU J . -45.50 -63.69 -13.66
C2R AVU J . -43.31 -58.31 -12.66
F2R AVU J . -43.31 -57.38 -13.67
C3' AVU J . -44.22 -61.85 -19.38
O3' AVU J . -43.59 -62.84 -20.22
O3A AVU J . -47.02 -62.87 -15.67
C3R AVU J . -44.59 -59.12 -12.74
O3R AVU J . -45.05 -59.29 -11.40
C4' AVU J . -45.51 -61.28 -20.02
O4' AVU J . -45.29 -59.87 -20.26
C4R AVU J . -44.25 -60.46 -13.42
O4R AVU J . -42.80 -60.46 -13.50
C5' AVU J . -46.77 -61.52 -19.16
O5' AVU J . -46.51 -62.54 -18.18
C5R AVU J . -44.92 -60.67 -14.79
O5R AVU J . -44.74 -61.91 -15.51
N1 AVU K . -13.65 -42.23 6.78
C2 AVU K . -14.42 -43.21 6.26
N3 AVU K . -15.31 -43.86 7.02
C4 AVU K . -15.46 -43.52 8.34
C5 AVU K . -14.68 -42.51 8.89
C6 AVU K . -13.76 -41.86 8.09
N6 AVU K . -12.99 -40.87 8.60
N7 AVU K . -15.03 -42.38 10.20
C8 AVU K . -16.00 -43.30 10.44
N9 AVU K . -16.26 -43.98 9.30
PA AVU K . -23.00 -43.84 9.51
PB AVU K . -22.05 -44.13 12.29
C1' AVU K . -17.26 -45.07 9.12
O1A AVU K . -22.85 -42.51 8.79
O1B AVU K . -22.06 -45.64 12.04
C1R AVU K . -18.08 -42.25 15.37
C2' AVU K . -18.04 -45.30 10.40
O2' AVU K . -17.30 -46.14 11.29
O2A AVU K . -24.22 -44.68 9.33
O2B AVU K . -22.62 -43.58 13.59
C2R AVU K . -18.05 -40.77 15.00
F2R AVU K . -17.04 -40.59 14.10
C3' AVU K . -19.33 -45.91 9.90
O3' AVU K . -19.22 -47.32 9.82
O3A AVU K . -22.93 -43.46 11.10
C3R AVU K . -19.38 -40.55 14.33
O3R AVU K . -20.16 -40.00 15.37
C4' AVU K . -19.51 -45.33 8.49
O4' AVU K . -18.24 -44.78 8.11
C4R AVU K . -19.94 -41.91 13.94
O4R AVU K . -19.00 -42.85 14.44
C5' AVU K . -20.62 -44.27 8.45
O5' AVU K . -21.75 -44.77 9.15
C5R AVU K . -20.16 -42.17 12.43
O5R AVU K . -20.52 -43.53 12.09
N1 AVU L . -3.00 -15.85 0.85
C2 AVU L . -3.29 -14.53 0.75
N3 AVU L . -2.84 -13.68 1.68
C4 AVU L . -2.11 -14.13 2.75
C5 AVU L . -1.81 -15.49 2.85
C6 AVU L . -2.28 -16.35 1.88
N6 AVU L . -2.00 -17.68 1.97
N7 AVU L . -1.09 -15.67 3.97
C8 AVU L . -0.94 -14.45 4.55
N9 AVU L . -1.55 -13.52 3.80
PA AVU L . -6.52 -8.44 2.66
PB AVU L . -5.49 -8.69 0.01
C1' AVU L . -1.62 -12.06 4.13
O1A AVU L . -7.59 -9.08 3.52
O1B AVU L . -4.38 -7.73 0.49
C1R AVU L . -4.09 -12.98 -3.32
C2' AVU L . -1.23 -11.22 2.93
O2' AVU L . 0.14 -10.81 3.04
O2A AVU L . -6.40 -6.96 2.40
O2B AVU L . -6.12 -8.32 -1.35
C2R AVU L . -5.42 -13.73 -3.22
F2R AVU L . -5.13 -14.73 -2.35
C3' AVU L . -2.23 -10.08 2.88
O3' AVU L . -1.62 -8.83 3.21
O3A AVU L . -6.62 -8.96 1.16
C3R AVU L . -6.35 -12.80 -2.48
O3R AVU L . -7.39 -12.34 -3.36
C4' AVU L . -3.31 -10.41 3.91
O4' AVU L . -2.97 -11.69 4.49
C4R AVU L . -5.51 -11.62 -1.99
O4R AVU L . -4.14 -11.96 -2.34
C5' AVU L . -4.72 -10.35 3.28
O5' AVU L . -5.11 -8.97 3.26
C5R AVU L . -5.70 -11.30 -0.50
O5R AVU L . -4.90 -10.22 0.02
N1 AVU M . 6.24 13.87 -8.52
C2 AVU M . 4.97 13.43 -8.64
N3 AVU M . 4.51 12.47 -7.81
C4 AVU M . 5.29 11.92 -6.83
C5 AVU M . 6.60 12.38 -6.67
C6 AVU M . 7.05 13.37 -7.55
N6 AVU M . 8.32 13.86 -7.45
N7 AVU M . 7.15 11.69 -5.64
C8 AVU M . 6.21 10.84 -5.16
N9 AVU M . 5.07 10.97 -5.89
PA AVU M . 2.18 10.50 0.25
PB AVU M . 4.65 9.01 0.33
C1' AVU M . 3.74 10.25 -5.70
O1A AVU M . 1.88 11.96 0.37
O1B AVU M . 3.82 7.93 -0.37
C1R AVU M . 9.94 9.39 -1.11
C2' AVU M . 3.83 8.79 -5.25
O2' AVU M . 3.16 7.91 -6.17
O2A AVU M . 1.34 9.53 1.07
O2B AVU M . 5.42 8.60 1.57
C2R AVU M . 10.30 10.71 -0.47
F2R AVU M . 10.17 11.48 -1.58
C3' AVU M . 3.20 8.76 -3.86
O3' AVU M . 2.22 7.72 -3.75
O3A AVU M . 3.71 10.27 0.67
C3R AVU M . 9.12 11.09 0.40
O3R AVU M . 9.53 11.07 1.77
C4' AVU M . 2.57 10.12 -3.62
O4' AVU M . 2.91 10.95 -4.74
C4R AVU M . 8.01 10.04 0.12
O4R AVU M . 8.53 9.19 -0.89
C5' AVU M . 2.97 10.75 -2.28
O5' AVU M . 2.13 10.14 -1.31
C5R AVU M . 6.69 10.66 -0.37
O5R AVU M . 5.68 9.69 -0.74
N1 AVU N . 18.73 39.55 -10.43
C2 AVU N . 19.76 40.36 -10.11
N3 AVU N . 19.56 41.66 -9.92
C4 AVU N . 18.32 42.19 -10.03
C5 AVU N . 17.23 41.40 -10.35
C6 AVU N . 17.47 40.04 -10.55
N6 AVU N . 16.46 39.21 -10.86
N7 AVU N . 16.14 42.19 -10.40
C8 AVU N . 16.53 43.46 -10.12
N9 AVU N . 17.86 43.45 -9.90
PA AVU N . 17.10 47.22 -4.58
PB AVU N . 15.18 48.04 -6.60
C1' AVU N . 18.78 44.56 -9.53
O1A AVU N . 17.08 46.07 -3.59
O1B AVU N . 16.25 48.90 -7.20
C1R AVU N . 11.99 45.77 -10.46
C2' AVU N . 18.11 45.91 -9.63
O2' AVU N . 19.06 46.87 -10.10
O2A AVU N . 17.45 48.57 -4.03
O2B AVU N . 13.88 48.65 -6.18
C2R AVU N . 11.59 44.57 -9.67
F2R AVU N . 12.67 43.78 -9.72
C3' AVU N . 17.84 46.29 -8.20
O3' AVU N . 18.01 47.71 -8.02
O3A AVU N . 15.68 47.19 -5.34
C3R AVU N . 11.57 45.11 -8.28
O3R AVU N . 10.29 45.71 -8.10
C4' AVU N . 18.94 45.58 -7.43
O4' AVU N . 19.13 44.36 -8.14
C4R AVU N . 12.67 46.17 -8.29
O4R AVU N . 13.03 46.31 -9.64
C5' AVU N . 18.48 45.47 -6.00
O5' AVU N . 18.13 46.84 -5.73
C5R AVU N . 13.93 45.83 -7.50
O5R AVU N . 14.87 46.90 -7.69
N1 AVU O . 48.63 59.33 20.74
C2 AVU O . 47.96 59.55 21.88
N3 AVU O . 46.72 60.08 21.86
C4 AVU O . 46.13 60.40 20.67
C5 AVU O . 46.82 60.19 19.48
C6 AVU O . 48.09 59.64 19.53
N6 AVU O . 48.76 59.44 18.36
N7 AVU O . 46.03 60.58 18.46
C8 AVU O . 44.87 61.03 18.99
N9 AVU O . 44.93 60.91 20.34
PA AVU O . 40.89 61.72 16.67
PB AVU O . 42.87 63.14 15.38
C1' AVU O . 43.87 61.31 21.30
O1A AVU O . 40.44 60.31 16.44
O1B AVU O . 42.37 64.25 16.31
C1R AVU O . 48.14 62.25 14.13
C2' AVU O . 44.18 62.76 21.73
O2' AVU O . 43.92 62.99 23.13
O2A AVU O . 40.01 62.95 16.47
O2B AVU O . 42.97 63.45 13.90
C2R AVU O . 48.00 60.93 13.39
F2R AVU O . 48.52 60.00 14.23
C3' AVU O . 43.31 63.60 20.81
O3' AVU O . 42.85 64.81 21.44
O3A AVU O . 41.98 61.85 15.55
C3R AVU O . 46.50 60.70 13.26
O3R AVU O . 46.20 60.74 11.86
C4' AVU O . 42.19 62.66 20.33
O4' AVU O . 42.57 61.31 20.67
C4R AVU O . 45.79 61.81 14.06
O4R AVU O . 46.80 62.67 14.50
C5' AVU O . 41.98 62.81 18.82
O5' AVU O . 41.65 61.62 18.10
C5R AVU O . 44.98 61.37 15.29
O5R AVU O . 44.20 62.38 15.98
N1 AVU P . 57.53 31.11 18.35
C2 AVU P . 58.12 30.22 17.53
N3 AVU P . 57.58 29.02 17.25
C4 AVU P . 56.39 28.68 17.80
C5 AVU P . 55.72 29.58 18.63
C6 AVU P . 56.32 30.81 18.91
N6 AVU P . 55.75 31.73 19.72
N7 AVU P . 54.56 28.95 19.02
C8 AVU P . 54.53 27.73 18.42
N9 AVU P . 55.64 27.59 17.67
PA AVU P . 52.09 23.83 14.00
PB AVU P . 51.51 22.99 16.62
C1' AVU P . 56.09 26.42 16.80
O1A AVU P . 51.57 25.07 13.31
O1B AVU P . 52.68 22.10 16.41
C1R AVU P . 50.82 25.20 21.35
C2' AVU P . 55.82 25.11 17.49
O2' AVU P . 57.06 24.76 18.12
O2A AVU P . 52.22 22.52 13.28
O2B AVU P . 50.31 22.42 17.34
C2R AVU P . 49.99 26.43 21.06
F2R AVU P . 50.77 27.54 21.02
C3' AVU P . 55.42 24.18 16.36
O3' AVU P . 56.11 22.93 16.34
O3A AVU P . 51.05 23.61 15.22
C3R AVU P . 49.37 26.17 19.72
O3R AVU P . 48.07 25.77 20.15
C4' AVU P . 55.69 24.93 15.08
O4' AVU P . 55.54 26.28 15.48
C4R AVU P . 50.17 25.03 19.10
O4R AVU P . 51.07 24.58 20.09
C5' AVU P . 54.67 24.52 14.01
O5' AVU P . 53.48 24.17 14.72
C5R AVU P . 51.02 25.36 17.85
O5R AVU P . 51.96 24.33 17.44
#